data_6JJ8
#
_entry.id   6JJ8
#
_cell.length_a   131.989
_cell.length_b   131.989
_cell.length_c   185.012
_cell.angle_alpha   90.00
_cell.angle_beta   90.00
_cell.angle_gamma   120.00
#
_symmetry.space_group_name_H-M   'P 32 2 1'
#
loop_
_entity.id
_entity.type
_entity.pdbx_description
1 polymer 'Rice hexokinase 6'
2 non-polymer "ADENOSINE-5'-DIPHOSPHATE"
3 non-polymer 'PHOSPHATE ION'
4 non-polymer 'MAGNESIUM ION'
#
_entity_poly.entity_id   1
_entity_poly.type   'polypeptide(L)'
_entity_poly.pdbx_seq_one_letter_code
;EERRRRAAAVIEEVEQRFSTPTALLRGIADAMVEEMERGLRADPHAPLKMLISYVDNLPTGDEHGLFYALDLGGTNFRVI
RVQLGGREKRVVSQQYEEVAIPPHLMVGTSMELFDFIAAELESFVKTEGEDFHLPEGRQRELGFTFSFPVHQTSISSGTL
IKWTKGFSINGTVGEDVVAELSRAMERQGLDMKVTALVNDTVGTLAGGRYVDNDVAAAVILGTGTNAAYVEHANAIPKWT
GLLPRSGNMVINMEWGNFKSERLPRSDYDNALDFESLNPGEQIYEKMISGMYLGEIVRRILLKLAHDASLFGDVVPTKLE
QRFILRTPDMSAMHHDTSHDLKHLGAKLKDILGVADTSLEARYITLHVCDLVAERGARLAAAGIYGILKKLGRDRVPSDG
SQKQRTVIALDGGLYEHYKKFRTCLEATLADLLGEEAASSVVVKLANDGSGIGAALLAASHSQYA
;
_entity_poly.pdbx_strand_id   C,A,B
#
loop_
_chem_comp.id
_chem_comp.type
_chem_comp.name
_chem_comp.formula
ADP non-polymer ADENOSINE-5'-DIPHOSPHATE 'C10 H15 N5 O10 P2'
MG non-polymer 'MAGNESIUM ION' 'Mg 2'
PO4 non-polymer 'PHOSPHATE ION' 'O4 P -3'
#
# COMPACT_ATOMS: atom_id res chain seq x y z
N GLU A 1 -5.29 32.40 -31.21
CA GLU A 1 -5.61 32.40 -29.80
C GLU A 1 -4.30 32.30 -29.02
N GLU A 2 -4.15 32.91 -27.88
CA GLU A 2 -2.88 32.72 -27.24
C GLU A 2 -2.75 31.24 -26.94
N ARG A 3 -3.82 30.68 -26.40
CA ARG A 3 -3.96 29.26 -26.03
C ARG A 3 -3.59 28.29 -27.11
N ARG A 4 -3.52 28.77 -28.30
CA ARG A 4 -3.11 27.96 -29.42
C ARG A 4 -1.61 27.94 -29.58
N ARG A 5 -0.94 29.06 -29.38
CA ARG A 5 0.52 29.04 -29.47
C ARG A 5 1.13 28.37 -28.25
N ARG A 6 0.46 28.48 -27.09
CA ARG A 6 0.96 27.84 -25.88
C ARG A 6 0.89 26.32 -26.02
N ALA A 7 -0.15 25.82 -26.70
CA ALA A 7 -0.24 24.40 -27.01
C ALA A 7 0.79 23.96 -28.05
N ALA A 8 1.11 24.80 -29.03
CA ALA A 8 2.10 24.41 -30.02
C ALA A 8 3.50 24.28 -29.41
N ALA A 9 3.80 25.10 -28.40
CA ALA A 9 5.11 25.01 -27.75
C ALA A 9 5.27 23.69 -26.99
N VAL A 10 4.21 23.23 -26.33
CA VAL A 10 4.25 21.96 -25.63
C VAL A 10 4.45 20.82 -26.60
N ILE A 11 3.63 20.76 -27.65
CA ILE A 11 3.80 19.74 -28.66
C ILE A 11 5.16 19.83 -29.34
N GLU A 12 5.71 21.01 -29.49
CA GLU A 12 7.02 21.12 -30.11
C GLU A 12 8.13 20.58 -29.25
N GLU A 13 8.09 20.73 -27.93
CA GLU A 13 9.14 20.12 -27.12
C GLU A 13 8.95 18.61 -26.98
N VAL A 14 7.72 18.11 -27.09
CA VAL A 14 7.54 16.67 -27.14
C VAL A 14 8.20 16.09 -28.39
N GLU A 15 7.96 16.70 -29.55
CA GLU A 15 8.56 16.23 -30.78
C GLU A 15 10.09 16.26 -30.71
N GLN A 16 10.64 17.25 -30.06
CA GLN A 16 12.07 17.44 -29.93
C GLN A 16 12.72 16.44 -29.00
N ARG A 17 12.12 16.18 -27.86
CA ARG A 17 12.66 15.24 -26.88
C ARG A 17 12.46 13.79 -27.32
N PHE A 18 11.30 13.49 -27.89
CA PHE A 18 10.95 12.14 -28.33
C PHE A 18 11.56 11.76 -29.68
N SER A 19 12.23 12.69 -30.34
CA SER A 19 12.72 12.46 -31.70
C SER A 19 13.68 11.28 -31.76
N THR A 20 13.45 10.40 -32.72
CA THR A 20 14.28 9.22 -32.93
C THR A 20 14.69 9.11 -34.39
N PRO A 21 15.59 9.98 -34.86
CA PRO A 21 16.13 9.80 -36.22
C PRO A 21 16.90 8.50 -36.33
N THR A 22 16.83 7.89 -37.51
CA THR A 22 17.49 6.61 -37.74
C THR A 22 18.95 6.63 -37.28
N ALA A 23 19.65 7.74 -37.49
CA ALA A 23 21.03 7.84 -37.02
C ALA A 23 21.12 7.63 -35.52
N LEU A 24 20.18 8.21 -34.76
CA LEU A 24 20.20 7.99 -33.31
C LEU A 24 19.91 6.54 -32.99
N LEU A 25 19.01 5.91 -33.74
CA LEU A 25 18.65 4.52 -33.51
C LEU A 25 19.84 3.60 -33.70
N ARG A 26 20.73 3.91 -34.65
CA ARG A 26 21.90 3.06 -34.85
C ARG A 26 22.86 3.20 -33.70
N GLY A 27 22.99 4.40 -33.13
CA GLY A 27 23.81 4.56 -31.95
C GLY A 27 23.23 3.86 -30.74
N ILE A 28 21.91 3.81 -30.65
CA ILE A 28 21.27 3.09 -29.56
C ILE A 28 21.46 1.58 -29.73
N ALA A 29 21.30 1.09 -30.95
CA ALA A 29 21.57 -0.33 -31.21
C ALA A 29 23.01 -0.69 -30.87
N ASP A 30 23.97 0.20 -31.21
CA ASP A 30 25.35 -0.01 -30.81
C ASP A 30 25.50 -0.06 -29.30
N ALA A 31 24.82 0.83 -28.58
CA ALA A 31 24.92 0.83 -27.13
C ALA A 31 24.29 -0.43 -26.54
N MET A 32 23.21 -0.93 -27.14
CA MET A 32 22.63 -2.18 -26.69
C MET A 32 23.67 -3.29 -26.74
N VAL A 33 24.41 -3.40 -27.85
CA VAL A 33 25.40 -4.46 -28.00
C VAL A 33 26.52 -4.27 -26.99
N GLU A 34 26.99 -3.03 -26.82
CA GLU A 34 27.97 -2.70 -25.79
C GLU A 34 27.50 -3.22 -24.44
N GLU A 35 26.22 -3.02 -24.14
CA GLU A 35 25.70 -3.44 -22.84
C GLU A 35 25.52 -4.94 -22.77
N MET A 36 25.25 -5.60 -23.90
CA MET A 36 25.17 -7.06 -23.89
C MET A 36 26.52 -7.67 -23.53
N GLU A 37 27.60 -7.07 -24.02
CA GLU A 37 28.93 -7.58 -23.70
C GLU A 37 29.24 -7.38 -22.23
N ARG A 38 28.84 -6.24 -21.65
CA ARG A 38 29.09 -5.99 -20.24
C ARG A 38 28.38 -7.03 -19.37
N GLY A 39 27.12 -7.32 -19.70
CA GLY A 39 26.37 -8.27 -18.90
C GLY A 39 26.88 -9.69 -19.02
N LEU A 40 27.45 -10.04 -20.17
CA LEU A 40 27.97 -11.38 -20.36
C LEU A 40 29.30 -11.60 -19.66
N ARG A 41 30.03 -10.54 -19.32
CA ARG A 41 31.25 -10.70 -18.54
C ARG A 41 31.06 -10.34 -17.08
N ALA A 42 29.80 -10.26 -16.63
CA ALA A 42 29.45 -10.01 -15.23
C ALA A 42 29.99 -8.68 -14.74
N ASP A 43 30.03 -7.68 -15.61
CA ASP A 43 30.51 -6.36 -15.23
C ASP A 43 29.67 -5.82 -14.09
N PRO A 44 30.28 -5.15 -13.12
CA PRO A 44 29.49 -4.53 -12.06
C PRO A 44 28.72 -3.36 -12.64
N HIS A 45 27.49 -3.17 -12.15
CA HIS A 45 26.61 -2.09 -12.60
C HIS A 45 26.12 -2.29 -14.03
N ALA A 46 26.17 -3.50 -14.53
CA ALA A 46 25.64 -3.78 -15.86
C ALA A 46 24.12 -3.61 -15.88
N PRO A 47 23.58 -2.73 -16.70
CA PRO A 47 22.11 -2.62 -16.81
C PRO A 47 21.44 -3.90 -17.30
N LEU A 48 22.01 -4.53 -18.34
CA LEU A 48 21.52 -5.80 -18.84
C LEU A 48 22.11 -6.93 -18.03
N LYS A 49 21.29 -7.70 -17.36
CA LYS A 49 21.73 -8.79 -16.55
C LYS A 49 22.20 -9.98 -17.34
N MET A 50 21.71 -10.15 -18.52
CA MET A 50 22.11 -11.23 -19.44
C MET A 50 22.19 -12.57 -18.70
N LEU A 51 21.02 -13.06 -18.30
CA LEU A 51 20.95 -14.19 -17.39
C LEU A 51 21.13 -15.51 -18.12
N ILE A 52 22.10 -16.32 -17.69
CA ILE A 52 22.19 -17.69 -18.15
C ILE A 52 20.89 -18.39 -17.79
N SER A 53 20.27 -19.01 -18.77
CA SER A 53 18.96 -19.63 -18.59
C SER A 53 19.03 -21.13 -18.34
N TYR A 54 20.19 -21.76 -18.52
CA TYR A 54 20.41 -23.19 -18.46
C TYR A 54 19.67 -23.96 -19.54
N VAL A 55 19.10 -23.28 -20.53
CA VAL A 55 18.53 -23.93 -21.70
C VAL A 55 19.62 -24.04 -22.76
N ASP A 56 20.23 -25.21 -22.86
CA ASP A 56 21.27 -25.43 -23.87
C ASP A 56 20.75 -26.13 -25.12
N ASN A 57 19.56 -26.73 -25.08
CA ASN A 57 18.99 -27.41 -26.24
C ASN A 57 17.53 -27.02 -26.40
N LEU A 58 17.26 -26.22 -27.43
CA LEU A 58 15.91 -25.82 -27.74
C LEU A 58 15.12 -27.01 -28.29
N PRO A 59 13.78 -26.92 -28.26
CA PRO A 59 12.97 -28.08 -28.70
C PRO A 59 13.33 -28.50 -30.12
N THR A 60 13.24 -29.82 -30.34
CA THR A 60 13.61 -30.41 -31.61
C THR A 60 12.43 -30.96 -32.40
N GLY A 61 11.31 -31.25 -31.73
CA GLY A 61 10.21 -31.94 -32.33
C GLY A 61 10.03 -33.36 -31.83
N ASP A 62 11.04 -34.00 -31.32
CA ASP A 62 10.85 -35.35 -30.90
C ASP A 62 10.33 -35.47 -29.51
N GLU A 63 9.73 -34.43 -28.98
CA GLU A 63 9.23 -34.46 -27.62
C GLU A 63 7.99 -35.34 -27.52
N HIS A 64 7.89 -36.11 -26.47
CA HIS A 64 6.73 -36.94 -26.35
C HIS A 64 6.41 -37.16 -24.93
N GLY A 65 5.14 -37.27 -24.68
CA GLY A 65 4.54 -37.48 -23.40
C GLY A 65 3.51 -36.45 -23.04
N LEU A 66 3.10 -36.46 -21.78
CA LEU A 66 2.08 -35.56 -21.24
C LEU A 66 2.75 -34.61 -20.26
N PHE A 67 2.60 -33.30 -20.50
CA PHE A 67 3.25 -32.32 -19.67
C PHE A 67 2.37 -31.09 -19.47
N TYR A 68 2.41 -30.55 -18.27
CA TYR A 68 1.70 -29.33 -17.94
C TYR A 68 2.66 -28.14 -17.96
N ALA A 69 2.07 -26.96 -18.07
CA ALA A 69 2.85 -25.74 -18.01
C ALA A 69 2.04 -24.70 -17.24
N LEU A 70 2.75 -23.95 -16.39
CA LEU A 70 2.20 -22.80 -15.68
C LEU A 70 2.92 -21.57 -16.18
N ASP A 71 2.15 -20.60 -16.65
CA ASP A 71 2.67 -19.39 -17.30
C ASP A 71 2.22 -18.18 -16.52
N LEU A 72 3.17 -17.45 -15.96
CA LEU A 72 2.93 -16.19 -15.24
C LEU A 72 3.98 -15.19 -15.70
N GLY A 73 3.63 -14.01 -16.23
CA GLY A 73 2.29 -13.49 -16.34
C GLY A 73 2.28 -12.12 -15.69
N GLY A 74 2.22 -11.04 -16.46
CA GLY A 74 2.20 -9.72 -15.85
C GLY A 74 0.79 -9.28 -15.50
N THR A 75 -0.14 -9.70 -16.30
CA THR A 75 -1.50 -9.32 -16.25
C THR A 75 -2.44 -10.51 -16.12
N ASN A 76 -1.96 -11.66 -16.51
CA ASN A 76 -2.74 -12.87 -16.45
C ASN A 76 -1.80 -14.02 -16.09
N PHE A 77 -2.38 -15.19 -15.86
CA PHE A 77 -1.61 -16.41 -15.84
C PHE A 77 -2.47 -17.50 -16.48
N ARG A 78 -1.81 -18.42 -17.14
CA ARG A 78 -2.51 -19.50 -17.82
C ARG A 78 -1.91 -20.84 -17.41
N VAL A 79 -2.78 -21.84 -17.36
CA VAL A 79 -2.36 -23.23 -17.14
C VAL A 79 -2.61 -23.99 -18.44
N ILE A 80 -1.57 -24.69 -18.91
CA ILE A 80 -1.57 -25.38 -20.18
C ILE A 80 -1.33 -26.85 -19.93
N ARG A 81 -1.72 -27.69 -20.88
CA ARG A 81 -1.62 -29.13 -20.82
C ARG A 81 -1.52 -29.64 -22.25
N VAL A 82 -0.49 -30.40 -22.53
CA VAL A 82 -0.31 -30.93 -23.88
C VAL A 82 0.06 -32.40 -23.82
N GLN A 83 -0.38 -33.15 -24.82
CA GLN A 83 0.03 -34.53 -25.05
C GLN A 83 0.93 -34.53 -26.29
N LEU A 84 2.23 -34.69 -26.05
CA LEU A 84 3.22 -34.64 -27.13
C LEU A 84 3.41 -36.02 -27.77
N GLY A 85 3.40 -36.04 -29.10
CA GLY A 85 3.42 -37.29 -29.85
C GLY A 85 4.76 -37.69 -30.45
N GLY A 86 5.60 -36.72 -30.77
CA GLY A 86 6.93 -37.03 -31.25
C GLY A 86 7.18 -36.32 -32.56
N ARG A 87 8.26 -36.66 -33.22
CA ARG A 87 8.59 -35.97 -34.44
C ARG A 87 7.55 -36.01 -35.50
N GLU A 88 6.72 -37.00 -35.53
CA GLU A 88 5.72 -36.98 -36.57
C GLU A 88 4.36 -36.56 -36.09
N LYS A 89 3.93 -37.00 -34.93
CA LYS A 89 2.59 -36.59 -34.45
C LYS A 89 2.51 -35.20 -33.83
N ARG A 90 3.46 -34.84 -33.00
CA ARG A 90 3.47 -33.56 -32.33
C ARG A 90 2.47 -33.34 -31.22
N VAL A 91 1.75 -32.23 -31.23
CA VAL A 91 0.79 -31.99 -30.18
C VAL A 91 -0.47 -32.63 -30.56
N VAL A 92 -0.75 -33.73 -29.90
CA VAL A 92 -1.91 -34.52 -30.15
C VAL A 92 -3.09 -33.85 -29.56
N SER A 93 -2.96 -33.44 -28.34
CA SER A 93 -4.04 -32.75 -27.67
C SER A 93 -3.49 -31.57 -26.90
N GLN A 94 -4.32 -30.57 -26.72
CA GLN A 94 -3.92 -29.38 -26.02
C GLN A 94 -5.10 -28.70 -25.40
N GLN A 95 -4.94 -28.29 -24.16
CA GLN A 95 -5.96 -27.54 -23.47
C GLN A 95 -5.32 -26.43 -22.65
N TYR A 96 -6.02 -25.32 -22.52
CA TYR A 96 -5.50 -24.21 -21.73
C TYR A 96 -6.64 -23.44 -21.11
N GLU A 97 -6.31 -22.73 -20.03
CA GLU A 97 -7.25 -21.91 -19.28
C GLU A 97 -6.47 -20.68 -18.83
N GLU A 98 -6.94 -19.49 -19.19
CA GLU A 98 -6.28 -18.25 -18.80
C GLU A 98 -7.10 -17.53 -17.74
N VAL A 99 -6.42 -16.97 -16.73
CA VAL A 99 -7.06 -16.25 -15.64
C VAL A 99 -6.37 -14.91 -15.47
N ALA A 100 -7.18 -13.86 -15.28
CA ALA A 100 -6.64 -12.53 -15.03
C ALA A 100 -6.21 -12.44 -13.57
N ILE A 101 -5.03 -11.86 -13.34
CA ILE A 101 -4.47 -11.70 -12.01
C ILE A 101 -5.21 -10.58 -11.28
N PRO A 102 -5.86 -10.84 -10.16
CA PRO A 102 -6.47 -9.76 -9.38
C PRO A 102 -5.43 -8.74 -8.96
N PRO A 103 -5.74 -7.45 -9.05
CA PRO A 103 -4.71 -6.41 -8.82
C PRO A 103 -4.00 -6.49 -7.47
N HIS A 104 -4.70 -6.86 -6.40
CA HIS A 104 -4.03 -6.91 -5.10
C HIS A 104 -2.93 -7.95 -5.07
N LEU A 105 -3.13 -9.09 -5.74
CA LEU A 105 -2.15 -10.16 -5.74
C LEU A 105 -0.84 -9.76 -6.38
N MET A 106 -0.75 -8.59 -7.01
CA MET A 106 0.52 -8.12 -7.50
C MET A 106 1.36 -7.46 -6.42
N VAL A 107 0.74 -7.03 -5.33
CA VAL A 107 1.42 -6.19 -4.35
C VAL A 107 1.17 -6.68 -2.93
N GLY A 108 0.78 -7.94 -2.77
CA GLY A 108 0.51 -8.45 -1.46
C GLY A 108 1.57 -9.40 -0.92
N THR A 109 1.12 -10.55 -0.46
CA THR A 109 1.97 -11.59 0.07
C THR A 109 2.24 -12.64 -0.99
N SER A 110 3.49 -13.11 -1.04
CA SER A 110 3.85 -14.13 -2.02
C SER A 110 3.08 -15.42 -1.78
N MET A 111 2.72 -15.72 -0.54
CA MET A 111 1.91 -16.89 -0.29
C MET A 111 0.52 -16.73 -0.89
N GLU A 112 -0.01 -15.51 -0.93
CA GLU A 112 -1.32 -15.30 -1.57
C GLU A 112 -1.21 -15.47 -3.07
N LEU A 113 -0.13 -14.96 -3.67
CA LEU A 113 0.02 -15.09 -5.11
C LEU A 113 0.09 -16.55 -5.50
N PHE A 114 1.00 -17.30 -4.89
CA PHE A 114 1.19 -18.68 -5.30
C PHE A 114 0.06 -19.58 -4.84
N ASP A 115 -0.67 -19.20 -3.79
CA ASP A 115 -1.84 -19.97 -3.40
C ASP A 115 -2.93 -19.83 -4.45
N PHE A 116 -3.10 -18.63 -4.99
CA PHE A 116 -4.12 -18.36 -5.99
C PHE A 116 -3.83 -19.12 -7.27
N ILE A 117 -2.58 -19.08 -7.75
CA ILE A 117 -2.33 -19.73 -9.04
C ILE A 117 -2.28 -21.24 -8.86
N ALA A 118 -1.77 -21.73 -7.73
CA ALA A 118 -1.75 -23.17 -7.49
C ALA A 118 -3.16 -23.73 -7.33
N ALA A 119 -4.10 -22.93 -6.84
CA ALA A 119 -5.45 -23.42 -6.68
C ALA A 119 -6.15 -23.55 -8.01
N GLU A 120 -5.78 -22.71 -8.98
CA GLU A 120 -6.33 -22.83 -10.31
C GLU A 120 -5.69 -23.97 -11.08
N LEU A 121 -4.42 -24.25 -10.80
CA LEU A 121 -3.80 -25.43 -11.39
C LEU A 121 -4.44 -26.70 -10.84
N GLU A 122 -4.76 -26.71 -9.54
CA GLU A 122 -5.42 -27.86 -8.93
C GLU A 122 -6.72 -28.20 -9.63
N SER A 123 -7.67 -27.26 -9.70
CA SER A 123 -8.94 -27.56 -10.35
C SER A 123 -8.77 -27.86 -11.84
N PHE A 124 -7.62 -27.51 -12.40
CA PHE A 124 -7.37 -27.74 -13.82
C PHE A 124 -6.90 -29.17 -14.07
N VAL A 125 -6.01 -29.71 -13.23
CA VAL A 125 -5.61 -31.08 -13.45
C VAL A 125 -6.71 -32.04 -13.06
N LYS A 126 -7.63 -31.59 -12.23
CA LYS A 126 -8.76 -32.39 -11.80
C LYS A 126 -9.77 -32.59 -12.90
N THR A 127 -9.65 -31.83 -13.93
CA THR A 127 -10.53 -31.99 -15.08
C THR A 127 -9.77 -32.62 -16.24
N GLU A 128 -8.65 -33.29 -15.94
CA GLU A 128 -7.83 -33.89 -16.98
C GLU A 128 -8.67 -34.91 -17.71
N GLY A 129 -8.94 -34.67 -18.99
CA GLY A 129 -9.84 -35.50 -19.76
C GLY A 129 -9.23 -36.83 -20.17
N GLU A 130 -9.78 -37.50 -21.14
CA GLU A 130 -9.22 -38.77 -21.53
C GLU A 130 -8.26 -38.69 -22.66
N ASP A 131 -8.14 -37.53 -23.25
CA ASP A 131 -7.15 -37.40 -24.30
C ASP A 131 -5.73 -37.29 -23.78
N PHE A 132 -5.56 -37.16 -22.47
CA PHE A 132 -4.25 -37.04 -21.84
C PHE A 132 -4.09 -38.21 -20.89
N HIS A 133 -3.04 -38.98 -21.16
CA HIS A 133 -2.69 -40.15 -20.38
C HIS A 133 -1.43 -40.06 -19.62
N LEU A 134 -1.47 -40.48 -18.38
CA LEU A 134 -0.31 -40.52 -17.51
C LEU A 134 0.00 -41.95 -17.12
N PRO A 135 1.13 -42.51 -17.48
CA PRO A 135 1.40 -43.90 -17.08
C PRO A 135 1.36 -44.07 -15.57
N GLU A 136 1.01 -45.26 -15.14
CA GLU A 136 0.84 -45.53 -13.73
C GLU A 136 2.06 -45.30 -12.88
N GLY A 137 1.84 -44.82 -11.66
CA GLY A 137 2.94 -44.56 -10.75
C GLY A 137 3.72 -43.30 -11.03
N ARG A 138 3.66 -42.80 -12.25
CA ARG A 138 4.38 -41.61 -12.65
C ARG A 138 3.87 -40.30 -12.05
N GLN A 139 4.76 -39.33 -11.94
CA GLN A 139 4.44 -38.03 -11.40
C GLN A 139 4.28 -37.07 -12.52
N ARG A 140 3.26 -36.26 -12.48
CA ARG A 140 3.06 -35.24 -13.49
C ARG A 140 4.14 -34.16 -13.38
N GLU A 141 4.63 -33.69 -14.52
CA GLU A 141 5.73 -32.74 -14.55
C GLU A 141 5.30 -31.44 -15.21
N LEU A 142 5.89 -30.35 -14.73
CA LEU A 142 5.46 -28.99 -15.01
C LEU A 142 6.62 -28.19 -15.59
N GLY A 143 6.29 -27.34 -16.56
CA GLY A 143 7.16 -26.25 -16.97
C GLY A 143 6.64 -24.93 -16.40
N PHE A 144 7.52 -24.19 -15.75
CA PHE A 144 7.14 -22.96 -15.06
C PHE A 144 7.75 -21.77 -15.80
N THR A 145 6.90 -20.97 -16.43
CA THR A 145 7.32 -19.70 -16.99
C THR A 145 7.08 -18.61 -15.96
N PHE A 146 8.14 -17.91 -15.56
CA PHE A 146 8.08 -16.87 -14.55
C PHE A 146 8.57 -15.58 -15.23
N SER A 147 7.64 -14.70 -15.58
CA SER A 147 7.94 -13.56 -16.42
C SER A 147 8.58 -12.40 -15.67
N PHE A 148 9.59 -12.68 -14.83
CA PHE A 148 10.29 -11.69 -14.02
C PHE A 148 11.74 -12.13 -13.90
N PRO A 149 12.68 -11.21 -13.73
CA PRO A 149 14.09 -11.59 -13.76
C PRO A 149 14.48 -12.52 -12.62
N VAL A 150 15.09 -13.65 -12.98
CA VAL A 150 15.46 -14.69 -12.03
C VAL A 150 16.94 -15.05 -12.20
N HIS A 151 17.67 -15.07 -11.09
CA HIS A 151 19.03 -15.58 -11.10
C HIS A 151 18.97 -17.10 -11.15
N GLN A 152 19.26 -17.67 -12.32
CA GLN A 152 19.08 -19.09 -12.54
C GLN A 152 20.19 -19.89 -11.89
N THR A 153 19.83 -20.97 -11.21
CA THR A 153 20.80 -21.86 -10.61
C THR A 153 20.76 -23.27 -11.17
N SER A 154 19.71 -23.62 -11.92
CA SER A 154 19.63 -24.89 -12.63
C SER A 154 18.51 -24.73 -13.65
N ILE A 155 18.26 -25.79 -14.42
CA ILE A 155 17.17 -25.73 -15.38
C ILE A 155 15.84 -25.52 -14.68
N SER A 156 15.77 -25.85 -13.38
CA SER A 156 14.50 -25.80 -12.68
C SER A 156 14.59 -25.12 -11.33
N SER A 157 15.56 -24.23 -11.13
CA SER A 157 15.67 -23.55 -9.85
C SER A 157 16.19 -22.15 -10.08
N GLY A 158 15.74 -21.22 -9.27
CA GLY A 158 16.16 -19.85 -9.47
C GLY A 158 15.66 -18.87 -8.45
N THR A 159 16.49 -17.86 -8.19
CA THR A 159 16.22 -16.81 -7.24
C THR A 159 15.62 -15.57 -7.93
N LEU A 160 14.57 -15.02 -7.33
CA LEU A 160 13.99 -13.77 -7.83
C LEU A 160 14.96 -12.62 -7.59
N ILE A 161 15.28 -11.89 -8.65
CA ILE A 161 16.18 -10.74 -8.53
C ILE A 161 15.41 -9.50 -8.11
N LYS A 162 14.31 -9.23 -8.79
CA LYS A 162 13.47 -8.07 -8.52
C LYS A 162 12.15 -8.27 -9.26
N TRP A 163 11.12 -7.57 -8.81
CA TRP A 163 9.84 -7.55 -9.51
C TRP A 163 9.82 -6.42 -10.55
N THR A 164 8.94 -6.56 -11.54
CA THR A 164 8.76 -5.56 -12.57
C THR A 164 7.28 -5.44 -12.92
N LYS A 165 6.99 -4.57 -13.89
CA LYS A 165 5.67 -4.29 -14.46
C LYS A 165 4.51 -4.44 -13.49
N GLY A 166 4.50 -3.61 -12.46
CA GLY A 166 3.37 -3.51 -11.57
C GLY A 166 3.39 -4.46 -10.40
N PHE A 167 4.28 -5.44 -10.38
CA PHE A 167 4.40 -6.35 -9.25
C PHE A 167 5.35 -5.78 -8.21
N SER A 168 5.03 -6.01 -6.94
CA SER A 168 5.88 -5.60 -5.84
C SER A 168 5.57 -6.35 -4.55
N ILE A 169 6.04 -7.59 -4.44
CA ILE A 169 5.73 -8.44 -3.30
C ILE A 169 6.97 -8.53 -2.42
N ASN A 170 6.81 -8.10 -1.16
CA ASN A 170 7.90 -8.21 -0.19
C ASN A 170 8.18 -9.68 0.14
N GLY A 171 9.44 -9.97 0.43
CA GLY A 171 9.78 -11.26 0.98
C GLY A 171 10.08 -12.35 -0.01
N THR A 172 10.01 -12.07 -1.31
CA THR A 172 10.39 -13.02 -2.35
C THR A 172 11.78 -12.79 -2.92
N VAL A 173 12.26 -11.54 -2.93
CA VAL A 173 13.58 -11.28 -3.47
C VAL A 173 14.59 -12.16 -2.74
N GLY A 174 15.37 -12.90 -3.50
CA GLY A 174 16.34 -13.79 -2.91
C GLY A 174 15.83 -15.21 -2.72
N GLU A 175 14.53 -15.43 -2.84
CA GLU A 175 13.92 -16.73 -2.62
C GLU A 175 13.79 -17.51 -3.92
N ASP A 176 13.80 -18.83 -3.79
CA ASP A 176 13.62 -19.70 -4.95
C ASP A 176 12.17 -19.66 -5.39
N VAL A 177 11.93 -19.26 -6.64
CA VAL A 177 10.54 -19.13 -7.09
C VAL A 177 9.92 -20.49 -7.35
N VAL A 178 10.73 -21.50 -7.68
CA VAL A 178 10.17 -22.83 -7.91
C VAL A 178 9.79 -23.49 -6.60
N ALA A 179 10.62 -23.32 -5.56
CA ALA A 179 10.26 -23.83 -4.23
C ALA A 179 9.03 -23.13 -3.70
N GLU A 180 8.87 -21.86 -4.01
CA GLU A 180 7.72 -21.13 -3.50
C GLU A 180 6.45 -21.67 -4.13
N LEU A 181 6.50 -21.99 -5.43
CA LEU A 181 5.37 -22.62 -6.10
C LEU A 181 5.19 -24.06 -5.64
N SER A 182 6.29 -24.80 -5.45
CA SER A 182 6.16 -26.19 -5.03
C SER A 182 5.47 -26.29 -3.68
N ARG A 183 5.84 -25.44 -2.73
CA ARG A 183 5.15 -25.43 -1.45
C ARG A 183 3.67 -25.16 -1.62
N ALA A 184 3.30 -24.21 -2.47
CA ALA A 184 1.89 -23.87 -2.65
C ALA A 184 1.11 -25.00 -3.30
N MET A 185 1.74 -25.72 -4.24
CA MET A 185 1.07 -26.87 -4.83
C MET A 185 0.87 -27.95 -3.79
N GLU A 186 1.80 -28.13 -2.89
CA GLU A 186 1.70 -29.07 -1.81
C GLU A 186 0.52 -28.64 -0.93
N ARG A 187 0.45 -27.40 -0.48
CA ARG A 187 -0.68 -26.98 0.31
C ARG A 187 -1.99 -27.22 -0.36
N GLN A 188 -1.98 -27.58 -1.62
CA GLN A 188 -3.19 -27.83 -2.35
C GLN A 188 -3.38 -29.30 -2.62
N GLY A 189 -2.50 -30.12 -2.05
CA GLY A 189 -2.58 -31.56 -2.25
C GLY A 189 -2.41 -31.93 -3.70
N LEU A 190 -1.27 -31.58 -4.28
CA LEU A 190 -1.08 -31.65 -5.70
C LEU A 190 0.29 -32.26 -5.99
N ASP A 191 0.27 -33.31 -6.74
CA ASP A 191 1.45 -33.99 -7.09
C ASP A 191 2.00 -33.56 -8.41
N MET A 192 2.88 -32.60 -8.39
CA MET A 192 3.54 -32.20 -9.60
C MET A 192 4.96 -31.77 -9.27
N LYS A 193 5.89 -32.05 -10.18
CA LYS A 193 7.24 -31.55 -10.01
C LYS A 193 7.53 -30.57 -11.13
N VAL A 194 8.10 -29.43 -10.77
CA VAL A 194 8.59 -28.47 -11.76
C VAL A 194 9.95 -28.96 -12.21
N THR A 195 10.08 -29.28 -13.50
CA THR A 195 11.34 -29.73 -14.05
C THR A 195 12.00 -28.69 -14.92
N ALA A 196 11.34 -27.57 -15.18
CA ALA A 196 11.93 -26.50 -15.97
C ALA A 196 11.38 -25.17 -15.51
N LEU A 197 12.27 -24.21 -15.26
CA LEU A 197 11.92 -22.83 -14.91
C LEU A 197 12.50 -21.87 -15.95
N VAL A 198 11.63 -21.13 -16.63
CA VAL A 198 12.07 -20.25 -17.71
C VAL A 198 11.40 -18.89 -17.60
N ASN A 199 12.13 -17.87 -18.02
CA ASN A 199 11.51 -16.59 -18.24
C ASN A 199 10.61 -16.68 -19.48
N ASP A 200 9.64 -15.77 -19.56
CA ASP A 200 8.70 -15.88 -20.66
C ASP A 200 9.38 -15.61 -21.99
N THR A 201 10.47 -14.82 -22.00
CA THR A 201 11.21 -14.65 -23.24
C THR A 201 11.87 -15.95 -23.66
N VAL A 202 12.47 -16.67 -22.72
CA VAL A 202 13.11 -17.94 -23.03
C VAL A 202 12.07 -18.96 -23.47
N GLY A 203 10.92 -18.97 -22.82
CA GLY A 203 9.85 -19.89 -23.21
C GLY A 203 9.31 -19.62 -24.60
N THR A 204 9.04 -18.35 -24.92
CA THR A 204 8.55 -18.02 -26.26
C THR A 204 9.55 -18.48 -27.32
N LEU A 205 10.85 -18.28 -27.05
CA LEU A 205 11.87 -18.75 -27.99
C LEU A 205 11.84 -20.27 -28.11
N ALA A 206 11.61 -20.98 -27.01
CA ALA A 206 11.45 -22.44 -27.10
C ALA A 206 10.24 -22.80 -27.94
N GLY A 207 9.07 -22.22 -27.61
CA GLY A 207 7.88 -22.50 -28.40
C GLY A 207 8.00 -22.05 -29.84
N GLY A 208 8.75 -20.97 -30.08
CA GLY A 208 8.95 -20.54 -31.45
C GLY A 208 9.76 -21.52 -32.27
N ARG A 209 10.90 -21.98 -31.75
CA ARG A 209 11.71 -22.92 -32.51
C ARG A 209 11.02 -24.26 -32.68
N TYR A 210 10.10 -24.61 -31.80
CA TYR A 210 9.38 -25.87 -31.97
C TYR A 210 8.60 -25.90 -33.26
N VAL A 211 8.22 -24.74 -33.80
CA VAL A 211 7.47 -24.68 -35.04
C VAL A 211 8.23 -23.99 -36.17
N ASP A 212 9.44 -23.50 -35.93
CA ASP A 212 10.19 -22.83 -36.98
C ASP A 212 11.66 -22.90 -36.61
N ASN A 213 12.42 -23.64 -37.43
CA ASN A 213 13.79 -23.99 -37.11
C ASN A 213 14.69 -22.77 -37.05
N ASP A 214 14.33 -21.68 -37.72
CA ASP A 214 15.20 -20.52 -37.85
C ASP A 214 14.96 -19.47 -36.77
N VAL A 215 14.13 -19.76 -35.77
CA VAL A 215 13.92 -18.81 -34.69
C VAL A 215 15.20 -18.67 -33.89
N ALA A 216 15.76 -17.45 -33.89
CA ALA A 216 16.99 -17.12 -33.19
C ALA A 216 16.81 -16.25 -31.97
N ALA A 217 15.66 -15.59 -31.81
CA ALA A 217 15.44 -14.68 -30.70
C ALA A 217 13.94 -14.61 -30.42
N ALA A 218 13.61 -14.08 -29.25
CA ALA A 218 12.21 -13.84 -28.89
C ALA A 218 12.13 -12.47 -28.24
N VAL A 219 11.17 -11.66 -28.68
CA VAL A 219 10.95 -10.34 -28.12
C VAL A 219 9.55 -10.30 -27.53
N ILE A 220 9.46 -9.85 -26.30
CA ILE A 220 8.18 -9.70 -25.61
C ILE A 220 7.85 -8.21 -25.60
N LEU A 221 6.61 -7.89 -25.97
CA LEU A 221 6.07 -6.54 -25.93
C LEU A 221 4.64 -6.67 -25.41
N GLY A 222 4.49 -6.67 -24.11
CA GLY A 222 3.17 -6.69 -23.51
C GLY A 222 3.05 -5.63 -22.43
N THR A 223 2.60 -6.02 -21.25
CA THR A 223 2.63 -5.10 -20.13
C THR A 223 4.04 -4.61 -19.87
N GLY A 224 5.03 -5.48 -20.06
CA GLY A 224 6.43 -5.10 -20.02
C GLY A 224 7.11 -5.45 -21.32
N THR A 225 8.42 -5.25 -21.40
CA THR A 225 9.17 -5.69 -22.56
C THR A 225 10.48 -6.34 -22.13
N ASN A 226 10.93 -7.31 -22.91
CA ASN A 226 12.15 -8.06 -22.64
C ASN A 226 12.48 -8.86 -23.90
N ALA A 227 13.65 -9.48 -23.90
CA ALA A 227 14.06 -10.25 -25.08
C ALA A 227 15.07 -11.31 -24.67
N ALA A 228 15.05 -12.43 -25.40
CA ALA A 228 16.00 -13.52 -25.24
C ALA A 228 16.55 -13.90 -26.60
N TYR A 229 17.77 -14.44 -26.61
CA TYR A 229 18.37 -14.91 -27.85
C TYR A 229 19.29 -16.09 -27.53
N VAL A 230 19.73 -16.77 -28.59
CA VAL A 230 20.66 -17.90 -28.46
C VAL A 230 22.07 -17.38 -28.64
N GLU A 231 22.92 -17.61 -27.65
CA GLU A 231 24.28 -17.11 -27.65
C GLU A 231 25.24 -18.29 -27.68
N HIS A 232 26.45 -18.04 -28.17
CA HIS A 232 27.52 -19.03 -28.11
C HIS A 232 28.08 -19.10 -26.70
N ALA A 233 28.11 -20.31 -26.14
CA ALA A 233 28.54 -20.47 -24.76
C ALA A 233 30.01 -20.05 -24.57
N ASN A 234 30.81 -20.11 -25.62
CA ASN A 234 32.19 -19.64 -25.52
C ASN A 234 32.29 -18.13 -25.67
N ALA A 235 31.17 -17.45 -25.94
CA ALA A 235 31.13 -16.00 -26.02
C ALA A 235 30.57 -15.36 -24.75
N ILE A 236 30.45 -16.13 -23.67
CA ILE A 236 29.96 -15.66 -22.38
C ILE A 236 31.11 -15.71 -21.37
N PRO A 237 31.85 -14.62 -21.16
CA PRO A 237 33.01 -14.71 -20.26
C PRO A 237 32.65 -15.15 -18.86
N LYS A 238 31.44 -14.88 -18.40
CA LYS A 238 31.10 -15.15 -17.01
C LYS A 238 30.71 -16.60 -16.79
N TRP A 239 30.75 -17.43 -17.80
CA TRP A 239 30.42 -18.83 -17.70
C TRP A 239 31.54 -19.56 -16.99
N THR A 240 31.26 -20.43 -16.04
CA THR A 240 32.30 -21.04 -15.24
C THR A 240 32.20 -22.55 -15.17
N GLY A 241 31.10 -23.15 -15.57
CA GLY A 241 30.97 -24.59 -15.54
C GLY A 241 31.76 -25.22 -16.65
N LEU A 242 31.30 -26.34 -17.20
CA LEU A 242 32.01 -26.96 -18.31
C LEU A 242 31.73 -26.12 -19.54
N LEU A 243 30.90 -26.60 -20.43
CA LEU A 243 30.52 -25.89 -21.60
C LEU A 243 29.49 -26.82 -22.12
N PRO A 244 28.42 -26.30 -22.68
CA PRO A 244 27.30 -27.16 -23.09
C PRO A 244 27.66 -28.06 -24.26
N ARG A 245 27.04 -29.19 -24.34
CA ARG A 245 27.26 -30.10 -25.40
C ARG A 245 27.04 -29.46 -26.75
N SER A 246 26.05 -28.59 -26.84
CA SER A 246 25.65 -27.96 -28.09
C SER A 246 26.36 -26.65 -28.37
N GLY A 247 27.24 -26.19 -27.47
CA GLY A 247 27.89 -24.91 -27.63
C GLY A 247 26.95 -23.72 -27.58
N ASN A 248 25.71 -23.93 -27.14
CA ASN A 248 24.72 -22.87 -27.14
C ASN A 248 24.15 -22.63 -25.75
N MET A 249 23.60 -21.45 -25.59
CA MET A 249 22.92 -21.02 -24.40
C MET A 249 21.95 -19.91 -24.64
N VAL A 250 20.74 -20.07 -24.19
CA VAL A 250 19.76 -18.99 -24.28
C VAL A 250 20.02 -17.98 -23.16
N ILE A 251 20.07 -16.71 -23.51
CA ILE A 251 20.30 -15.63 -22.56
C ILE A 251 19.03 -14.81 -22.42
N ASN A 252 18.61 -14.57 -21.18
CA ASN A 252 17.53 -13.63 -20.88
C ASN A 252 18.19 -12.26 -20.67
N MET A 253 18.12 -11.37 -21.63
CA MET A 253 18.79 -10.13 -21.47
C MET A 253 18.29 -9.21 -20.45
N GLU A 254 16.99 -9.29 -20.17
CA GLU A 254 16.32 -8.34 -19.29
C GLU A 254 16.57 -6.91 -19.75
N TRP A 255 16.15 -6.65 -21.00
CA TRP A 255 16.56 -5.41 -21.64
C TRP A 255 15.69 -4.21 -21.25
N GLY A 256 14.60 -4.44 -20.52
CA GLY A 256 13.83 -3.33 -20.00
C GLY A 256 14.66 -2.43 -19.11
N ASN A 257 15.66 -3.00 -18.44
CA ASN A 257 16.55 -2.25 -17.58
C ASN A 257 17.66 -1.54 -18.34
N PHE A 258 17.68 -1.66 -19.66
CA PHE A 258 18.63 -0.91 -20.47
C PHE A 258 18.50 0.58 -20.15
N LYS A 259 19.63 1.26 -20.03
CA LYS A 259 19.61 2.71 -19.93
C LYS A 259 20.85 3.23 -20.62
N SER A 260 20.70 4.38 -21.27
CA SER A 260 21.72 4.97 -22.11
C SER A 260 21.41 6.44 -22.25
N GLU A 261 22.44 7.27 -22.25
CA GLU A 261 22.22 8.69 -22.43
C GLU A 261 21.79 9.03 -23.86
N ARG A 262 21.69 8.02 -24.69
CA ARG A 262 21.26 8.21 -26.03
C ARG A 262 19.78 8.03 -26.14
N LEU A 263 19.14 7.58 -25.08
CA LEU A 263 17.70 7.35 -25.06
C LEU A 263 16.98 8.69 -25.01
N PRO A 264 16.13 9.00 -25.98
CA PRO A 264 15.42 10.28 -25.98
C PRO A 264 14.34 10.38 -24.91
N ARG A 265 14.73 10.79 -23.72
CA ARG A 265 13.82 10.89 -22.59
C ARG A 265 13.43 12.34 -22.35
N SER A 266 12.34 12.53 -21.60
CA SER A 266 11.78 13.84 -21.37
C SER A 266 11.43 14.00 -19.90
N ASP A 267 10.92 15.17 -19.55
CA ASP A 267 10.47 15.39 -18.19
C ASP A 267 9.30 14.47 -17.85
N TYR A 268 8.45 14.19 -18.82
CA TYR A 268 7.33 13.28 -18.57
C TYR A 268 7.83 11.91 -18.16
N ASP A 269 8.96 11.47 -18.73
CA ASP A 269 9.53 10.20 -18.34
C ASP A 269 10.16 10.29 -16.95
N ASN A 270 10.72 11.39 -16.59
CA ASN A 270 11.27 11.53 -15.31
C ASN A 270 10.24 11.55 -14.29
N ALA A 271 9.14 12.24 -14.50
CA ALA A 271 8.02 12.23 -13.56
C ALA A 271 7.41 10.84 -13.45
N LEU A 272 7.24 10.15 -14.58
CA LEU A 272 6.66 8.80 -14.57
C LEU A 272 7.54 7.86 -13.75
N ASP A 273 8.85 7.91 -13.96
CA ASP A 273 9.76 7.08 -13.19
C ASP A 273 9.76 7.46 -11.73
N PHE A 274 9.71 8.76 -11.45
CA PHE A 274 9.73 9.23 -10.07
C PHE A 274 8.55 8.71 -9.26
N GLU A 275 7.36 8.67 -9.88
CA GLU A 275 6.16 8.21 -9.17
C GLU A 275 5.86 6.73 -9.37
N SER A 276 6.84 5.94 -9.84
CA SER A 276 6.59 4.55 -10.20
C SER A 276 6.85 3.58 -9.05
N LEU A 277 6.44 2.33 -9.28
CA LEU A 277 6.59 1.28 -8.31
C LEU A 277 8.04 0.84 -8.14
N ASN A 278 8.88 1.10 -9.13
CA ASN A 278 10.29 0.70 -9.09
C ASN A 278 11.14 1.83 -9.61
N PRO A 279 11.24 2.92 -8.85
CA PRO A 279 11.92 4.12 -9.38
C PRO A 279 13.38 3.86 -9.69
N GLY A 280 13.80 4.34 -10.86
CA GLY A 280 15.15 4.16 -11.35
C GLY A 280 15.36 2.89 -12.16
N GLU A 281 14.44 1.93 -12.08
CA GLU A 281 14.56 0.65 -12.76
C GLU A 281 13.74 0.64 -14.04
N GLN A 282 14.17 -0.18 -14.99
CA GLN A 282 13.42 -0.43 -16.22
C GLN A 282 13.20 0.85 -17.04
N ILE A 283 14.25 1.67 -17.17
CA ILE A 283 14.13 2.95 -17.87
C ILE A 283 13.69 2.73 -19.32
N TYR A 284 14.35 1.82 -20.03
CA TYR A 284 14.01 1.51 -21.42
C TYR A 284 12.58 0.99 -21.54
N GLU A 285 12.16 0.05 -20.73
CA GLU A 285 10.83 -0.48 -20.75
C GLU A 285 9.80 0.59 -20.52
N LYS A 286 10.12 1.57 -19.71
CA LYS A 286 9.14 2.61 -19.42
C LYS A 286 8.94 3.56 -20.58
N MET A 287 9.60 3.34 -21.71
CA MET A 287 9.33 4.10 -22.91
C MET A 287 8.68 3.27 -24.00
N ILE A 288 8.60 1.95 -23.83
CA ILE A 288 8.16 1.03 -24.85
C ILE A 288 6.86 0.33 -24.48
N SER A 289 6.76 -0.10 -23.23
CA SER A 289 5.89 -1.17 -22.82
C SER A 289 4.44 -0.72 -22.68
N GLY A 290 3.54 -1.71 -22.70
CA GLY A 290 2.13 -1.42 -22.62
C GLY A 290 1.70 -0.82 -21.30
N MET A 291 2.34 -1.12 -20.22
CA MET A 291 1.94 -0.53 -18.98
C MET A 291 2.18 0.94 -18.91
N TYR A 292 3.08 1.45 -19.71
CA TYR A 292 3.54 2.82 -19.59
C TYR A 292 3.16 3.75 -20.74
N LEU A 293 2.80 3.22 -21.92
CA LEU A 293 2.54 4.10 -23.07
C LEU A 293 1.39 5.06 -22.81
N GLY A 294 0.23 4.54 -22.43
CA GLY A 294 -0.91 5.40 -22.16
C GLY A 294 -0.63 6.41 -21.07
N GLU A 295 0.18 6.02 -20.07
CA GLU A 295 0.51 6.92 -18.98
C GLU A 295 1.36 8.08 -19.47
N ILE A 296 2.26 7.83 -20.42
CA ILE A 296 3.02 8.93 -21.01
C ILE A 296 2.07 9.86 -21.76
N VAL A 297 1.09 9.30 -22.48
CA VAL A 297 0.12 10.12 -23.17
C VAL A 297 -0.65 10.97 -22.18
N ARG A 298 -1.11 10.36 -21.08
CA ARG A 298 -1.87 11.12 -20.09
C ARG A 298 -1.07 12.30 -19.55
N ARG A 299 0.23 12.10 -19.30
CA ARG A 299 1.02 13.17 -18.73
C ARG A 299 1.25 14.30 -19.73
N ILE A 300 1.27 13.98 -21.01
CA ILE A 300 1.36 15.04 -22.01
C ILE A 300 0.02 15.76 -22.12
N LEU A 301 -1.07 15.01 -22.19
CA LEU A 301 -2.39 15.63 -22.25
C LEU A 301 -2.65 16.50 -21.03
N LEU A 302 -2.09 16.14 -19.87
CA LEU A 302 -2.28 16.94 -18.67
C LEU A 302 -1.55 18.27 -18.78
N LYS A 303 -0.37 18.26 -19.30
CA LYS A 303 0.38 19.45 -19.52
C LYS A 303 -0.37 20.36 -20.44
N LEU A 304 -0.88 19.86 -21.54
CA LEU A 304 -1.70 20.62 -22.49
C LEU A 304 -2.97 21.15 -21.85
N ALA A 305 -3.68 20.29 -21.12
CA ALA A 305 -4.93 20.71 -20.49
C ALA A 305 -4.70 21.84 -19.51
N HIS A 306 -3.51 21.91 -18.94
CA HIS A 306 -3.24 22.92 -17.92
C HIS A 306 -2.64 24.18 -18.51
N ASP A 307 -1.67 24.04 -19.41
CA ASP A 307 -1.00 25.17 -20.02
C ASP A 307 -1.73 25.72 -21.23
N ALA A 308 -2.77 25.05 -21.70
CA ALA A 308 -3.43 25.49 -22.91
C ALA A 308 -4.93 25.30 -22.86
N SER A 309 -5.48 24.94 -21.71
CA SER A 309 -6.92 24.82 -21.53
C SER A 309 -7.53 23.93 -22.61
N LEU A 310 -6.79 22.90 -23.00
CA LEU A 310 -7.18 21.98 -24.05
C LEU A 310 -8.52 21.30 -23.91
N PHE A 311 -8.90 21.07 -22.69
CA PHE A 311 -10.17 20.41 -22.43
C PHE A 311 -11.10 21.30 -21.62
N GLY A 312 -10.97 22.60 -21.79
CA GLY A 312 -11.75 23.54 -21.02
C GLY A 312 -10.86 24.37 -20.11
N ASP A 313 -11.47 25.36 -19.52
CA ASP A 313 -10.74 26.26 -18.70
C ASP A 313 -10.53 25.75 -17.27
N VAL A 314 -10.96 24.53 -17.04
CA VAL A 314 -10.72 23.82 -15.80
C VAL A 314 -10.24 22.42 -16.18
N VAL A 315 -9.06 22.00 -15.68
CA VAL A 315 -8.50 20.69 -16.00
C VAL A 315 -9.41 19.60 -15.44
N PRO A 316 -9.80 18.61 -16.25
CA PRO A 316 -10.67 17.54 -15.76
C PRO A 316 -10.03 16.74 -14.64
N THR A 317 -10.81 16.51 -13.58
CA THR A 317 -10.34 15.76 -12.42
C THR A 317 -9.72 14.43 -12.82
N LYS A 318 -10.45 13.64 -13.63
CA LYS A 318 -10.01 12.31 -14.01
C LYS A 318 -8.64 12.31 -14.69
N LEU A 319 -8.35 13.37 -15.45
CA LEU A 319 -7.09 13.43 -16.19
C LEU A 319 -5.89 13.51 -15.25
N GLU A 320 -6.10 13.89 -13.99
CA GLU A 320 -5.00 13.96 -13.04
C GLU A 320 -4.75 12.65 -12.31
N GLN A 321 -5.54 11.66 -12.57
CA GLN A 321 -5.40 10.39 -11.96
C GLN A 321 -4.37 9.57 -12.67
N ARG A 322 -3.46 8.92 -11.96
CA ARG A 322 -2.45 8.14 -12.58
C ARG A 322 -2.93 6.82 -13.12
N PHE A 323 -2.51 6.53 -14.33
CA PHE A 323 -2.87 5.31 -15.03
C PHE A 323 -4.36 5.24 -15.38
N ILE A 324 -5.06 6.38 -15.42
CA ILE A 324 -6.45 6.37 -15.83
C ILE A 324 -6.59 6.10 -17.32
N LEU A 325 -5.56 6.39 -18.10
CA LEU A 325 -5.59 6.22 -19.55
C LEU A 325 -4.74 4.99 -19.89
N ARG A 326 -5.37 3.87 -19.99
CA ARG A 326 -4.68 2.67 -20.26
C ARG A 326 -4.20 2.59 -21.68
N THR A 327 -3.26 1.73 -21.97
CA THR A 327 -2.72 1.69 -23.32
C THR A 327 -3.71 1.15 -24.36
N PRO A 328 -4.55 0.15 -24.06
CA PRO A 328 -5.60 -0.19 -25.03
C PRO A 328 -6.52 0.98 -25.37
N ASP A 329 -6.76 1.88 -24.43
CA ASP A 329 -7.51 3.11 -24.71
C ASP A 329 -6.74 4.02 -25.65
N MET A 330 -5.45 4.20 -25.39
CA MET A 330 -4.60 4.92 -26.34
C MET A 330 -4.69 4.30 -27.73
N SER A 331 -4.62 2.97 -27.79
CA SER A 331 -4.68 2.27 -29.07
C SER A 331 -6.01 2.51 -29.78
N ALA A 332 -7.13 2.50 -29.06
CA ALA A 332 -8.42 2.74 -29.67
C ALA A 332 -8.50 4.13 -30.30
N MET A 333 -8.08 5.16 -29.53
CA MET A 333 -8.09 6.52 -30.05
C MET A 333 -7.19 6.66 -31.27
N HIS A 334 -6.02 6.01 -31.24
CA HIS A 334 -5.02 6.20 -32.28
C HIS A 334 -5.51 5.73 -33.63
N HIS A 335 -6.37 4.72 -33.66
CA HIS A 335 -6.82 4.12 -34.91
C HIS A 335 -8.12 4.70 -35.44
N ASP A 336 -8.61 5.80 -34.86
CA ASP A 336 -9.80 6.44 -35.38
C ASP A 336 -9.49 7.11 -36.71
N THR A 337 -10.30 6.83 -37.74
CA THR A 337 -10.11 7.44 -39.04
C THR A 337 -11.29 8.29 -39.46
N SER A 338 -12.34 8.35 -38.65
CA SER A 338 -13.51 9.14 -38.98
C SER A 338 -13.13 10.61 -39.08
N HIS A 339 -13.85 11.33 -39.95
CA HIS A 339 -13.49 12.70 -40.31
C HIS A 339 -13.53 13.62 -39.09
N ASP A 340 -14.41 13.35 -38.14
CA ASP A 340 -14.58 14.15 -36.93
C ASP A 340 -13.99 13.48 -35.70
N LEU A 341 -13.30 12.35 -35.87
CA LEU A 341 -12.68 11.60 -34.77
C LEU A 341 -13.68 11.30 -33.66
N LYS A 342 -14.84 10.80 -34.06
CA LYS A 342 -15.92 10.60 -33.10
C LYS A 342 -15.62 9.48 -32.11
N HIS A 343 -14.81 8.50 -32.49
CA HIS A 343 -14.51 7.42 -31.56
C HIS A 343 -13.38 7.80 -30.62
N LEU A 344 -12.40 8.57 -31.11
CA LEU A 344 -11.43 9.16 -30.20
C LEU A 344 -12.13 10.08 -29.22
N GLY A 345 -13.10 10.85 -29.70
CA GLY A 345 -13.81 11.75 -28.81
C GLY A 345 -14.70 11.01 -27.83
N ALA A 346 -15.30 9.91 -28.25
CA ALA A 346 -16.14 9.12 -27.34
C ALA A 346 -15.31 8.52 -26.22
N LYS A 347 -14.10 8.08 -26.50
CA LYS A 347 -13.18 7.55 -25.52
C LYS A 347 -12.70 8.64 -24.58
N LEU A 348 -12.39 9.80 -25.10
CA LEU A 348 -12.00 10.93 -24.26
C LEU A 348 -13.10 11.33 -23.30
N LYS A 349 -14.36 11.17 -23.68
CA LYS A 349 -15.44 11.50 -22.76
C LYS A 349 -15.42 10.58 -21.55
N ASP A 350 -15.24 9.28 -21.77
CA ASP A 350 -15.16 8.33 -20.65
C ASP A 350 -13.96 8.64 -19.77
N ILE A 351 -12.78 8.73 -20.37
CA ILE A 351 -11.53 8.79 -19.62
C ILE A 351 -11.35 10.14 -18.95
N LEU A 352 -11.76 11.22 -19.60
CA LEU A 352 -11.61 12.52 -18.97
C LEU A 352 -12.80 12.91 -18.13
N GLY A 353 -13.96 12.30 -18.38
CA GLY A 353 -15.16 12.75 -17.69
C GLY A 353 -15.65 14.11 -18.14
N VAL A 354 -15.31 14.54 -19.35
CA VAL A 354 -15.78 15.81 -19.89
C VAL A 354 -17.05 15.55 -20.70
N ALA A 355 -17.77 16.63 -20.99
CA ALA A 355 -18.97 16.48 -21.80
C ALA A 355 -18.67 16.46 -23.28
N ASP A 356 -17.66 17.18 -23.73
CA ASP A 356 -17.38 17.26 -25.13
C ASP A 356 -15.98 17.69 -25.38
N THR A 357 -15.52 17.77 -26.62
CA THR A 357 -14.15 18.08 -26.98
C THR A 357 -14.10 18.76 -28.35
N SER A 358 -13.23 19.74 -28.49
CA SER A 358 -13.00 20.39 -29.77
C SER A 358 -12.48 19.39 -30.79
N LEU A 359 -12.80 19.64 -32.07
CA LEU A 359 -12.13 18.90 -33.14
C LEU A 359 -10.64 19.15 -33.11
N GLU A 360 -10.23 20.30 -32.65
CA GLU A 360 -8.86 20.61 -32.58
C GLU A 360 -8.20 19.92 -31.42
N ALA A 361 -8.90 19.76 -30.33
CA ALA A 361 -8.41 19.01 -29.19
C ALA A 361 -8.25 17.53 -29.53
N ARG A 362 -9.16 17.00 -30.35
CA ARG A 362 -9.05 15.60 -30.77
C ARG A 362 -7.84 15.37 -31.66
N TYR A 363 -7.50 16.31 -32.53
CA TYR A 363 -6.36 16.11 -33.41
C TYR A 363 -5.04 16.23 -32.66
N ILE A 364 -4.99 17.11 -31.66
CA ILE A 364 -3.82 17.19 -30.80
C ILE A 364 -3.64 15.87 -30.04
N THR A 365 -4.74 15.35 -29.48
CA THR A 365 -4.69 14.08 -28.77
C THR A 365 -4.20 12.96 -29.68
N LEU A 366 -4.72 12.92 -30.91
CA LEU A 366 -4.27 11.92 -31.87
C LEU A 366 -2.79 12.07 -32.17
N HIS A 367 -2.31 13.30 -32.23
CA HIS A 367 -0.91 13.54 -32.53
C HIS A 367 -0.03 13.08 -31.37
N VAL A 368 -0.49 13.28 -30.13
CA VAL A 368 0.27 12.86 -28.95
C VAL A 368 0.38 11.33 -28.90
N CYS A 369 -0.76 10.63 -29.09
CA CYS A 369 -0.71 9.18 -29.22
C CYS A 369 0.30 8.76 -30.28
N ASP A 370 0.33 9.48 -31.39
CA ASP A 370 1.22 9.14 -32.49
C ASP A 370 2.67 9.26 -32.05
N LEU A 371 3.02 10.39 -31.42
CA LEU A 371 4.40 10.64 -31.00
C LEU A 371 4.85 9.63 -29.93
N VAL A 372 3.97 9.27 -29.01
CA VAL A 372 4.35 8.35 -27.95
C VAL A 372 4.53 6.94 -28.51
N ALA A 373 3.56 6.46 -29.30
CA ALA A 373 3.70 5.12 -29.89
C ALA A 373 4.88 5.06 -30.86
N GLU A 374 5.13 6.12 -31.61
CA GLU A 374 6.23 6.11 -32.57
C GLU A 374 7.56 5.96 -31.85
N ARG A 375 7.77 6.74 -30.77
CA ARG A 375 9.04 6.63 -30.06
C ARG A 375 9.23 5.24 -29.45
N GLY A 376 8.19 4.69 -28.86
CA GLY A 376 8.30 3.35 -28.30
C GLY A 376 8.61 2.31 -29.35
N ALA A 377 7.92 2.39 -30.50
CA ALA A 377 8.12 1.39 -31.53
C ALA A 377 9.49 1.51 -32.19
N ARG A 378 9.98 2.73 -32.39
CA ARG A 378 11.27 2.88 -33.03
C ARG A 378 12.39 2.41 -32.11
N LEU A 379 12.31 2.72 -30.82
CA LEU A 379 13.31 2.26 -29.86
C LEU A 379 13.29 0.74 -29.75
N ALA A 380 12.11 0.14 -29.75
CA ALA A 380 12.05 -1.32 -29.71
C ALA A 380 12.66 -1.92 -30.97
N ALA A 381 12.50 -1.28 -32.12
CA ALA A 381 13.17 -1.76 -33.32
C ALA A 381 14.69 -1.63 -33.18
N ALA A 382 15.15 -0.55 -32.54
CA ALA A 382 16.58 -0.41 -32.31
C ALA A 382 17.10 -1.51 -31.42
N GLY A 383 16.27 -1.99 -30.49
CA GLY A 383 16.71 -3.07 -29.64
C GLY A 383 16.81 -4.38 -30.40
N ILE A 384 15.81 -4.68 -31.21
CA ILE A 384 15.88 -5.87 -32.04
C ILE A 384 17.07 -5.78 -32.98
N TYR A 385 17.32 -4.59 -33.53
CA TYR A 385 18.50 -4.43 -34.37
C TYR A 385 19.76 -4.78 -33.60
N GLY A 386 19.84 -4.33 -32.35
CA GLY A 386 21.00 -4.67 -31.53
C GLY A 386 21.20 -6.16 -31.37
N ILE A 387 20.11 -6.91 -31.20
CA ILE A 387 20.24 -8.37 -31.11
C ILE A 387 20.79 -8.94 -32.41
N LEU A 388 20.21 -8.51 -33.54
CA LEU A 388 20.67 -9.01 -34.83
C LEU A 388 22.15 -8.71 -35.04
N LYS A 389 22.64 -7.56 -34.62
CA LYS A 389 24.04 -7.23 -34.67
C LYS A 389 24.87 -8.12 -33.79
N LYS A 390 24.33 -8.55 -32.67
CA LYS A 390 25.04 -9.46 -31.79
C LYS A 390 25.21 -10.83 -32.43
N LEU A 391 24.17 -11.34 -33.08
CA LEU A 391 24.26 -12.59 -33.84
C LEU A 391 24.87 -12.41 -35.23
N GLY A 392 25.38 -11.23 -35.54
CA GLY A 392 25.94 -11.00 -36.87
C GLY A 392 24.94 -11.17 -37.99
N ARG A 393 23.68 -10.88 -37.73
CA ARG A 393 22.64 -10.95 -38.75
C ARG A 393 22.20 -9.62 -39.25
N ASP A 394 22.90 -8.55 -38.92
CA ASP A 394 22.57 -7.26 -39.48
C ASP A 394 23.03 -7.11 -40.93
N ARG A 395 23.83 -8.04 -41.43
CA ARG A 395 24.46 -7.92 -42.73
C ARG A 395 24.30 -9.20 -43.51
N VAL A 396 24.18 -9.08 -44.82
CA VAL A 396 24.08 -10.29 -45.57
C VAL A 396 25.44 -10.72 -45.99
N PRO A 397 25.49 -11.88 -46.61
CA PRO A 397 26.70 -12.47 -47.14
C PRO A 397 27.48 -11.57 -48.08
N SER A 398 28.76 -11.43 -47.78
CA SER A 398 29.75 -10.60 -48.49
C SER A 398 30.29 -11.32 -49.69
N ASP A 399 30.42 -12.62 -49.53
CA ASP A 399 30.87 -13.50 -50.60
C ASP A 399 29.81 -13.43 -51.73
N GLY A 400 28.75 -12.69 -51.47
CA GLY A 400 27.67 -12.45 -52.39
C GLY A 400 26.81 -13.64 -52.54
N SER A 401 26.99 -14.66 -51.71
CA SER A 401 26.16 -15.85 -51.90
C SER A 401 25.62 -16.59 -50.69
N GLN A 402 24.30 -16.66 -50.64
CA GLN A 402 23.57 -17.35 -49.59
C GLN A 402 23.06 -16.53 -48.41
N LYS A 403 21.85 -16.03 -48.57
CA LYS A 403 21.18 -15.26 -47.57
C LYS A 403 20.60 -16.24 -46.59
N GLN A 404 20.81 -15.97 -45.33
CA GLN A 404 20.27 -16.71 -44.24
C GLN A 404 18.89 -16.29 -43.91
N ARG A 405 18.13 -17.18 -43.36
CA ARG A 405 16.81 -16.86 -42.83
C ARG A 405 16.87 -16.77 -41.29
N THR A 406 16.62 -15.57 -40.76
CA THR A 406 16.61 -15.31 -39.32
C THR A 406 15.20 -14.98 -38.87
N VAL A 407 14.67 -15.74 -37.92
CA VAL A 407 13.31 -15.53 -37.43
C VAL A 407 13.36 -14.98 -36.01
N ILE A 408 12.54 -13.98 -35.73
CA ILE A 408 12.40 -13.42 -34.41
C ILE A 408 10.96 -13.60 -33.97
N ALA A 409 10.75 -14.37 -32.89
CA ALA A 409 9.42 -14.63 -32.39
C ALA A 409 8.94 -13.47 -31.53
N LEU A 410 7.71 -13.02 -31.73
CA LEU A 410 7.17 -11.89 -31.00
C LEU A 410 5.93 -12.28 -30.22
N ASP A 411 5.80 -11.72 -29.01
CA ASP A 411 4.76 -12.13 -28.08
C ASP A 411 4.36 -10.92 -27.23
N GLY A 412 3.10 -10.89 -26.82
CA GLY A 412 2.64 -9.78 -26.00
C GLY A 412 1.46 -9.05 -26.64
N GLY A 413 0.59 -8.50 -25.79
CA GLY A 413 -0.59 -7.82 -26.27
C GLY A 413 -0.32 -6.50 -26.99
N LEU A 414 0.73 -5.79 -26.55
CA LEU A 414 1.15 -4.60 -27.30
C LEU A 414 1.38 -4.91 -28.77
N TYR A 415 2.32 -5.81 -29.05
CA TYR A 415 2.64 -6.10 -30.44
C TYR A 415 1.44 -6.69 -31.17
N GLU A 416 0.69 -7.56 -30.51
CA GLU A 416 -0.37 -8.29 -31.19
C GLU A 416 -1.55 -7.40 -31.57
N HIS A 417 -1.89 -6.43 -30.71
CA HIS A 417 -3.15 -5.72 -30.79
C HIS A 417 -3.03 -4.23 -31.08
N TYR A 418 -1.83 -3.67 -31.11
CA TYR A 418 -1.63 -2.25 -31.38
C TYR A 418 -1.09 -2.13 -32.80
N LYS A 419 -1.99 -2.05 -33.74
CA LYS A 419 -1.64 -2.07 -35.11
C LYS A 419 -0.65 -1.04 -35.56
N LYS A 420 -0.87 0.19 -35.26
CA LYS A 420 0.10 1.22 -35.64
C LYS A 420 1.47 1.00 -35.00
N PHE A 421 1.50 0.48 -33.77
CA PHE A 421 2.78 0.20 -33.12
C PHE A 421 3.55 -0.87 -33.87
N ARG A 422 2.86 -1.96 -34.22
CA ARG A 422 3.50 -3.10 -34.89
C ARG A 422 4.08 -2.69 -36.23
N THR A 423 3.29 -2.02 -37.08
CA THR A 423 3.78 -1.66 -38.40
C THR A 423 4.90 -0.63 -38.31
N CYS A 424 4.88 0.24 -37.30
CA CYS A 424 5.99 1.17 -37.15
C CYS A 424 7.24 0.46 -36.65
N LEU A 425 7.08 -0.55 -35.81
CA LEU A 425 8.18 -1.40 -35.38
C LEU A 425 8.85 -2.06 -36.58
N GLU A 426 8.04 -2.69 -37.44
CA GLU A 426 8.59 -3.48 -38.53
C GLU A 426 9.17 -2.59 -39.62
N ALA A 427 8.52 -1.46 -39.89
CA ALA A 427 9.06 -0.53 -40.88
C ALA A 427 10.43 -0.02 -40.46
N THR A 428 10.57 0.38 -39.19
CA THR A 428 11.83 0.90 -38.71
C THR A 428 12.92 -0.17 -38.68
N LEU A 429 12.57 -1.39 -38.28
CA LEU A 429 13.53 -2.48 -38.31
C LEU A 429 14.02 -2.74 -39.72
N ALA A 430 13.10 -2.81 -40.68
CA ALA A 430 13.49 -2.95 -42.09
C ALA A 430 14.35 -1.78 -42.56
N ASP A 431 14.03 -0.57 -42.10
CA ASP A 431 14.85 0.59 -42.44
C ASP A 431 16.25 0.46 -41.86
N LEU A 432 16.35 -0.01 -40.61
CA LEU A 432 17.63 -0.16 -39.94
C LEU A 432 18.50 -1.20 -40.63
N LEU A 433 17.94 -2.38 -40.89
CA LEU A 433 18.56 -3.31 -41.80
C LEU A 433 18.64 -2.69 -43.18
N GLY A 434 19.45 -3.26 -44.04
CA GLY A 434 19.39 -2.84 -45.42
C GLY A 434 18.10 -3.34 -46.07
N GLU A 435 17.94 -3.00 -47.33
CA GLU A 435 16.86 -3.56 -48.10
C GLU A 435 17.36 -4.95 -48.36
N GLU A 436 18.66 -5.13 -48.42
CA GLU A 436 19.24 -6.43 -48.66
C GLU A 436 19.21 -7.29 -47.45
N ALA A 437 19.51 -6.73 -46.32
CA ALA A 437 19.48 -7.54 -45.10
C ALA A 437 18.07 -7.82 -44.59
N ALA A 438 17.14 -6.86 -44.75
CA ALA A 438 15.80 -7.01 -44.20
C ALA A 438 15.05 -8.18 -44.81
N SER A 439 15.25 -8.47 -46.10
CA SER A 439 14.55 -9.59 -46.75
C SER A 439 14.99 -10.92 -46.22
N SER A 440 15.84 -10.95 -45.20
CA SER A 440 16.30 -12.19 -44.60
C SER A 440 15.79 -12.38 -43.18
N VAL A 441 15.12 -11.39 -42.61
CA VAL A 441 14.66 -11.37 -41.23
C VAL A 441 13.15 -11.51 -41.22
N VAL A 442 12.65 -12.40 -40.37
CA VAL A 442 11.24 -12.70 -40.25
C VAL A 442 10.78 -12.36 -38.83
N VAL A 443 9.69 -11.62 -38.73
CA VAL A 443 9.09 -11.32 -37.43
C VAL A 443 7.84 -12.17 -37.28
N LYS A 444 7.95 -13.25 -36.59
CA LYS A 444 6.85 -14.15 -36.43
C LYS A 444 6.12 -13.93 -35.17
N LEU A 445 4.80 -13.92 -35.22
CA LEU A 445 3.95 -13.78 -34.06
C LEU A 445 3.86 -15.13 -33.35
N ALA A 446 4.31 -15.19 -32.11
CA ALA A 446 4.25 -16.42 -31.32
C ALA A 446 3.57 -16.11 -29.99
N ASN A 447 2.41 -15.54 -30.05
CA ASN A 447 1.70 -15.16 -28.87
C ASN A 447 1.43 -16.24 -27.87
N ASP A 448 1.78 -15.95 -26.63
CA ASP A 448 1.70 -16.90 -25.52
C ASP A 448 2.47 -18.17 -25.82
N GLY A 449 3.60 -18.04 -26.52
CA GLY A 449 4.41 -19.18 -26.88
C GLY A 449 5.28 -19.72 -25.79
N SER A 450 5.33 -19.03 -24.65
CA SER A 450 6.06 -19.53 -23.49
C SER A 450 5.30 -20.63 -22.76
N GLY A 451 4.00 -20.75 -23.00
CA GLY A 451 3.25 -21.86 -22.44
C GLY A 451 3.70 -23.20 -22.99
N ILE A 452 3.51 -23.42 -24.26
CA ILE A 452 3.98 -24.65 -24.80
C ILE A 452 5.49 -24.78 -24.73
N GLY A 453 6.21 -23.69 -24.86
CA GLY A 453 7.66 -23.75 -24.73
C GLY A 453 8.12 -24.22 -23.38
N ALA A 454 7.45 -23.80 -22.31
CA ALA A 454 7.82 -24.27 -20.98
C ALA A 454 7.47 -25.74 -20.82
N ALA A 455 6.39 -26.19 -21.43
CA ALA A 455 6.04 -27.61 -21.40
C ALA A 455 7.06 -28.43 -22.17
N LEU A 456 7.55 -27.90 -23.30
CA LEU A 456 8.55 -28.61 -24.09
C LEU A 456 9.88 -28.73 -23.35
N LEU A 457 10.29 -27.67 -22.67
CA LEU A 457 11.55 -27.76 -21.93
C LEU A 457 11.38 -28.61 -20.68
N ALA A 458 10.17 -28.67 -20.10
CA ALA A 458 9.95 -29.62 -19.03
C ALA A 458 10.02 -31.05 -19.54
N ALA A 459 9.58 -31.27 -20.78
CA ALA A 459 9.65 -32.59 -21.39
C ALA A 459 11.09 -33.07 -21.50
N SER A 460 11.93 -32.33 -22.16
CA SER A 460 13.32 -32.70 -22.37
C SER A 460 14.13 -32.68 -21.14
N HIS A 461 13.51 -32.42 -19.99
CA HIS A 461 14.16 -32.46 -18.70
C HIS A 461 13.32 -33.25 -17.73
N SER A 462 12.65 -34.28 -18.23
CA SER A 462 11.79 -35.12 -17.41
C SER A 462 12.65 -35.90 -16.42
N GLN A 463 12.00 -36.79 -15.67
CA GLN A 463 12.61 -37.42 -14.52
C GLN A 463 13.13 -38.84 -14.80
N TYR A 464 12.47 -39.68 -15.58
CA TYR A 464 11.20 -39.51 -16.23
C TYR A 464 10.17 -39.93 -15.22
N ALA A 465 8.91 -39.91 -15.57
CA ALA A 465 7.91 -40.36 -14.64
C ALA A 465 8.04 -39.73 -13.29
N GLU B 1 -25.80 35.55 3.45
CA GLU B 1 -27.02 34.80 3.52
C GLU B 1 -26.85 34.04 4.79
N GLU B 2 -27.60 32.98 4.91
CA GLU B 2 -27.53 32.14 6.04
C GLU B 2 -26.21 31.47 5.85
N ARG B 3 -25.73 31.43 4.62
CA ARG B 3 -24.47 30.81 4.31
C ARG B 3 -23.32 31.52 4.90
N ARG B 4 -23.43 32.81 5.10
CA ARG B 4 -22.31 33.57 5.64
C ARG B 4 -22.17 33.39 7.15
N ARG B 5 -23.27 33.33 7.89
CA ARG B 5 -23.10 33.12 9.32
C ARG B 5 -22.67 31.69 9.59
N ARG B 6 -23.01 30.78 8.68
CA ARG B 6 -22.64 29.37 8.78
C ARG B 6 -21.15 29.28 8.75
N ALA B 7 -20.59 29.97 7.79
CA ALA B 7 -19.13 30.01 7.65
C ALA B 7 -18.45 30.71 8.82
N ALA B 8 -19.06 31.77 9.34
CA ALA B 8 -18.46 32.46 10.48
C ALA B 8 -18.43 31.58 11.72
N ALA B 9 -19.42 30.70 11.88
CA ALA B 9 -19.43 29.80 13.02
C ALA B 9 -18.27 28.81 12.95
N VAL B 10 -17.94 28.34 11.74
CA VAL B 10 -16.80 27.45 11.57
C VAL B 10 -15.51 28.17 11.92
N ILE B 11 -15.29 29.34 11.30
CA ILE B 11 -14.10 30.13 11.58
C ILE B 11 -14.04 30.54 13.04
N GLU B 12 -15.19 30.72 13.69
CA GLU B 12 -15.18 31.03 15.12
C GLU B 12 -14.53 29.90 15.91
N GLU B 13 -14.99 28.71 15.65
CA GLU B 13 -14.53 27.55 16.31
C GLU B 13 -13.10 27.20 16.06
N VAL B 14 -12.59 27.53 14.90
CA VAL B 14 -11.17 27.37 14.58
C VAL B 14 -10.34 28.37 15.38
N GLU B 15 -10.75 29.64 15.40
CA GLU B 15 -10.01 30.65 16.16
C GLU B 15 -9.96 30.28 17.65
N GLN B 16 -11.00 29.68 18.15
CA GLN B 16 -11.06 29.30 19.52
C GLN B 16 -10.23 28.16 19.86
N ARG B 17 -10.31 27.10 19.07
CA ARG B 17 -9.53 25.93 19.38
C ARG B 17 -8.07 26.15 19.12
N PHE B 18 -7.70 26.85 18.07
CA PHE B 18 -6.31 27.13 17.73
C PHE B 18 -5.67 28.22 18.57
N SER B 19 -6.43 28.87 19.44
CA SER B 19 -5.95 30.04 20.17
C SER B 19 -4.75 29.69 21.04
N THR B 20 -3.69 30.47 20.94
CA THR B 20 -2.46 30.28 21.71
C THR B 20 -2.06 31.59 22.37
N PRO B 21 -2.79 32.03 23.39
CA PRO B 21 -2.34 33.21 24.13
C PRO B 21 -1.00 32.94 24.79
N THR B 22 -0.18 34.00 24.86
CA THR B 22 1.14 33.89 25.48
C THR B 22 1.10 33.14 26.81
N ALA B 23 0.06 33.35 27.60
CA ALA B 23 -0.06 32.59 28.85
C ALA B 23 -0.04 31.10 28.61
N LEU B 24 -0.76 30.64 27.58
CA LEU B 24 -0.80 29.20 27.30
C LEU B 24 0.56 28.71 26.81
N LEU B 25 1.26 29.54 26.03
CA LEU B 25 2.56 29.14 25.52
C LEU B 25 3.56 28.93 26.65
N ARG B 26 3.47 29.72 27.71
CA ARG B 26 4.37 29.54 28.85
C ARG B 26 4.08 28.24 29.57
N GLY B 27 2.80 27.87 29.68
CA GLY B 27 2.46 26.60 30.27
C GLY B 27 2.94 25.43 29.44
N ILE B 28 2.94 25.58 28.11
CA ILE B 28 3.42 24.53 27.23
C ILE B 28 4.94 24.41 27.32
N ALA B 29 5.64 25.55 27.33
CA ALA B 29 7.09 25.53 27.54
C ALA B 29 7.44 24.85 28.86
N ASP B 30 6.67 25.13 29.91
CA ASP B 30 6.87 24.43 31.17
C ASP B 30 6.65 22.93 31.01
N ALA B 31 5.62 22.54 30.27
CA ALA B 31 5.37 21.12 30.05
C ALA B 31 6.46 20.49 29.20
N MET B 32 6.98 21.24 28.23
CA MET B 32 8.10 20.72 27.45
C MET B 32 9.25 20.34 28.36
N VAL B 33 9.58 21.22 29.32
CA VAL B 33 10.68 20.95 30.23
C VAL B 33 10.37 19.75 31.12
N GLU B 34 9.15 19.62 31.59
CA GLU B 34 8.80 18.50 32.39
C GLU B 34 9.01 17.26 31.63
N GLU B 35 8.57 17.23 30.40
CA GLU B 35 8.72 16.02 29.61
C GLU B 35 10.17 15.77 29.25
N MET B 36 10.97 16.83 29.11
CA MET B 36 12.40 16.62 28.92
C MET B 36 13.02 15.91 30.11
N GLU B 37 12.57 16.25 31.33
CA GLU B 37 13.10 15.59 32.51
C GLU B 37 12.73 14.12 32.55
N ARG B 38 11.49 13.80 32.17
CA ARG B 38 11.04 12.41 32.17
C ARG B 38 11.87 11.56 31.23
N GLY B 39 12.14 12.07 30.03
CA GLY B 39 12.90 11.29 29.06
C GLY B 39 14.34 11.09 29.46
N LEU B 40 14.93 12.04 30.18
CA LEU B 40 16.33 11.92 30.58
C LEU B 40 16.51 10.92 31.71
N ARG B 41 15.46 10.61 32.46
CA ARG B 41 15.54 9.57 33.46
C ARG B 41 14.90 8.28 32.95
N ALA B 42 14.71 8.18 31.64
CA ALA B 42 14.22 6.97 30.98
C ALA B 42 12.84 6.57 31.49
N ASP B 43 12.01 7.55 31.84
CA ASP B 43 10.68 7.28 32.35
C ASP B 43 9.92 6.43 31.33
N PRO B 44 9.15 5.45 31.78
CA PRO B 44 8.32 4.69 30.84
C PRO B 44 7.18 5.57 30.35
N HIS B 45 6.81 5.39 29.07
CA HIS B 45 5.78 6.16 28.39
C HIS B 45 6.19 7.60 28.17
N ALA B 46 7.47 7.92 28.27
CA ALA B 46 7.93 9.28 28.04
C ALA B 46 7.70 9.65 26.59
N PRO B 47 6.88 10.67 26.29
CA PRO B 47 6.72 11.09 24.89
C PRO B 47 8.02 11.54 24.25
N LEU B 48 8.81 12.32 24.97
CA LEU B 48 10.12 12.74 24.48
C LEU B 48 11.14 11.63 24.76
N LYS B 49 11.76 11.10 23.76
CA LYS B 49 12.71 10.05 23.99
C LYS B 49 14.01 10.50 24.54
N MET B 50 14.39 11.70 24.20
CA MET B 50 15.63 12.31 24.69
C MET B 50 16.82 11.35 24.49
N LEU B 51 17.16 11.16 23.23
CA LEU B 51 18.09 10.11 22.85
C LEU B 51 19.53 10.59 23.03
N ILE B 52 20.36 9.83 23.72
CA ILE B 52 21.76 10.14 23.87
C ILE B 52 22.34 9.92 22.51
N SER B 53 23.07 10.89 22.02
CA SER B 53 23.55 10.85 20.65
C SER B 53 24.98 10.37 20.54
N TYR B 54 25.68 10.22 21.66
CA TYR B 54 27.10 9.88 21.72
C TYR B 54 28.00 10.95 21.11
N VAL B 55 27.46 12.10 20.77
CA VAL B 55 28.28 13.24 20.35
C VAL B 55 28.62 14.01 21.62
N ASP B 56 29.81 13.77 22.16
CA ASP B 56 30.24 14.48 23.36
C ASP B 56 31.14 15.67 23.04
N ASN B 57 31.72 15.72 21.85
CA ASN B 57 32.63 16.79 21.45
C ASN B 57 32.18 17.31 20.09
N LEU B 58 31.56 18.47 20.10
CA LEU B 58 31.12 19.15 18.91
C LEU B 58 32.34 19.66 18.12
N PRO B 59 32.16 19.99 16.84
CA PRO B 59 33.29 20.45 16.03
C PRO B 59 34.03 21.64 16.65
N THR B 60 35.33 21.69 16.42
CA THR B 60 36.16 22.73 16.96
C THR B 60 36.78 23.64 15.97
N GLY B 61 36.83 23.22 14.75
CA GLY B 61 37.53 23.94 13.71
C GLY B 61 38.80 23.27 13.27
N ASP B 62 39.41 22.46 14.14
CA ASP B 62 40.68 21.79 13.88
C ASP B 62 40.54 20.59 12.95
N GLU B 63 39.37 20.40 12.37
CA GLU B 63 39.14 19.25 11.53
C GLU B 63 39.93 19.20 10.26
N HIS B 64 40.48 18.05 9.94
CA HIS B 64 41.43 17.96 8.84
C HIS B 64 41.23 16.68 8.06
N GLY B 65 41.15 16.79 6.73
CA GLY B 65 41.12 15.65 5.84
C GLY B 65 39.96 15.69 4.87
N LEU B 66 39.73 14.57 4.20
CA LEU B 66 38.68 14.41 3.20
C LEU B 66 37.61 13.48 3.75
N PHE B 67 36.37 13.96 3.78
CA PHE B 67 35.28 13.20 4.38
C PHE B 67 34.00 13.41 3.60
N TYR B 68 33.21 12.34 3.46
CA TYR B 68 31.91 12.39 2.82
C TYR B 68 30.81 12.43 3.87
N ALA B 69 29.62 12.80 3.41
CA ALA B 69 28.43 12.77 4.24
C ALA B 69 27.24 12.36 3.38
N LEU B 70 26.37 11.55 3.95
CA LEU B 70 25.09 11.19 3.36
C LEU B 70 23.99 11.73 4.26
N ASP B 71 23.08 12.51 3.68
CA ASP B 71 22.05 13.22 4.44
C ASP B 71 20.69 12.76 3.99
N LEU B 72 19.96 12.10 4.88
CA LEU B 72 18.59 11.63 4.65
C LEU B 72 17.70 11.96 5.84
N GLY B 73 16.61 12.71 5.71
CA GLY B 73 16.07 13.20 4.47
C GLY B 73 14.60 12.79 4.40
N GLY B 74 13.67 13.73 4.56
CA GLY B 74 12.26 13.36 4.48
C GLY B 74 11.69 13.39 3.07
N THR B 75 12.18 14.32 2.26
CA THR B 75 11.75 14.49 0.92
C THR B 75 12.88 14.47 -0.06
N ASN B 76 14.07 14.62 0.42
CA ASN B 76 15.26 14.60 -0.39
C ASN B 76 16.32 13.85 0.38
N PHE B 77 17.42 13.58 -0.30
CA PHE B 77 18.64 13.18 0.36
C PHE B 77 19.77 13.82 -0.41
N ARG B 78 20.84 14.12 0.29
CA ARG B 78 21.98 14.74 -0.36
C ARG B 78 23.27 14.02 -0.01
N VAL B 79 24.18 14.01 -0.98
CA VAL B 79 25.53 13.46 -0.80
C VAL B 79 26.50 14.64 -0.84
N ILE B 80 27.33 14.74 0.19
CA ILE B 80 28.25 15.86 0.38
C ILE B 80 29.66 15.33 0.42
N ARG B 81 30.61 16.21 0.12
CA ARG B 81 32.02 15.86 0.10
C ARG B 81 32.80 17.12 0.38
N VAL B 82 33.64 17.09 1.42
CA VAL B 82 34.40 18.27 1.85
C VAL B 82 35.85 17.89 2.10
N GLN B 83 36.74 18.83 1.80
CA GLN B 83 38.16 18.74 2.12
C GLN B 83 38.45 19.73 3.24
N LEU B 84 38.58 19.22 4.46
CA LEU B 84 38.82 20.06 5.62
C LEU B 84 40.31 20.29 5.82
N GLY B 85 40.70 21.56 6.06
CA GLY B 85 42.09 21.96 6.11
C GLY B 85 42.70 22.17 7.49
N GLY B 86 41.88 22.55 8.46
CA GLY B 86 42.33 22.73 9.81
C GLY B 86 41.90 24.08 10.34
N ARG B 87 42.38 24.44 11.50
CA ARG B 87 41.96 25.68 12.06
C ARG B 87 42.03 26.85 11.12
N GLU B 88 43.14 26.92 10.42
CA GLU B 88 43.45 28.03 9.55
C GLU B 88 42.68 28.08 8.30
N LYS B 89 42.78 26.98 7.55
CA LYS B 89 42.15 26.85 6.22
C LYS B 89 40.66 26.49 6.21
N ARG B 90 40.29 25.65 7.16
CA ARG B 90 38.87 25.23 7.33
C ARG B 90 38.42 24.49 6.08
N VAL B 91 37.28 24.85 5.48
CA VAL B 91 36.70 24.07 4.39
C VAL B 91 37.35 24.53 3.08
N VAL B 92 38.29 23.72 2.59
CA VAL B 92 39.03 24.09 1.39
C VAL B 92 38.17 23.88 0.16
N SER B 93 37.53 22.73 0.04
CA SER B 93 36.68 22.41 -1.10
C SER B 93 35.40 21.74 -0.61
N GLN B 94 34.33 22.00 -1.32
CA GLN B 94 33.04 21.43 -1.02
C GLN B 94 32.19 21.12 -2.24
N GLN B 95 31.61 19.96 -2.28
CA GLN B 95 30.68 19.63 -3.35
C GLN B 95 29.50 18.83 -2.80
N TYR B 96 28.34 19.02 -3.43
CA TYR B 96 27.15 18.30 -3.01
C TYR B 96 26.22 18.08 -4.19
N GLU B 97 25.30 17.16 -4.01
CA GLU B 97 24.29 16.84 -4.96
C GLU B 97 23.03 16.50 -4.17
N GLU B 98 21.93 17.13 -4.46
CA GLU B 98 20.67 16.83 -3.79
C GLU B 98 19.71 16.09 -4.71
N VAL B 99 19.06 15.06 -4.19
CA VAL B 99 18.16 14.22 -4.97
C VAL B 99 16.85 14.06 -4.21
N ALA B 100 15.74 14.21 -4.92
CA ALA B 100 14.42 14.04 -4.34
C ALA B 100 14.12 12.55 -4.17
N ILE B 101 13.59 12.19 -3.00
CA ILE B 101 13.22 10.80 -2.74
C ILE B 101 11.95 10.43 -3.48
N PRO B 102 11.99 9.45 -4.38
CA PRO B 102 10.76 8.98 -5.02
C PRO B 102 9.78 8.48 -4.00
N PRO B 103 8.49 8.83 -4.14
CA PRO B 103 7.52 8.49 -3.09
C PRO B 103 7.44 7.02 -2.71
N HIS B 104 7.58 6.10 -3.66
CA HIS B 104 7.42 4.70 -3.32
C HIS B 104 8.50 4.23 -2.36
N LEU B 105 9.72 4.76 -2.49
CA LEU B 105 10.83 4.37 -1.62
C LEU B 105 10.61 4.75 -0.16
N MET B 106 9.59 5.55 0.15
CA MET B 106 9.25 5.85 1.53
C MET B 106 8.41 4.77 2.19
N VAL B 107 7.76 3.91 1.40
CA VAL B 107 6.79 2.98 1.94
C VAL B 107 7.02 1.59 1.36
N GLY B 108 8.20 1.35 0.82
CA GLY B 108 8.51 0.08 0.21
C GLY B 108 9.39 -0.83 1.03
N THR B 109 10.45 -1.31 0.40
CA THR B 109 11.41 -2.21 1.00
C THR B 109 12.65 -1.46 1.45
N SER B 110 13.17 -1.84 2.62
CA SER B 110 14.34 -1.16 3.12
C SER B 110 15.53 -1.38 2.21
N MET B 111 15.58 -2.52 1.55
CA MET B 111 16.67 -2.74 0.60
C MET B 111 16.54 -1.79 -0.59
N GLU B 112 15.31 -1.44 -1.00
CA GLU B 112 15.14 -0.51 -2.10
C GLU B 112 15.56 0.90 -1.69
N LEU B 113 15.21 1.32 -0.47
CA LEU B 113 15.61 2.65 -0.04
C LEU B 113 17.12 2.77 -0.03
N PHE B 114 17.81 1.86 0.66
CA PHE B 114 19.26 2.00 0.80
C PHE B 114 20.00 1.65 -0.49
N ASP B 115 19.41 0.83 -1.36
CA ASP B 115 20.03 0.60 -2.67
C ASP B 115 19.97 1.86 -3.51
N PHE B 116 18.87 2.61 -3.41
CA PHE B 116 18.72 3.83 -4.19
C PHE B 116 19.72 4.88 -3.76
N ILE B 117 19.89 5.08 -2.45
CA ILE B 117 20.79 6.15 -2.03
C ILE B 117 22.23 5.73 -2.18
N ALA B 118 22.53 4.45 -1.97
CA ALA B 118 23.90 3.98 -2.18
C ALA B 118 24.28 4.05 -3.65
N ALA B 119 23.31 3.92 -4.55
CA ALA B 119 23.61 3.99 -5.97
C ALA B 119 23.93 5.41 -6.40
N GLU B 120 23.32 6.40 -5.74
CA GLU B 120 23.66 7.79 -6.04
C GLU B 120 24.96 8.21 -5.38
N LEU B 121 25.26 7.65 -4.20
CA LEU B 121 26.55 7.90 -3.57
C LEU B 121 27.67 7.28 -4.40
N GLU B 122 27.45 6.08 -4.95
CA GLU B 122 28.41 5.45 -5.84
C GLU B 122 28.78 6.37 -7.00
N SER B 123 27.79 6.81 -7.78
CA SER B 123 28.10 7.70 -8.89
C SER B 123 28.63 9.03 -8.40
N PHE B 124 28.48 9.33 -7.12
CA PHE B 124 28.99 10.60 -6.63
C PHE B 124 30.48 10.52 -6.30
N VAL B 125 30.94 9.43 -5.66
CA VAL B 125 32.37 9.37 -5.39
C VAL B 125 33.16 9.05 -6.65
N LYS B 126 32.53 8.42 -7.63
CA LYS B 126 33.22 8.12 -8.87
C LYS B 126 33.53 9.36 -9.66
N THR B 127 32.93 10.46 -9.29
CA THR B 127 33.21 11.73 -9.94
C THR B 127 34.09 12.62 -9.07
N GLU B 128 34.81 12.03 -8.12
CA GLU B 128 35.66 12.79 -7.21
C GLU B 128 36.77 13.50 -7.97
N GLY B 129 36.77 14.83 -7.93
CA GLY B 129 37.70 15.61 -8.71
C GLY B 129 39.10 15.63 -8.11
N GLU B 130 39.90 16.59 -8.57
CA GLU B 130 41.30 16.74 -8.15
C GLU B 130 41.49 17.63 -6.95
N ASP B 131 40.42 18.21 -6.43
CA ASP B 131 40.55 19.00 -5.25
C ASP B 131 40.36 18.19 -4.01
N PHE B 132 40.05 16.94 -4.17
CA PHE B 132 39.90 16.05 -3.02
C PHE B 132 40.90 14.92 -3.15
N HIS B 133 41.82 14.82 -2.18
CA HIS B 133 42.87 13.82 -2.21
C HIS B 133 42.75 12.94 -0.98
N LEU B 134 42.84 11.66 -1.18
CA LEU B 134 42.77 10.68 -0.15
C LEU B 134 44.13 9.98 -0.19
N PRO B 135 44.79 9.91 0.95
CA PRO B 135 46.10 9.23 0.97
C PRO B 135 45.98 7.75 0.61
N GLU B 136 47.08 7.21 0.11
CA GLU B 136 47.16 5.83 -0.33
C GLU B 136 46.76 4.80 0.67
N GLY B 137 46.03 3.78 0.23
CA GLY B 137 45.64 2.74 1.15
C GLY B 137 44.49 3.10 2.06
N ARG B 138 44.22 4.38 2.25
CA ARG B 138 43.13 4.81 3.13
C ARG B 138 41.76 4.50 2.63
N GLN B 139 40.85 4.40 3.59
CA GLN B 139 39.44 4.12 3.38
C GLN B 139 38.65 5.41 3.53
N ARG B 140 37.73 5.65 2.61
CA ARG B 140 36.83 6.81 2.64
C ARG B 140 35.82 6.67 3.74
N GLU B 141 35.65 7.74 4.51
CA GLU B 141 34.79 7.69 5.68
C GLU B 141 33.58 8.61 5.53
N LEU B 142 32.48 8.18 6.11
CA LEU B 142 31.17 8.77 5.87
C LEU B 142 30.56 9.21 7.19
N GLY B 143 29.92 10.38 7.16
CA GLY B 143 28.97 10.76 8.20
C GLY B 143 27.56 10.56 7.67
N PHE B 144 26.74 9.89 8.45
CA PHE B 144 25.39 9.51 8.03
C PHE B 144 24.38 10.31 8.86
N THR B 145 23.69 11.25 8.22
CA THR B 145 22.59 11.93 8.86
C THR B 145 21.31 11.17 8.52
N PHE B 146 20.64 10.68 9.56
CA PHE B 146 19.45 9.85 9.43
C PHE B 146 18.32 10.55 10.17
N SER B 147 17.45 11.22 9.44
CA SER B 147 16.45 12.11 10.03
C SER B 147 15.26 11.36 10.59
N PHE B 148 15.50 10.30 11.36
CA PHE B 148 14.43 9.50 11.94
C PHE B 148 14.93 9.00 13.29
N PRO B 149 14.02 8.74 14.23
CA PRO B 149 14.46 8.39 15.59
C PRO B 149 15.23 7.07 15.64
N VAL B 150 16.41 7.13 16.22
CA VAL B 150 17.32 5.98 16.31
C VAL B 150 17.78 5.84 17.76
N HIS B 151 17.66 4.63 18.30
CA HIS B 151 18.26 4.30 19.58
C HIS B 151 19.75 4.11 19.36
N GLN B 152 20.54 5.07 19.79
CA GLN B 152 21.97 5.06 19.56
C GLN B 152 22.65 4.06 20.46
N THR B 153 23.61 3.31 19.91
CA THR B 153 24.42 2.40 20.71
C THR B 153 25.91 2.74 20.70
N SER B 154 26.35 3.60 19.79
CA SER B 154 27.70 4.14 19.75
C SER B 154 27.63 5.34 18.82
N ILE B 155 28.77 5.98 18.57
CA ILE B 155 28.77 7.11 17.65
C ILE B 155 28.40 6.70 16.24
N SER B 156 28.53 5.42 15.90
CA SER B 156 28.30 5.02 14.52
C SER B 156 27.47 3.74 14.42
N SER B 157 26.59 3.52 15.38
CA SER B 157 25.68 2.37 15.36
C SER B 157 24.38 2.77 16.01
N GLY B 158 23.28 2.20 15.53
CA GLY B 158 21.99 2.55 16.09
C GLY B 158 20.82 1.82 15.49
N THR B 159 19.81 1.58 16.33
CA THR B 159 18.58 0.89 15.96
C THR B 159 17.47 1.86 15.60
N LEU B 160 16.77 1.59 14.49
CA LEU B 160 15.59 2.39 14.14
C LEU B 160 14.49 2.15 15.16
N ILE B 161 13.96 3.24 15.73
CA ILE B 161 12.86 3.13 16.68
C ILE B 161 11.53 3.09 15.96
N LYS B 162 11.32 4.04 15.05
CA LYS B 162 10.08 4.13 14.29
C LYS B 162 10.30 5.10 13.13
N TRP B 163 9.47 4.94 12.10
CA TRP B 163 9.47 5.88 10.99
C TRP B 163 8.53 7.05 11.30
N THR B 164 8.78 8.17 10.63
CA THR B 164 7.97 9.37 10.76
C THR B 164 7.82 10.02 9.39
N LYS B 165 7.09 11.09 9.37
CA LYS B 165 6.88 11.90 8.24
C LYS B 165 6.76 11.30 6.88
N GLY B 166 5.80 10.42 6.75
CA GLY B 166 5.52 9.82 5.47
C GLY B 166 6.26 8.54 5.16
N PHE B 167 7.27 8.20 5.94
CA PHE B 167 7.98 6.94 5.75
C PHE B 167 7.27 5.84 6.48
N SER B 168 7.26 4.64 5.89
CA SER B 168 6.65 3.48 6.51
C SER B 168 7.16 2.20 5.88
N ILE B 169 8.39 1.81 6.24
CA ILE B 169 9.06 0.66 5.66
C ILE B 169 9.09 -0.46 6.68
N ASN B 170 8.49 -1.59 6.34
CA ASN B 170 8.49 -2.76 7.21
C ASN B 170 9.88 -3.36 7.27
N GLY B 171 10.20 -3.99 8.40
CA GLY B 171 11.38 -4.81 8.51
C GLY B 171 12.63 -4.06 8.90
N THR B 172 12.55 -2.75 9.09
CA THR B 172 13.68 -1.95 9.57
C THR B 172 13.61 -1.61 11.04
N VAL B 173 12.41 -1.51 11.62
CA VAL B 173 12.31 -1.20 13.03
C VAL B 173 13.10 -2.23 13.82
N GLY B 174 14.00 -1.75 14.66
CA GLY B 174 14.82 -2.61 15.47
C GLY B 174 16.16 -2.94 14.88
N GLU B 175 16.36 -2.68 13.58
CA GLU B 175 17.58 -3.05 12.88
C GLU B 175 18.58 -1.91 12.89
N ASP B 176 19.86 -2.26 12.82
CA ASP B 176 20.89 -1.24 12.78
C ASP B 176 20.87 -0.54 11.43
N VAL B 177 20.66 0.77 11.44
CA VAL B 177 20.52 1.50 10.19
C VAL B 177 21.86 1.69 9.52
N VAL B 178 22.96 1.69 10.26
CA VAL B 178 24.27 1.82 9.62
C VAL B 178 24.63 0.53 8.91
N ALA B 179 24.32 -0.62 9.50
CA ALA B 179 24.56 -1.89 8.83
C ALA B 179 23.76 -1.97 7.54
N GLU B 180 22.55 -1.43 7.56
CA GLU B 180 21.67 -1.50 6.39
C GLU B 180 22.24 -0.67 5.24
N LEU B 181 22.80 0.50 5.56
CA LEU B 181 23.47 1.30 4.55
C LEU B 181 24.80 0.65 4.14
N SER B 182 25.52 0.07 5.08
CA SER B 182 26.79 -0.56 4.73
C SER B 182 26.58 -1.74 3.80
N ARG B 183 25.58 -2.58 4.09
CA ARG B 183 25.27 -3.68 3.18
C ARG B 183 24.97 -3.15 1.78
N ALA B 184 24.21 -2.07 1.69
CA ALA B 184 23.85 -1.52 0.39
C ALA B 184 25.05 -0.95 -0.35
N MET B 185 25.96 -0.30 0.36
CA MET B 185 27.16 0.22 -0.29
C MET B 185 28.06 -0.91 -0.77
N GLU B 186 28.14 -2.00 0.00
CA GLU B 186 28.90 -3.15 -0.47
C GLU B 186 28.24 -3.76 -1.70
N ARG B 187 26.91 -3.91 -1.70
CA ARG B 187 26.20 -4.36 -2.90
C ARG B 187 26.43 -3.45 -4.09
N GLN B 188 27.00 -2.27 -3.87
CA GLN B 188 27.32 -1.33 -4.94
C GLN B 188 28.81 -1.29 -5.23
N GLY B 189 29.60 -2.15 -4.57
CA GLY B 189 31.03 -2.16 -4.76
C GLY B 189 31.68 -0.86 -4.35
N LEU B 190 31.51 -0.49 -3.09
CA LEU B 190 31.88 0.84 -2.63
C LEU B 190 32.62 0.70 -1.31
N ASP B 191 33.87 1.17 -1.28
CA ASP B 191 34.70 1.14 -0.06
C ASP B 191 34.50 2.43 0.69
N MET B 192 33.52 2.44 1.59
CA MET B 192 33.37 3.52 2.53
C MET B 192 32.94 2.96 3.87
N LYS B 193 33.39 3.63 4.89
CA LYS B 193 33.03 3.31 6.22
C LYS B 193 32.22 4.42 6.87
N VAL B 194 31.15 4.05 7.51
CA VAL B 194 30.41 5.05 8.27
C VAL B 194 31.08 5.15 9.64
N THR B 195 31.61 6.32 9.96
CA THR B 195 32.24 6.52 11.25
C THR B 195 31.42 7.37 12.19
N ALA B 196 30.30 7.94 11.72
CA ALA B 196 29.40 8.70 12.58
C ALA B 196 27.97 8.57 12.07
N LEU B 197 27.04 8.30 12.98
CA LEU B 197 25.59 8.28 12.70
C LEU B 197 24.93 9.32 13.61
N VAL B 198 24.27 10.30 13.00
CA VAL B 198 23.66 11.40 13.72
C VAL B 198 22.25 11.67 13.21
N ASN B 199 21.38 12.09 14.12
CA ASN B 199 20.11 12.63 13.70
C ASN B 199 20.33 13.98 13.02
N ASP B 200 19.35 14.40 12.24
CA ASP B 200 19.54 15.65 11.50
C ASP B 200 19.59 16.85 12.43
N THR B 201 18.90 16.79 13.58
CA THR B 201 19.05 17.85 14.56
C THR B 201 20.46 17.87 15.12
N VAL B 202 21.02 16.70 15.44
CA VAL B 202 22.37 16.62 15.98
C VAL B 202 23.40 17.09 14.96
N GLY B 203 23.22 16.71 13.69
CA GLY B 203 24.15 17.15 12.66
C GLY B 203 24.11 18.65 12.43
N THR B 204 22.91 19.24 12.38
CA THR B 204 22.80 20.69 12.22
C THR B 204 23.46 21.43 13.38
N LEU B 205 23.25 20.94 14.61
CA LEU B 205 23.91 21.57 15.76
C LEU B 205 25.42 21.48 15.63
N ALA B 206 25.93 20.33 15.19
CA ALA B 206 27.36 20.21 14.93
C ALA B 206 27.78 21.20 13.85
N GLY B 207 27.11 21.17 12.69
CA GLY B 207 27.43 22.13 11.64
C GLY B 207 27.25 23.57 12.05
N GLY B 208 26.31 23.84 12.96
CA GLY B 208 26.16 25.20 13.46
C GLY B 208 27.35 25.65 14.29
N ARG B 209 27.79 24.81 15.23
CA ARG B 209 28.91 25.19 16.09
C ARG B 209 30.22 25.30 15.34
N TYR B 210 30.35 24.65 14.19
CA TYR B 210 31.61 24.76 13.45
C TYR B 210 31.88 26.19 13.03
N VAL B 211 30.84 26.99 12.83
CA VAL B 211 30.98 28.36 12.37
C VAL B 211 30.54 29.37 13.41
N ASP B 212 30.06 28.91 14.56
CA ASP B 212 29.61 29.85 15.59
C ASP B 212 29.68 29.13 16.92
N ASN B 213 30.56 29.61 17.80
CA ASN B 213 30.88 28.91 19.04
C ASN B 213 29.71 28.83 20.01
N ASP B 214 28.73 29.73 19.92
CA ASP B 214 27.66 29.82 20.91
C ASP B 214 26.44 28.97 20.57
N VAL B 215 26.49 28.14 19.52
CA VAL B 215 25.34 27.34 19.14
C VAL B 215 25.09 26.30 20.24
N ALA B 216 23.94 26.41 20.89
CA ALA B 216 23.55 25.52 21.97
C ALA B 216 22.42 24.57 21.59
N ALA B 217 21.71 24.84 20.51
CA ALA B 217 20.60 23.98 20.12
C ALA B 217 20.41 24.08 18.62
N ALA B 218 19.69 23.11 18.08
CA ALA B 218 19.33 23.11 16.67
C ALA B 218 17.87 22.70 16.58
N VAL B 219 17.08 23.45 15.81
CA VAL B 219 15.67 23.14 15.62
C VAL B 219 15.46 22.89 14.13
N ILE B 220 14.76 21.81 13.81
CA ILE B 220 14.41 21.49 12.43
C ILE B 220 12.94 21.80 12.22
N LEU B 221 12.65 22.53 11.15
CA LEU B 221 11.27 22.84 10.75
C LEU B 221 11.23 22.61 9.24
N GLY B 222 10.97 21.38 8.86
CA GLY B 222 10.83 21.03 7.46
C GLY B 222 9.61 20.17 7.26
N THR B 223 9.76 19.03 6.58
CA THR B 223 8.64 18.11 6.47
C THR B 223 8.20 17.62 7.84
N GLY B 224 9.14 17.44 8.76
CA GLY B 224 8.84 17.17 10.15
C GLY B 224 9.44 18.27 11.00
N THR B 225 9.31 18.11 12.31
CA THR B 225 9.95 19.03 13.22
C THR B 225 10.60 18.24 14.34
N ASN B 226 11.73 18.75 14.83
CA ASN B 226 12.50 18.09 15.87
C ASN B 226 13.55 19.08 16.35
N ALA B 227 14.23 18.73 17.44
CA ALA B 227 15.19 19.63 18.05
C ALA B 227 16.23 18.85 18.84
N ALA B 228 17.45 19.40 18.90
CA ALA B 228 18.53 18.88 19.72
C ALA B 228 19.18 20.02 20.49
N TYR B 229 19.76 19.70 21.63
CA TYR B 229 20.47 20.69 22.42
C TYR B 229 21.61 20.02 23.18
N VAL B 230 22.48 20.86 23.74
CA VAL B 230 23.62 20.41 24.53
C VAL B 230 23.19 20.35 25.99
N GLU B 231 23.30 19.17 26.58
CA GLU B 231 22.86 18.93 27.94
C GLU B 231 24.05 18.54 28.78
N HIS B 232 23.97 18.84 30.08
CA HIS B 232 24.97 18.44 31.05
C HIS B 232 24.82 16.97 31.39
N ALA B 233 25.91 16.21 31.28
CA ALA B 233 25.84 14.77 31.50
C ALA B 233 25.42 14.41 32.92
N ASN B 234 25.63 15.31 33.89
CA ASN B 234 25.19 15.04 35.25
C ASN B 234 23.72 15.35 35.47
N ALA B 235 23.05 15.92 34.47
CA ALA B 235 21.61 16.10 34.51
C ALA B 235 20.89 15.03 33.69
N ILE B 236 21.57 13.95 33.33
CA ILE B 236 21.00 12.85 32.57
C ILE B 236 20.97 11.60 33.47
N PRO B 237 19.91 11.39 34.23
CA PRO B 237 19.89 10.24 35.16
C PRO B 237 20.05 8.89 34.47
N LYS B 238 19.64 8.77 33.21
CA LYS B 238 19.66 7.46 32.57
C LYS B 238 21.03 7.10 32.04
N TRP B 239 22.02 8.00 32.23
CA TRP B 239 23.46 7.86 31.85
C TRP B 239 24.13 6.87 32.73
N THR B 240 24.73 5.81 32.21
CA THR B 240 25.23 4.75 33.08
C THR B 240 26.72 4.48 32.87
N GLY B 241 27.40 5.27 32.07
CA GLY B 241 28.85 5.17 32.02
C GLY B 241 29.80 6.23 32.63
N LEU B 242 31.03 6.37 32.17
CA LEU B 242 31.96 7.39 32.68
C LEU B 242 31.41 8.72 32.35
N LEU B 243 32.06 9.82 32.64
CA LEU B 243 31.49 11.13 32.41
C LEU B 243 32.17 11.81 31.27
N PRO B 244 31.34 12.45 30.36
CA PRO B 244 32.00 13.02 29.19
C PRO B 244 33.21 13.80 29.38
N ARG B 245 34.19 13.58 28.58
CA ARG B 245 35.40 14.34 28.75
C ARG B 245 35.08 15.85 28.94
N SER B 246 34.06 16.31 28.25
CA SER B 246 33.65 17.71 28.28
C SER B 246 32.48 18.00 29.22
N GLY B 247 31.88 17.04 29.87
CA GLY B 247 30.75 17.34 30.71
C GLY B 247 29.37 17.43 30.11
N ASN B 248 29.28 17.39 28.80
CA ASN B 248 28.04 17.51 28.09
C ASN B 248 27.71 16.37 27.16
N MET B 249 26.52 16.40 26.63
CA MET B 249 26.04 15.40 25.71
C MET B 249 25.04 16.04 24.84
N VAL B 250 25.11 15.87 23.56
CA VAL B 250 24.04 16.33 22.68
C VAL B 250 22.88 15.36 22.73
N ILE B 251 21.68 15.88 22.98
CA ILE B 251 20.47 15.09 23.10
C ILE B 251 19.57 15.37 21.91
N ASN B 252 19.07 14.31 21.29
CA ASN B 252 18.03 14.37 20.27
C ASN B 252 16.70 14.28 20.99
N MET B 253 16.01 15.42 21.11
CA MET B 253 14.78 15.46 21.90
C MET B 253 13.72 14.53 21.33
N GLU B 254 13.64 14.45 20.01
CA GLU B 254 12.52 13.84 19.29
C GLU B 254 11.19 14.45 19.76
N TRP B 255 11.10 15.78 19.60
CA TRP B 255 10.00 16.49 20.24
C TRP B 255 8.74 16.47 19.40
N GLY B 256 8.81 15.97 18.17
CA GLY B 256 7.59 15.81 17.41
C GLY B 256 6.58 14.95 18.13
N ASN B 257 7.06 14.02 18.96
CA ASN B 257 6.20 13.13 19.72
C ASN B 257 5.67 13.76 21.00
N PHE B 258 6.03 15.01 21.28
CA PHE B 258 5.47 15.70 22.43
C PHE B 258 3.94 15.68 22.38
N LYS B 259 3.34 15.45 23.52
CA LYS B 259 1.90 15.60 23.66
C LYS B 259 1.63 16.11 25.07
N SER B 260 0.59 16.94 25.17
CA SER B 260 0.23 17.62 26.40
C SER B 260 -1.21 18.02 26.28
N GLU B 261 -1.95 17.95 27.36
CA GLU B 261 -3.32 18.38 27.32
C GLU B 261 -3.42 19.87 27.10
N ARG B 262 -2.32 20.55 27.17
CA ARG B 262 -2.24 21.97 26.96
C ARG B 262 -2.07 22.34 25.53
N LEU B 263 -2.01 21.36 24.66
CA LEU B 263 -1.88 21.62 23.23
C LEU B 263 -3.23 21.97 22.64
N PRO B 264 -3.39 23.13 22.03
CA PRO B 264 -4.70 23.52 21.47
C PRO B 264 -5.08 22.74 20.21
N ARG B 265 -5.70 21.58 20.37
CA ARG B 265 -6.06 20.71 19.26
C ARG B 265 -7.55 20.80 18.95
N SER B 266 -7.93 20.31 17.77
CA SER B 266 -9.29 20.39 17.27
C SER B 266 -9.69 19.05 16.64
N ASP B 267 -10.94 18.99 16.16
CA ASP B 267 -11.39 17.82 15.42
C ASP B 267 -10.62 17.64 14.12
N TYR B 268 -10.23 18.73 13.47
CA TYR B 268 -9.42 18.62 12.27
C TYR B 268 -8.12 17.89 12.58
N ASP B 269 -7.55 18.16 13.75
CA ASP B 269 -6.33 17.49 14.16
C ASP B 269 -6.59 16.02 14.51
N ASN B 270 -7.71 15.73 15.20
CA ASN B 270 -8.08 14.33 15.44
C ASN B 270 -8.30 13.58 14.14
N ALA B 271 -9.00 14.21 13.18
CA ALA B 271 -9.25 13.56 11.91
C ALA B 271 -7.96 13.30 11.14
N LEU B 272 -7.07 14.30 11.08
CA LEU B 272 -5.79 14.12 10.41
C LEU B 272 -5.00 12.98 11.04
N ASP B 273 -4.93 12.97 12.37
CA ASP B 273 -4.19 11.92 13.06
C ASP B 273 -4.81 10.55 12.80
N PHE B 274 -6.14 10.49 12.82
CA PHE B 274 -6.85 9.22 12.64
C PHE B 274 -6.55 8.60 11.28
N GLU B 275 -6.46 9.42 10.25
CA GLU B 275 -6.20 8.95 8.93
C GLU B 275 -4.76 9.05 8.55
N SER B 276 -3.87 9.15 9.50
CA SER B 276 -2.46 9.32 9.21
C SER B 276 -1.77 7.97 9.13
N LEU B 277 -0.54 8.00 8.64
CA LEU B 277 0.30 6.82 8.46
C LEU B 277 0.81 6.27 9.78
N ASN B 278 0.81 7.06 10.84
CA ASN B 278 1.29 6.65 12.16
C ASN B 278 0.33 7.20 13.22
N PRO B 279 -0.88 6.66 13.28
CA PRO B 279 -1.92 7.27 14.13
C PRO B 279 -1.55 7.24 15.61
N GLY B 280 -1.76 8.38 16.27
CA GLY B 280 -1.42 8.52 17.66
C GLY B 280 -0.01 8.99 17.94
N GLU B 281 0.88 8.96 16.95
CA GLU B 281 2.27 9.36 17.07
C GLU B 281 2.43 10.78 16.55
N GLN B 282 3.46 11.44 17.03
CA GLN B 282 3.88 12.74 16.50
C GLN B 282 2.78 13.78 16.60
N ILE B 283 2.09 13.82 17.74
CA ILE B 283 0.98 14.74 17.89
C ILE B 283 1.44 16.18 17.71
N TYR B 284 2.50 16.56 18.41
CA TYR B 284 3.04 17.91 18.33
C TYR B 284 3.49 18.24 16.93
N GLU B 285 4.21 17.31 16.30
CA GLU B 285 4.69 17.55 14.95
C GLU B 285 3.54 17.80 13.98
N LYS B 286 2.42 17.13 14.18
CA LYS B 286 1.28 17.23 13.27
C LYS B 286 0.52 18.55 13.39
N MET B 287 0.98 19.48 14.22
CA MET B 287 0.46 20.83 14.26
C MET B 287 1.45 21.86 13.77
N ILE B 288 2.70 21.48 13.58
CA ILE B 288 3.79 22.39 13.26
C ILE B 288 4.28 22.19 11.85
N SER B 289 4.44 20.93 11.46
CA SER B 289 5.38 20.55 10.42
C SER B 289 4.85 20.86 9.02
N GLY B 290 5.80 20.92 8.08
CA GLY B 290 5.45 21.20 6.70
C GLY B 290 4.60 20.14 6.04
N MET B 291 4.67 18.92 6.49
CA MET B 291 3.86 17.89 5.91
C MET B 291 2.41 18.02 6.23
N TYR B 292 2.11 18.67 7.31
CA TYR B 292 0.74 18.65 7.83
C TYR B 292 0.03 20.00 7.79
N LEU B 293 0.74 21.11 7.66
CA LEU B 293 0.10 22.42 7.72
C LEU B 293 -0.92 22.59 6.62
N GLY B 294 -0.50 22.42 5.37
CA GLY B 294 -1.43 22.54 4.26
C GLY B 294 -2.61 21.60 4.40
N GLU B 295 -2.39 20.42 4.96
CA GLU B 295 -3.46 19.45 5.14
C GLU B 295 -4.49 19.93 6.15
N ILE B 296 -4.06 20.63 7.20
CA ILE B 296 -5.01 21.21 8.14
C ILE B 296 -5.83 22.29 7.45
N VAL B 297 -5.19 23.11 6.60
CA VAL B 297 -5.91 24.13 5.86
C VAL B 297 -6.98 23.48 4.99
N ARG B 298 -6.62 22.40 4.29
CA ARG B 298 -7.57 21.69 3.44
C ARG B 298 -8.77 21.18 4.21
N ARG B 299 -8.55 20.63 5.40
CA ARG B 299 -9.66 20.06 6.15
C ARG B 299 -10.60 21.15 6.67
N ILE B 300 -10.07 22.33 6.96
CA ILE B 300 -10.90 23.45 7.38
C ILE B 300 -11.68 24.00 6.20
N LEU B 301 -11.01 24.19 5.05
CA LEU B 301 -11.70 24.65 3.86
C LEU B 301 -12.76 23.65 3.41
N LEU B 302 -12.55 22.36 3.66
CA LEU B 302 -13.55 21.37 3.27
C LEU B 302 -14.81 21.53 4.12
N LYS B 303 -14.64 21.86 5.38
CA LYS B 303 -15.73 22.09 6.29
C LYS B 303 -16.48 23.33 5.86
N LEU B 304 -15.77 24.34 5.45
CA LEU B 304 -16.38 25.54 4.89
C LEU B 304 -17.10 25.24 3.57
N ALA B 305 -16.43 24.50 2.68
CA ALA B 305 -17.03 24.23 1.38
C ALA B 305 -18.33 23.45 1.49
N HIS B 306 -18.46 22.64 2.54
CA HIS B 306 -19.63 21.78 2.68
C HIS B 306 -20.73 22.42 3.52
N ASP B 307 -20.37 23.03 4.65
CA ASP B 307 -21.35 23.63 5.53
C ASP B 307 -21.74 25.05 5.13
N ALA B 308 -21.03 25.64 4.18
CA ALA B 308 -21.28 27.03 3.83
C ALA B 308 -21.14 27.30 2.34
N SER B 309 -21.05 26.24 1.52
CA SER B 309 -21.01 26.38 0.06
C SER B 309 -19.95 27.39 -0.38
N LEU B 310 -18.81 27.39 0.31
CA LEU B 310 -17.80 28.42 0.10
C LEU B 310 -17.27 28.44 -1.34
N PHE B 311 -17.24 27.29 -2.01
CA PHE B 311 -16.71 27.25 -3.37
C PHE B 311 -17.79 26.83 -4.37
N GLY B 312 -19.04 27.14 -4.08
CA GLY B 312 -20.14 26.71 -4.91
C GLY B 312 -21.05 25.74 -4.18
N ASP B 313 -22.10 25.35 -4.83
CA ASP B 313 -23.05 24.51 -4.21
C ASP B 313 -22.71 23.06 -4.23
N VAL B 314 -21.78 22.67 -5.07
CA VAL B 314 -21.23 21.33 -5.04
C VAL B 314 -19.80 21.43 -4.56
N VAL B 315 -19.46 20.65 -3.54
CA VAL B 315 -18.09 20.66 -3.01
C VAL B 315 -17.15 20.19 -4.12
N PRO B 316 -16.08 20.93 -4.42
CA PRO B 316 -15.14 20.49 -5.45
C PRO B 316 -14.53 19.15 -5.08
N THR B 317 -14.58 18.22 -6.03
CA THR B 317 -14.06 16.87 -5.83
C THR B 317 -12.62 16.88 -5.35
N LYS B 318 -11.77 17.65 -6.03
CA LYS B 318 -10.34 17.70 -5.71
C LYS B 318 -10.11 18.06 -4.26
N LEU B 319 -10.97 18.90 -3.68
CA LEU B 319 -10.80 19.34 -2.30
C LEU B 319 -10.92 18.19 -1.32
N GLU B 320 -11.54 17.08 -1.70
CA GLU B 320 -11.71 15.96 -0.80
C GLU B 320 -10.54 15.00 -0.81
N GLN B 321 -9.58 15.20 -1.70
CA GLN B 321 -8.39 14.35 -1.80
C GLN B 321 -7.37 14.78 -0.75
N ARG B 322 -6.90 13.86 0.07
CA ARG B 322 -5.96 14.21 1.08
C ARG B 322 -4.64 14.58 0.56
N PHE B 323 -4.02 15.56 1.20
CA PHE B 323 -2.71 16.08 0.86
C PHE B 323 -2.67 16.73 -0.50
N ILE B 324 -3.85 17.10 -1.04
CA ILE B 324 -3.86 17.82 -2.31
C ILE B 324 -3.35 19.24 -2.15
N LEU B 325 -3.45 19.81 -0.94
CA LEU B 325 -3.04 21.18 -0.68
C LEU B 325 -1.74 21.14 0.11
N ARG B 326 -0.64 21.24 -0.58
CA ARG B 326 0.65 21.22 0.04
C ARG B 326 0.99 22.45 0.75
N THR B 327 1.90 22.39 1.68
CA THR B 327 2.22 23.58 2.46
C THR B 327 2.87 24.68 1.62
N PRO B 328 3.76 24.37 0.68
CA PRO B 328 4.25 25.45 -0.20
C PRO B 328 3.14 26.14 -0.98
N ASP B 329 2.05 25.43 -1.32
CA ASP B 329 0.88 26.08 -1.91
C ASP B 329 0.20 26.99 -0.90
N MET B 330 0.02 26.50 0.33
CA MET B 330 -0.46 27.32 1.43
C MET B 330 0.40 28.56 1.60
N SER B 331 1.71 28.40 1.54
CA SER B 331 2.63 29.52 1.66
C SER B 331 2.40 30.54 0.55
N ALA B 332 2.25 30.08 -0.68
CA ALA B 332 2.05 30.98 -1.81
C ALA B 332 0.78 31.81 -1.64
N MET B 333 -0.32 31.16 -1.27
CA MET B 333 -1.57 31.87 -1.03
C MET B 333 -1.42 32.87 0.11
N HIS B 334 -0.76 32.46 1.20
CA HIS B 334 -0.71 33.30 2.39
C HIS B 334 -0.01 34.62 2.14
N HIS B 335 0.94 34.64 1.22
CA HIS B 335 1.75 35.82 0.94
C HIS B 335 1.21 36.71 -0.18
N ASP B 336 0.00 36.45 -0.66
CA ASP B 336 -0.58 37.32 -1.68
C ASP B 336 -0.99 38.64 -1.05
N THR B 337 -0.54 39.75 -1.65
CA THR B 337 -0.90 41.07 -1.15
C THR B 337 -1.70 41.88 -2.15
N SER B 338 -1.96 41.34 -3.34
CA SER B 338 -2.75 42.05 -4.34
C SER B 338 -4.15 42.35 -3.81
N HIS B 339 -4.74 43.46 -4.29
CA HIS B 339 -6.01 43.93 -3.74
C HIS B 339 -7.13 42.91 -3.90
N ASP B 340 -7.08 42.13 -4.98
CA ASP B 340 -8.10 41.13 -5.27
C ASP B 340 -7.64 39.71 -4.98
N LEU B 341 -6.46 39.54 -4.38
CA LEU B 341 -5.90 38.23 -4.06
C LEU B 341 -5.88 37.34 -5.29
N LYS B 342 -5.39 37.88 -6.38
CA LYS B 342 -5.35 37.19 -7.63
C LYS B 342 -4.39 36.00 -7.73
N HIS B 343 -3.36 36.03 -6.92
CA HIS B 343 -2.46 34.89 -6.93
C HIS B 343 -2.93 33.79 -6.00
N LEU B 344 -3.53 34.15 -4.87
CA LEU B 344 -4.22 33.14 -4.08
C LEU B 344 -5.31 32.48 -4.91
N GLY B 345 -6.08 33.28 -5.64
CA GLY B 345 -7.18 32.72 -6.41
C GLY B 345 -6.71 31.85 -7.56
N ALA B 346 -5.61 32.22 -8.20
CA ALA B 346 -5.09 31.37 -9.26
C ALA B 346 -4.60 30.05 -8.69
N LYS B 347 -4.09 30.02 -7.49
CA LYS B 347 -3.65 28.81 -6.84
C LYS B 347 -4.86 27.99 -6.43
N LEU B 348 -5.86 28.62 -5.88
CA LEU B 348 -7.07 27.86 -5.54
C LEU B 348 -7.68 27.22 -6.77
N LYS B 349 -7.54 27.85 -7.93
CA LYS B 349 -8.11 27.26 -9.15
C LYS B 349 -7.44 25.94 -9.49
N ASP B 350 -6.11 25.89 -9.40
CA ASP B 350 -5.38 24.64 -9.65
C ASP B 350 -5.77 23.58 -8.65
N ILE B 351 -5.72 23.93 -7.36
CA ILE B 351 -5.84 22.94 -6.30
C ILE B 351 -7.27 22.44 -6.17
N LEU B 352 -8.25 23.30 -6.37
CA LEU B 352 -9.64 22.90 -6.24
C LEU B 352 -10.25 22.41 -7.55
N GLY B 353 -9.69 22.76 -8.69
CA GLY B 353 -10.33 22.42 -9.94
C GLY B 353 -11.59 23.20 -10.22
N VAL B 354 -11.72 24.41 -9.64
CA VAL B 354 -12.86 25.29 -9.89
C VAL B 354 -12.52 26.26 -11.01
N ALA B 355 -13.55 26.92 -11.55
CA ALA B 355 -13.31 27.94 -12.56
C ALA B 355 -13.03 29.30 -11.93
N ASP B 356 -13.61 29.58 -10.76
CA ASP B 356 -13.51 30.90 -10.17
C ASP B 356 -13.80 30.81 -8.67
N THR B 357 -13.55 31.92 -7.98
CA THR B 357 -13.72 31.99 -6.54
C THR B 357 -14.14 33.41 -6.16
N SER B 358 -15.02 33.50 -5.17
CA SER B 358 -15.44 34.79 -4.64
C SER B 358 -14.25 35.55 -4.07
N LEU B 359 -14.34 36.88 -4.11
CA LEU B 359 -13.40 37.66 -3.32
C LEU B 359 -13.57 37.37 -1.85
N GLU B 360 -14.77 37.05 -1.45
CA GLU B 360 -15.04 36.69 -0.09
C GLU B 360 -14.40 35.37 0.27
N ALA B 361 -14.46 34.43 -0.64
CA ALA B 361 -13.85 33.11 -0.44
C ALA B 361 -12.33 33.21 -0.33
N ARG B 362 -11.71 34.07 -1.13
CA ARG B 362 -10.26 34.24 -1.06
C ARG B 362 -9.83 34.83 0.28
N TYR B 363 -10.64 35.73 0.84
CA TYR B 363 -10.25 36.30 2.12
C TYR B 363 -10.44 35.29 3.24
N ILE B 364 -11.49 34.46 3.15
CA ILE B 364 -11.64 33.38 4.12
C ILE B 364 -10.47 32.42 4.01
N THR B 365 -10.10 32.06 2.79
CA THR B 365 -8.96 31.18 2.57
C THR B 365 -7.69 31.75 3.18
N LEU B 366 -7.45 33.04 2.98
CA LEU B 366 -6.27 33.67 3.56
C LEU B 366 -6.32 33.67 5.08
N HIS B 367 -7.50 33.82 5.66
CA HIS B 367 -7.62 33.82 7.11
C HIS B 367 -7.32 32.44 7.68
N VAL B 368 -7.75 31.39 6.98
CA VAL B 368 -7.47 30.03 7.43
C VAL B 368 -5.98 29.73 7.36
N CYS B 369 -5.33 30.10 6.26
CA CYS B 369 -3.87 30.03 6.21
C CYS B 369 -3.25 30.75 7.39
N ASP B 370 -3.78 31.93 7.75
CA ASP B 370 -3.23 32.69 8.86
C ASP B 370 -3.39 31.92 10.17
N LEU B 371 -4.60 31.42 10.43
CA LEU B 371 -4.86 30.74 11.70
C LEU B 371 -4.01 29.48 11.82
N VAL B 372 -3.87 28.73 10.73
CA VAL B 372 -3.11 27.48 10.79
C VAL B 372 -1.63 27.75 10.96
N ALA B 373 -1.08 28.66 10.17
CA ALA B 373 0.35 28.97 10.28
C ALA B 373 0.67 29.58 11.64
N GLU B 374 -0.23 30.40 12.17
CA GLU B 374 0.04 31.06 13.45
C GLU B 374 0.11 30.06 14.58
N ARG B 375 -0.81 29.10 14.62
CA ARG B 375 -0.77 28.13 15.71
C ARG B 375 0.51 27.31 15.68
N GLY B 376 0.94 26.88 14.49
CA GLY B 376 2.18 26.12 14.41
C GLY B 376 3.39 26.95 14.81
N ALA B 377 3.48 28.18 14.31
CA ALA B 377 4.66 28.97 14.59
C ALA B 377 4.75 29.40 16.04
N ARG B 378 3.62 29.70 16.67
CA ARG B 378 3.66 30.07 18.07
C ARG B 378 3.99 28.86 18.94
N LEU B 379 3.42 27.70 18.62
CA LEU B 379 3.74 26.49 19.37
C LEU B 379 5.21 26.10 19.18
N ALA B 380 5.73 26.29 17.96
CA ALA B 380 7.15 26.00 17.75
C ALA B 380 8.02 26.93 18.59
N ALA B 381 7.61 28.19 18.73
CA ALA B 381 8.35 29.10 19.61
C ALA B 381 8.26 28.66 21.06
N ALA B 382 7.11 28.13 21.50
CA ALA B 382 7.03 27.66 22.87
C ALA B 382 8.00 26.52 23.13
N GLY B 383 8.28 25.71 22.11
CA GLY B 383 9.24 24.64 22.27
C GLY B 383 10.66 25.16 22.39
N ILE B 384 11.05 26.09 21.53
CA ILE B 384 12.37 26.70 21.69
C ILE B 384 12.49 27.36 23.05
N TYR B 385 11.44 28.05 23.49
CA TYR B 385 11.48 28.63 24.83
C TYR B 385 11.71 27.56 25.89
N GLY B 386 11.04 26.41 25.75
CA GLY B 386 11.26 25.30 26.67
C GLY B 386 12.69 24.82 26.66
N ILE B 387 13.32 24.78 25.49
CA ILE B 387 14.73 24.42 25.43
C ILE B 387 15.57 25.43 26.20
N LEU B 388 15.38 26.72 25.91
CA LEU B 388 16.14 27.77 26.58
C LEU B 388 15.95 27.71 28.09
N LYS B 389 14.74 27.38 28.55
CA LYS B 389 14.53 27.20 29.98
C LYS B 389 15.32 26.02 30.51
N LYS B 390 15.46 24.97 29.70
CA LYS B 390 16.25 23.81 30.10
C LYS B 390 17.73 24.17 30.22
N LEU B 391 18.25 24.97 29.29
CA LEU B 391 19.62 25.45 29.41
C LEU B 391 19.77 26.63 30.38
N GLY B 392 18.69 27.04 31.06
CA GLY B 392 18.77 28.21 31.93
C GLY B 392 19.13 29.48 31.20
N ARG B 393 18.70 29.60 29.97
CA ARG B 393 18.97 30.76 29.21
C ARG B 393 17.75 31.58 28.90
N ASP B 394 16.63 31.34 29.59
CA ASP B 394 15.43 32.17 29.47
C ASP B 394 15.51 33.47 30.27
N ARG B 395 16.47 33.52 31.14
CA ARG B 395 16.62 34.64 31.97
C ARG B 395 18.01 35.13 31.93
N VAL B 396 18.17 36.35 32.42
CA VAL B 396 19.45 36.99 32.50
C VAL B 396 19.99 36.52 33.82
N PRO B 397 21.24 36.14 33.85
CA PRO B 397 21.85 35.72 35.11
C PRO B 397 21.54 36.89 35.99
N SER B 398 21.11 36.65 37.23
CA SER B 398 20.75 37.77 38.07
C SER B 398 21.78 38.20 39.08
N ASP B 399 22.77 38.94 38.61
CA ASP B 399 23.80 39.46 39.44
C ASP B 399 23.61 40.98 39.47
N GLY B 400 24.14 41.74 38.50
CA GLY B 400 24.90 41.24 37.40
C GLY B 400 24.30 41.76 36.13
N SER B 401 24.86 41.40 34.98
CA SER B 401 25.99 40.51 34.87
C SER B 401 26.16 40.27 33.37
N GLN B 402 27.11 39.41 32.99
CA GLN B 402 27.31 39.13 31.59
C GLN B 402 26.13 38.46 30.89
N LYS B 403 25.81 39.00 29.74
CA LYS B 403 24.75 38.47 28.89
C LYS B 403 25.28 37.25 28.12
N GLN B 404 25.01 36.02 28.55
CA GLN B 404 25.51 34.86 27.77
C GLN B 404 24.83 34.70 26.43
N ARG B 405 25.56 34.81 25.33
CA ARG B 405 25.01 34.69 23.98
C ARG B 405 24.66 33.29 23.61
N THR B 406 23.40 33.06 23.31
CA THR B 406 22.94 31.71 22.98
C THR B 406 22.42 31.69 21.55
N VAL B 407 23.00 30.84 20.71
CA VAL B 407 22.62 30.74 19.31
C VAL B 407 21.82 29.45 19.11
N ILE B 408 20.72 29.54 18.39
CA ILE B 408 19.92 28.38 18.06
C ILE B 408 19.90 28.26 16.55
N ALA B 409 20.47 27.17 16.03
CA ALA B 409 20.54 26.97 14.60
C ALA B 409 19.21 26.40 14.09
N LEU B 410 18.70 26.97 13.01
CA LEU B 410 17.43 26.53 12.45
C LEU B 410 17.65 26.05 11.03
N ASP B 411 16.94 24.99 10.67
CA ASP B 411 17.12 24.29 9.41
C ASP B 411 15.76 23.74 8.98
N GLY B 412 15.55 23.67 7.68
CA GLY B 412 14.31 23.12 7.16
C GLY B 412 13.63 24.06 6.20
N GLY B 413 12.91 23.48 5.23
CA GLY B 413 12.25 24.30 4.22
C GLY B 413 11.10 25.12 4.77
N LEU B 414 10.37 24.60 5.75
CA LEU B 414 9.36 25.39 6.43
C LEU B 414 9.93 26.71 6.94
N TYR B 415 10.94 26.64 7.81
CA TYR B 415 11.50 27.86 8.37
C TYR B 415 12.13 28.73 7.28
N GLU B 416 12.82 28.11 6.32
CA GLU B 416 13.57 28.88 5.34
C GLU B 416 12.68 29.57 4.32
N HIS B 417 11.56 28.96 3.93
CA HIS B 417 10.79 29.42 2.78
C HIS B 417 9.40 29.93 3.11
N TYR B 418 8.94 29.81 4.34
CA TYR B 418 7.61 30.29 4.72
C TYR B 418 7.83 31.57 5.54
N LYS B 419 7.92 32.68 4.89
CA LYS B 419 8.20 33.91 5.57
C LYS B 419 7.33 34.24 6.73
N LYS B 420 6.05 34.31 6.55
CA LYS B 420 5.17 34.62 7.65
C LYS B 420 5.33 33.68 8.81
N PHE B 421 5.62 32.43 8.55
CA PHE B 421 5.86 31.48 9.64
C PHE B 421 7.10 31.86 10.42
N ARG B 422 8.15 32.20 9.74
CA ARG B 422 9.37 32.55 10.42
C ARG B 422 9.32 33.80 11.26
N THR B 423 8.78 34.86 10.71
CA THR B 423 8.68 36.09 11.49
C THR B 423 7.70 35.95 12.63
N CYS B 424 6.67 35.12 12.47
CA CYS B 424 5.78 34.85 13.59
C CYS B 424 6.47 33.96 14.63
N LEU B 425 7.32 33.04 14.18
CA LEU B 425 8.11 32.23 15.11
C LEU B 425 9.00 33.13 15.96
N GLU B 426 9.74 34.04 15.31
CA GLU B 426 10.74 34.83 16.01
C GLU B 426 10.11 35.90 16.89
N ALA B 427 9.02 36.51 16.45
CA ALA B 427 8.33 37.50 17.27
C ALA B 427 7.81 36.86 18.56
N THR B 428 7.23 35.67 18.45
CA THR B 428 6.71 35.01 19.63
C THR B 428 7.83 34.60 20.59
N LEU B 429 8.93 34.09 20.05
CA LEU B 429 10.06 33.73 20.90
C LEU B 429 10.58 34.96 21.64
N ALA B 430 10.72 36.07 20.94
CA ALA B 430 11.09 37.32 21.58
C ALA B 430 10.05 37.75 22.62
N ASP B 431 8.79 37.53 22.38
CA ASP B 431 7.80 37.90 23.37
C ASP B 431 7.81 36.93 24.53
N LEU B 432 8.12 35.67 24.32
CA LEU B 432 8.20 34.74 25.44
C LEU B 432 9.36 35.07 26.36
N LEU B 433 10.54 35.28 25.80
CA LEU B 433 11.62 35.90 26.52
C LEU B 433 11.23 37.33 26.88
N GLY B 434 11.94 37.91 27.83
CA GLY B 434 11.76 39.33 28.06
C GLY B 434 12.41 40.14 26.96
N GLU B 435 12.29 41.46 27.02
CA GLU B 435 13.03 42.31 26.12
C GLU B 435 14.44 42.26 26.58
N GLU B 436 14.66 41.91 27.84
CA GLU B 436 16.03 41.82 28.33
C GLU B 436 16.71 40.54 27.99
N ALA B 437 15.96 39.47 28.08
CA ALA B 437 16.54 38.18 27.73
C ALA B 437 16.62 37.95 26.22
N ALA B 438 15.64 38.45 25.45
CA ALA B 438 15.64 38.23 24.01
C ALA B 438 16.86 38.81 23.35
N SER B 439 17.40 39.91 23.88
CA SER B 439 18.57 40.55 23.29
C SER B 439 19.81 39.68 23.38
N SER B 440 19.69 38.48 23.94
CA SER B 440 20.80 37.57 24.07
C SER B 440 20.68 36.29 23.25
N VAL B 441 19.55 36.05 22.60
CA VAL B 441 19.31 34.82 21.87
C VAL B 441 19.35 35.11 20.38
N VAL B 442 20.08 34.28 19.64
CA VAL B 442 20.24 34.43 18.20
C VAL B 442 19.63 33.23 17.51
N VAL B 443 18.82 33.49 16.49
CA VAL B 443 18.24 32.44 15.66
C VAL B 443 18.97 32.48 14.32
N LYS B 444 19.88 31.57 14.10
CA LYS B 444 20.64 31.58 12.89
C LYS B 444 20.14 30.61 11.92
N LEU B 445 20.19 30.94 10.66
CA LEU B 445 19.82 30.03 9.58
C LEU B 445 21.02 29.15 9.27
N ALA B 446 20.85 27.84 9.42
CA ALA B 446 21.91 26.87 9.12
C ALA B 446 21.32 25.80 8.20
N ASN B 447 20.80 26.20 7.06
CA ASN B 447 20.18 25.27 6.13
C ASN B 447 21.00 24.10 5.66
N ASP B 448 20.47 22.91 5.85
CA ASP B 448 21.16 21.66 5.52
C ASP B 448 22.51 21.57 6.24
N GLY B 449 22.54 22.02 7.48
CA GLY B 449 23.78 21.98 8.20
C GLY B 449 24.13 20.62 8.75
N SER B 450 23.21 19.67 8.64
CA SER B 450 23.49 18.30 9.06
C SER B 450 24.37 17.56 8.06
N GLY B 451 24.47 18.06 6.83
CA GLY B 451 25.41 17.50 5.87
C GLY B 451 26.84 17.71 6.30
N ILE B 452 27.28 18.94 6.33
CA ILE B 452 28.62 19.15 6.78
C ILE B 452 28.79 18.80 8.24
N GLY B 453 27.78 18.95 9.04
CA GLY B 453 27.91 18.53 10.43
C GLY B 453 28.21 17.06 10.56
N ALA B 454 27.58 16.23 9.73
CA ALA B 454 27.87 14.81 9.78
C ALA B 454 29.26 14.52 9.24
N ALA B 455 29.74 15.30 8.27
CA ALA B 455 31.10 15.15 7.80
C ALA B 455 32.10 15.52 8.89
N LEU B 456 31.80 16.59 9.63
CA LEU B 456 32.71 17.03 10.70
C LEU B 456 32.80 15.99 11.81
N LEU B 457 31.68 15.39 12.16
CA LEU B 457 31.68 14.38 13.21
C LEU B 457 32.32 13.08 12.72
N ALA B 458 32.22 12.81 11.42
CA ALA B 458 32.96 11.67 10.88
C ALA B 458 34.46 11.94 10.93
N ALA B 459 34.86 13.19 10.74
CA ALA B 459 36.27 13.56 10.85
C ALA B 459 36.81 13.29 12.25
N SER B 460 36.16 13.85 13.27
CA SER B 460 36.60 13.67 14.65
C SER B 460 36.45 12.25 15.16
N HIS B 461 36.02 11.29 14.33
CA HIS B 461 35.91 9.90 14.75
C HIS B 461 36.49 9.00 13.67
N SER B 462 37.51 9.48 12.98
CA SER B 462 38.15 8.76 11.89
C SER B 462 38.86 7.53 12.46
N GLN B 463 39.60 6.84 11.61
CA GLN B 463 40.07 5.51 11.98
C GLN B 463 41.55 5.43 12.44
N TYR B 464 42.51 6.14 11.82
CA TYR B 464 42.47 7.15 10.73
C TYR B 464 42.52 6.78 9.18
N ALA B 465 41.81 5.77 8.72
CA ALA B 465 41.80 5.43 7.30
C ALA B 465 41.04 4.16 6.97
N GLU C 1 -37.85 7.66 -23.46
CA GLU C 1 -36.53 8.05 -23.93
C GLU C 1 -35.85 6.74 -24.23
N GLU C 2 -34.77 6.74 -25.01
CA GLU C 2 -34.10 5.48 -25.25
C GLU C 2 -33.43 5.26 -23.96
N ARG C 3 -32.77 6.29 -23.45
CA ARG C 3 -32.10 6.16 -22.17
C ARG C 3 -32.98 5.52 -21.12
N ARG C 4 -34.27 5.50 -21.34
CA ARG C 4 -35.17 4.90 -20.38
C ARG C 4 -35.20 3.40 -20.47
N ARG C 5 -35.19 2.87 -21.68
CA ARG C 5 -35.19 1.43 -21.81
C ARG C 5 -33.83 0.82 -21.55
N ARG C 6 -32.78 1.61 -21.72
CA ARG C 6 -31.42 1.19 -21.48
C ARG C 6 -31.37 0.87 -20.01
N ALA C 7 -31.84 1.80 -19.24
CA ALA C 7 -31.82 1.64 -17.79
C ALA C 7 -32.65 0.44 -17.34
N ALA C 8 -33.79 0.19 -18.01
CA ALA C 8 -34.62 -0.95 -17.64
C ALA C 8 -33.91 -2.27 -17.89
N ALA C 9 -33.08 -2.35 -18.94
CA ALA C 9 -32.35 -3.57 -19.22
C ALA C 9 -31.32 -3.87 -18.12
N VAL C 10 -30.67 -2.83 -17.61
CA VAL C 10 -29.70 -3.04 -16.53
C VAL C 10 -30.41 -3.54 -15.30
N ILE C 11 -31.47 -2.85 -14.87
CA ILE C 11 -32.25 -3.28 -13.73
C ILE C 11 -32.85 -4.66 -13.95
N GLU C 12 -33.19 -4.99 -15.20
CA GLU C 12 -33.74 -6.30 -15.47
C GLU C 12 -32.74 -7.39 -15.14
N GLU C 13 -31.50 -7.27 -15.63
CA GLU C 13 -30.54 -8.34 -15.36
C GLU C 13 -30.11 -8.34 -13.89
N VAL C 14 -30.19 -7.20 -13.21
CA VAL C 14 -29.95 -7.21 -11.76
C VAL C 14 -30.99 -8.07 -11.06
N GLU C 15 -32.27 -7.87 -11.39
CA GLU C 15 -33.34 -8.67 -10.80
C GLU C 15 -33.18 -10.16 -11.10
N GLN C 16 -32.77 -10.51 -12.29
CA GLN C 16 -32.60 -11.87 -12.62
C GLN C 16 -31.42 -12.57 -12.06
N ARG C 17 -30.33 -11.86 -11.86
CA ARG C 17 -29.21 -12.50 -11.29
C ARG C 17 -29.38 -12.56 -9.82
N PHE C 18 -29.79 -11.46 -9.20
CA PHE C 18 -29.97 -11.38 -7.75
C PHE C 18 -31.17 -12.18 -7.25
N SER C 19 -31.93 -12.80 -8.15
CA SER C 19 -33.16 -13.47 -7.76
C SER C 19 -32.87 -14.58 -6.76
N THR C 20 -33.60 -14.56 -5.65
CA THR C 20 -33.47 -15.58 -4.60
C THR C 20 -34.85 -16.11 -4.24
N PRO C 21 -35.46 -16.90 -5.11
CA PRO C 21 -36.71 -17.57 -4.75
C PRO C 21 -36.49 -18.56 -3.61
N THR C 22 -37.46 -18.70 -2.75
CA THR C 22 -37.32 -19.59 -1.62
C THR C 22 -36.93 -21.02 -1.99
N ALA C 23 -37.33 -21.50 -3.15
CA ALA C 23 -36.84 -22.81 -3.59
C ALA C 23 -35.31 -22.84 -3.67
N LEU C 24 -34.71 -21.77 -4.19
CA LEU C 24 -33.26 -21.70 -4.28
C LEU C 24 -32.63 -21.60 -2.89
N LEU C 25 -33.28 -20.86 -1.99
CA LEU C 25 -32.75 -20.69 -0.64
C LEU C 25 -32.67 -22.02 0.09
N ARG C 26 -33.62 -22.93 -0.15
CA ARG C 26 -33.56 -24.23 0.51
C ARG C 26 -32.42 -25.07 -0.02
N GLY C 27 -32.15 -24.98 -1.34
CA GLY C 27 -31.00 -25.66 -1.90
C GLY C 27 -29.69 -25.09 -1.42
N ILE C 28 -29.66 -23.79 -1.13
CA ILE C 28 -28.46 -23.15 -0.58
C ILE C 28 -28.25 -23.59 0.86
N ALA C 29 -29.31 -23.59 1.66
CA ALA C 29 -29.20 -24.14 3.01
C ALA C 29 -28.77 -25.60 2.97
N ASP C 30 -29.29 -26.37 2.02
CA ASP C 30 -28.83 -27.74 1.84
C ASP C 30 -27.34 -27.75 1.51
N ALA C 31 -26.90 -26.82 0.67
CA ALA C 31 -25.47 -26.76 0.34
C ALA C 31 -24.64 -26.34 1.56
N MET C 32 -25.17 -25.43 2.37
CA MET C 32 -24.49 -25.01 3.59
C MET C 32 -24.19 -26.22 4.48
N VAL C 33 -25.20 -27.08 4.69
CA VAL C 33 -25.02 -28.25 5.55
C VAL C 33 -24.01 -29.21 4.93
N GLU C 34 -24.01 -29.38 3.62
CA GLU C 34 -23.06 -30.23 2.95
C GLU C 34 -21.66 -29.72 3.20
N GLU C 35 -21.52 -28.42 3.25
CA GLU C 35 -20.20 -27.86 3.49
C GLU C 35 -19.81 -27.93 4.97
N MET C 36 -20.78 -27.85 5.88
CA MET C 36 -20.48 -28.04 7.29
C MET C 36 -19.95 -29.44 7.53
N GLU C 37 -20.42 -30.40 6.83
CA GLU C 37 -19.96 -31.71 7.02
C GLU C 37 -18.61 -31.92 6.49
N ARG C 38 -18.29 -31.31 5.36
CA ARG C 38 -16.95 -31.38 4.80
C ARG C 38 -15.93 -30.75 5.73
N GLY C 39 -16.25 -29.57 6.27
CA GLY C 39 -15.29 -28.90 7.13
C GLY C 39 -15.05 -29.63 8.43
N LEU C 40 -16.07 -30.32 8.94
CA LEU C 40 -15.91 -31.03 10.20
C LEU C 40 -15.08 -32.30 10.03
N ARG C 41 -14.93 -32.80 8.82
CA ARG C 41 -14.08 -33.96 8.60
C ARG C 41 -12.74 -33.59 7.97
N ALA C 42 -12.35 -32.31 8.06
CA ALA C 42 -11.05 -31.83 7.59
C ALA C 42 -10.86 -32.09 6.10
N ASP C 43 -11.95 -32.02 5.34
CA ASP C 43 -11.86 -32.20 3.90
C ASP C 43 -10.88 -31.19 3.32
N PRO C 44 -10.05 -31.58 2.36
CA PRO C 44 -9.18 -30.59 1.72
C PRO C 44 -10.03 -29.69 0.84
N HIS C 45 -9.68 -28.40 0.81
CA HIS C 45 -10.36 -27.36 0.05
C HIS C 45 -11.75 -27.06 0.58
N ALA C 46 -12.07 -27.48 1.80
CA ALA C 46 -13.36 -27.19 2.36
C ALA C 46 -13.51 -25.68 2.52
N PRO C 47 -14.50 -25.06 1.88
CA PRO C 47 -14.70 -23.61 2.07
C PRO C 47 -14.96 -23.23 3.52
N LEU C 48 -15.76 -24.01 4.22
CA LEU C 48 -16.01 -23.77 5.64
C LEU C 48 -14.89 -24.40 6.48
N LYS C 49 -14.16 -23.58 7.22
CA LYS C 49 -13.06 -24.13 8.02
C LYS C 49 -13.58 -24.94 9.20
N MET C 50 -14.74 -24.58 9.75
CA MET C 50 -15.35 -25.28 10.89
C MET C 50 -14.32 -25.50 12.00
N LEU C 51 -13.94 -24.40 12.62
CA LEU C 51 -12.81 -24.38 13.54
C LEU C 51 -13.21 -24.81 14.94
N ILE C 52 -12.53 -25.83 15.47
CA ILE C 52 -12.67 -26.18 16.88
C ILE C 52 -12.26 -24.99 17.73
N SER C 53 -13.14 -24.58 18.63
CA SER C 53 -12.88 -23.38 19.42
C SER C 53 -12.31 -23.69 20.80
N TYR C 54 -12.31 -24.97 21.21
CA TYR C 54 -11.91 -25.44 22.52
C TYR C 54 -12.79 -24.92 23.65
N VAL C 55 -13.91 -24.27 23.34
CA VAL C 55 -14.91 -23.91 24.35
C VAL C 55 -15.89 -25.08 24.46
N ASP C 56 -15.79 -25.88 25.46
CA ASP C 56 -16.78 -26.91 25.51
C ASP C 56 -17.87 -26.60 26.54
N ASN C 57 -17.59 -25.74 27.51
CA ASN C 57 -18.59 -25.44 28.53
C ASN C 57 -18.89 -23.95 28.46
N LEU C 58 -20.06 -23.61 27.92
CA LEU C 58 -20.51 -22.24 27.84
C LEU C 58 -20.85 -21.71 29.23
N PRO C 59 -20.91 -20.38 29.39
CA PRO C 59 -21.17 -19.82 30.71
C PRO C 59 -22.42 -20.40 31.37
N THR C 60 -22.35 -20.55 32.68
CA THR C 60 -23.44 -21.12 33.49
C THR C 60 -24.18 -20.18 34.38
N GLY C 61 -23.57 -19.07 34.68
CA GLY C 61 -24.09 -18.14 35.65
C GLY C 61 -23.27 -18.10 36.93
N ASP C 62 -22.54 -19.17 37.24
CA ASP C 62 -21.75 -19.27 38.47
C ASP C 62 -20.46 -18.47 38.40
N GLU C 63 -20.23 -17.67 37.37
CA GLU C 63 -18.94 -17.02 37.22
C GLU C 63 -18.77 -15.91 38.25
N HIS C 64 -17.57 -15.85 38.83
CA HIS C 64 -17.28 -15.02 40.00
C HIS C 64 -15.90 -14.41 39.85
N GLY C 65 -15.79 -13.10 40.10
CA GLY C 65 -14.51 -12.44 40.17
C GLY C 65 -14.44 -11.21 39.29
N LEU C 66 -13.22 -10.73 39.08
CA LEU C 66 -12.94 -9.56 38.26
C LEU C 66 -12.18 -9.99 37.02
N PHE C 67 -12.72 -9.67 35.85
CA PHE C 67 -12.13 -10.08 34.58
C PHE C 67 -12.28 -8.99 33.53
N TYR C 68 -11.24 -8.81 32.73
CA TYR C 68 -11.23 -7.89 31.61
C TYR C 68 -11.47 -8.63 30.29
N ALA C 69 -11.82 -7.86 29.26
CA ALA C 69 -11.98 -8.41 27.91
C ALA C 69 -11.54 -7.38 26.88
N LEU C 70 -10.87 -7.86 25.84
CA LEU C 70 -10.49 -7.07 24.67
C LEU C 70 -11.23 -7.60 23.46
N ASP C 71 -11.93 -6.73 22.74
CA ASP C 71 -12.80 -7.12 21.63
C ASP C 71 -12.32 -6.44 20.35
N LEU C 72 -11.89 -7.24 19.39
CA LEU C 72 -11.45 -6.76 18.08
C LEU C 72 -12.03 -7.69 17.02
N GLY C 73 -12.78 -7.17 16.05
CA GLY C 73 -13.02 -5.78 15.83
C GLY C 73 -12.69 -5.49 14.37
N GLY C 74 -13.69 -5.29 13.53
CA GLY C 74 -13.43 -5.00 12.14
C GLY C 74 -13.26 -3.52 11.90
N THR C 75 -14.08 -2.73 12.60
CA THR C 75 -14.06 -1.27 12.51
C THR C 75 -13.68 -0.60 13.82
N ASN C 76 -13.90 -1.24 14.94
CA ASN C 76 -13.64 -0.67 16.24
C ASN C 76 -13.04 -1.76 17.11
N PHE C 77 -12.60 -1.37 18.29
CA PHE C 77 -12.30 -2.34 19.32
C PHE C 77 -12.71 -1.73 20.65
N ARG C 78 -13.09 -2.60 21.57
CA ARG C 78 -13.53 -2.16 22.87
C ARG C 78 -12.78 -2.92 23.95
N VAL C 79 -12.56 -2.23 25.06
CA VAL C 79 -11.98 -2.80 26.27
C VAL C 79 -13.09 -2.84 27.29
N ILE C 80 -13.31 -4.02 27.88
CA ILE C 80 -14.40 -4.26 28.81
C ILE C 80 -13.81 -4.67 30.14
N ARG C 81 -14.60 -4.47 31.20
CA ARG C 81 -14.17 -4.81 32.55
C ARG C 81 -15.41 -5.09 33.37
N VAL C 82 -15.48 -6.30 33.96
CA VAL C 82 -16.65 -6.74 34.71
C VAL C 82 -16.22 -7.34 36.03
N GLN C 83 -17.07 -7.19 37.04
CA GLN C 83 -16.85 -7.81 38.34
C GLN C 83 -18.04 -8.73 38.40
N LEU C 84 -17.82 -10.03 38.34
CA LEU C 84 -18.85 -11.07 38.37
C LEU C 84 -19.10 -11.56 39.80
N GLY C 85 -20.38 -11.68 40.16
CA GLY C 85 -20.79 -11.98 41.53
C GLY C 85 -21.21 -13.41 41.83
N GLY C 86 -21.70 -14.13 40.84
CA GLY C 86 -22.05 -15.52 40.99
C GLY C 86 -23.45 -15.79 40.51
N ARG C 87 -23.95 -16.96 40.82
CA ARG C 87 -25.28 -17.32 40.35
C ARG C 87 -26.33 -16.33 40.68
N GLU C 88 -26.23 -15.75 41.84
CA GLU C 88 -27.26 -14.83 42.19
C GLU C 88 -27.00 -13.42 41.79
N LYS C 89 -25.82 -12.92 42.12
CA LYS C 89 -25.51 -11.54 41.81
C LYS C 89 -25.14 -11.23 40.36
N ARG C 90 -24.48 -12.18 39.72
CA ARG C 90 -24.16 -12.08 38.29
C ARG C 90 -23.28 -10.85 38.06
N VAL C 91 -23.62 -9.95 37.15
CA VAL C 91 -22.76 -8.84 36.78
C VAL C 91 -22.95 -7.69 37.77
N VAL C 92 -22.00 -7.55 38.68
CA VAL C 92 -22.11 -6.53 39.73
C VAL C 92 -21.81 -5.15 39.16
N SER C 93 -20.69 -5.01 38.46
CA SER C 93 -20.28 -3.76 37.84
C SER C 93 -19.71 -4.04 36.46
N GLN C 94 -19.88 -3.09 35.56
CA GLN C 94 -19.35 -3.19 34.23
C GLN C 94 -18.99 -1.84 33.67
N GLN C 95 -17.83 -1.76 33.05
CA GLN C 95 -17.38 -0.55 32.37
C GLN C 95 -16.76 -0.94 31.03
N TYR C 96 -16.90 -0.05 30.05
CA TYR C 96 -16.36 -0.34 28.72
C TYR C 96 -15.97 0.96 28.02
N GLU C 97 -15.15 0.78 27.04
CA GLU C 97 -14.66 1.80 26.19
C GLU C 97 -14.55 1.30 24.76
N GLU C 98 -15.08 2.03 23.83
CA GLU C 98 -14.96 1.65 22.43
C GLU C 98 -14.10 2.66 21.68
N VAL C 99 -13.20 2.17 20.85
CA VAL C 99 -12.29 3.03 20.09
C VAL C 99 -12.33 2.61 18.63
N ALA C 100 -12.43 3.59 17.73
CA ALA C 100 -12.46 3.32 16.30
C ALA C 100 -11.05 3.02 15.80
N ILE C 101 -10.92 1.97 15.00
CA ILE C 101 -9.64 1.57 14.46
C ILE C 101 -9.19 2.52 13.36
N PRO C 102 -8.06 3.22 13.54
CA PRO C 102 -7.54 4.05 12.45
C PRO C 102 -7.26 3.20 11.22
N PRO C 103 -7.63 3.71 10.04
CA PRO C 103 -7.56 2.88 8.83
C PRO C 103 -6.18 2.30 8.54
N HIS C 104 -5.11 3.02 8.81
CA HIS C 104 -3.80 2.49 8.46
C HIS C 104 -3.46 1.24 9.27
N LEU C 105 -3.89 1.19 10.54
CA LEU C 105 -3.60 0.06 11.41
C LEU C 105 -4.25 -1.23 10.95
N MET C 106 -5.10 -1.17 9.93
CA MET C 106 -5.63 -2.37 9.29
C MET C 106 -4.67 -2.96 8.28
N VAL C 107 -3.70 -2.18 7.79
CA VAL C 107 -2.86 -2.61 6.68
C VAL C 107 -1.40 -2.31 6.93
N GLY C 108 -1.02 -2.09 8.19
CA GLY C 108 0.37 -1.77 8.46
C GLY C 108 1.17 -2.92 9.05
N THR C 109 1.86 -2.64 10.15
CA THR C 109 2.66 -3.61 10.88
C THR C 109 1.85 -4.18 12.03
N SER C 110 1.98 -5.48 12.27
CA SER C 110 1.19 -6.07 13.35
C SER C 110 1.58 -5.50 14.69
N MET C 111 2.84 -5.11 14.85
CA MET C 111 3.25 -4.47 16.09
C MET C 111 2.58 -3.11 16.27
N GLU C 112 2.28 -2.39 15.17
CA GLU C 112 1.55 -1.13 15.30
C GLU C 112 0.11 -1.39 15.73
N LEU C 113 -0.52 -2.43 15.19
CA LEU C 113 -1.88 -2.75 15.58
C LEU C 113 -1.96 -3.10 17.06
N PHE C 114 -1.15 -4.06 17.50
CA PHE C 114 -1.26 -4.52 18.88
C PHE C 114 -0.69 -3.50 19.85
N ASP C 115 0.24 -2.66 19.40
CA ASP C 115 0.72 -1.57 20.27
C ASP C 115 -0.38 -0.55 20.48
N PHE C 116 -1.16 -0.27 19.45
CA PHE C 116 -2.25 0.68 19.61
C PHE C 116 -3.28 0.16 20.59
N ILE C 117 -3.68 -1.11 20.45
CA ILE C 117 -4.74 -1.59 21.32
C ILE C 117 -4.20 -1.86 22.72
N ALA C 118 -2.94 -2.28 22.84
CA ALA C 118 -2.38 -2.47 24.18
C ALA C 118 -2.24 -1.13 24.90
N ALA C 119 -2.03 -0.04 24.17
CA ALA C 119 -1.89 1.27 24.80
C ALA C 119 -3.23 1.81 25.29
N GLU C 120 -4.32 1.45 24.64
CA GLU C 120 -5.62 1.87 25.13
C GLU C 120 -6.06 1.00 26.28
N LEU C 121 -5.62 -0.23 26.29
CA LEU C 121 -5.87 -1.11 27.36
C LEU C 121 -5.14 -0.60 28.61
N GLU C 122 -3.90 -0.21 28.50
CA GLU C 122 -3.11 0.33 29.61
C GLU C 122 -3.83 1.48 30.29
N SER C 123 -4.17 2.53 29.53
CA SER C 123 -4.84 3.67 30.13
C SER C 123 -6.21 3.33 30.68
N PHE C 124 -6.76 2.18 30.31
CA PHE C 124 -8.07 1.77 30.80
C PHE C 124 -7.97 1.07 32.15
N VAL C 125 -6.97 0.20 32.34
CA VAL C 125 -6.85 -0.45 33.64
C VAL C 125 -6.29 0.51 34.67
N LYS C 126 -5.67 1.58 34.21
CA LYS C 126 -5.10 2.59 35.03
C LYS C 126 -6.14 3.40 35.68
N THR C 127 -7.32 3.31 35.16
CA THR C 127 -8.47 4.03 35.70
C THR C 127 -9.44 3.08 36.39
N GLU C 128 -8.98 1.90 36.79
CA GLU C 128 -9.84 0.91 37.43
C GLU C 128 -10.38 1.48 38.73
N GLY C 129 -11.70 1.63 38.80
CA GLY C 129 -12.32 2.28 39.93
C GLY C 129 -12.37 1.41 41.17
N GLU C 130 -13.15 1.86 42.15
CA GLU C 130 -13.32 1.18 43.42
C GLU C 130 -14.33 0.02 43.36
N ASP C 131 -15.12 -0.06 42.31
CA ASP C 131 -16.13 -1.09 42.19
C ASP C 131 -15.56 -2.42 41.72
N PHE C 132 -14.30 -2.42 41.31
CA PHE C 132 -13.61 -3.60 40.83
C PHE C 132 -12.43 -3.87 41.75
N HIS C 133 -12.45 -5.00 42.43
CA HIS C 133 -11.39 -5.33 43.37
C HIS C 133 -10.70 -6.60 42.91
N LEU C 134 -9.38 -6.59 42.91
CA LEU C 134 -8.51 -7.67 42.52
C LEU C 134 -7.72 -8.10 43.73
N PRO C 135 -7.90 -9.31 44.23
CA PRO C 135 -7.17 -9.71 45.44
C PRO C 135 -5.66 -9.55 45.28
N GLU C 136 -5.01 -9.27 46.39
CA GLU C 136 -3.58 -9.04 46.47
C GLU C 136 -2.75 -10.13 45.81
N GLY C 137 -1.67 -9.77 45.11
CA GLY C 137 -0.80 -10.74 44.49
C GLY C 137 -1.34 -11.34 43.21
N ARG C 138 -2.63 -11.19 42.99
CA ARG C 138 -3.24 -11.74 41.79
C ARG C 138 -2.89 -11.04 40.52
N GLN C 139 -3.00 -11.81 39.45
CA GLN C 139 -2.74 -11.29 38.11
C GLN C 139 -4.07 -11.05 37.43
N ARG C 140 -4.25 -9.87 36.84
CA ARG C 140 -5.48 -9.64 36.09
C ARG C 140 -5.51 -10.50 34.84
N GLU C 141 -6.68 -11.04 34.54
CA GLU C 141 -6.83 -11.99 33.46
C GLU C 141 -7.78 -11.44 32.41
N LEU C 142 -7.47 -11.76 31.15
CA LEU C 142 -8.08 -11.17 29.97
C LEU C 142 -8.71 -12.23 29.11
N GLY C 143 -9.91 -11.93 28.62
CA GLY C 143 -10.50 -12.66 27.51
C GLY C 143 -10.36 -11.86 26.23
N PHE C 144 -9.82 -12.51 25.20
CA PHE C 144 -9.48 -11.86 23.93
C PHE C 144 -10.41 -12.36 22.83
N THR C 145 -11.33 -11.51 22.39
CA THR C 145 -12.15 -11.79 21.22
C THR C 145 -11.44 -11.24 19.99
N PHE C 146 -11.14 -12.13 19.05
CA PHE C 146 -10.38 -11.82 17.84
C PHE C 146 -11.25 -12.18 16.64
N SER C 147 -11.85 -11.17 16.00
CA SER C 147 -12.88 -11.39 15.00
C SER C 147 -12.31 -11.77 13.64
N PHE C 148 -11.39 -12.73 13.61
CA PHE C 148 -10.74 -13.19 12.39
C PHE C 148 -10.45 -14.68 12.53
N PRO C 149 -10.37 -15.42 11.42
CA PRO C 149 -10.19 -16.87 11.51
C PRO C 149 -8.86 -17.26 12.13
N VAL C 150 -8.93 -18.10 13.16
CA VAL C 150 -7.77 -18.51 13.95
C VAL C 150 -7.78 -20.02 14.07
N HIS C 151 -6.65 -20.66 13.77
CA HIS C 151 -6.50 -22.08 14.02
C HIS C 151 -6.21 -22.29 15.50
N GLN C 152 -7.20 -22.76 16.23
CA GLN C 152 -7.09 -22.85 17.68
C GLN C 152 -6.18 -24.00 18.08
N THR C 153 -5.29 -23.73 19.03
CA THR C 153 -4.41 -24.76 19.57
C THR C 153 -4.63 -25.00 21.05
N SER C 154 -5.37 -24.12 21.73
CA SER C 154 -5.79 -24.31 23.11
C SER C 154 -6.91 -23.30 23.35
N ILE C 155 -7.43 -23.28 24.57
CA ILE C 155 -8.44 -22.27 24.88
C ILE C 155 -7.85 -20.86 24.79
N SER C 156 -6.53 -20.73 24.89
CA SER C 156 -5.92 -19.40 24.93
C SER C 156 -4.71 -19.30 24.00
N SER C 157 -4.69 -20.08 22.93
CA SER C 157 -3.62 -19.95 21.96
C SER C 157 -4.15 -20.32 20.59
N GLY C 158 -3.63 -19.65 19.56
CA GLY C 158 -4.11 -19.87 18.22
C GLY C 158 -3.36 -19.09 17.15
N THR C 159 -3.28 -19.71 15.98
CA THR C 159 -2.60 -19.18 14.80
C THR C 159 -3.58 -18.44 13.89
N LEU C 160 -3.18 -17.26 13.42
CA LEU C 160 -3.99 -16.55 12.44
C LEU C 160 -3.97 -17.31 11.12
N ILE C 161 -5.16 -17.58 10.58
CA ILE C 161 -5.24 -18.23 9.28
C ILE C 161 -5.17 -17.21 8.16
N LYS C 162 -6.01 -16.19 8.23
CA LYS C 162 -6.02 -15.16 7.20
C LYS C 162 -6.77 -13.95 7.73
N TRP C 163 -6.49 -12.80 7.14
CA TRP C 163 -7.23 -11.59 7.45
C TRP C 163 -8.49 -11.53 6.60
N THR C 164 -9.48 -10.78 7.09
CA THR C 164 -10.73 -10.56 6.38
C THR C 164 -11.16 -9.11 6.60
N LYS C 165 -12.27 -8.78 6.04
CA LYS C 165 -12.88 -7.50 6.17
C LYS C 165 -12.03 -6.29 6.22
N GLY C 166 -11.21 -6.09 5.22
CA GLY C 166 -10.42 -4.89 5.14
C GLY C 166 -9.06 -4.94 5.78
N PHE C 167 -8.77 -5.96 6.55
CA PHE C 167 -7.45 -6.11 7.16
C PHE C 167 -6.50 -6.83 6.21
N SER C 168 -5.24 -6.42 6.23
CA SER C 168 -4.18 -7.08 5.45
C SER C 168 -2.81 -6.74 6.00
N ILE C 169 -2.43 -7.36 7.10
CA ILE C 169 -1.17 -7.08 7.77
C ILE C 169 -0.25 -8.24 7.49
N ASN C 170 0.87 -7.95 6.83
CA ASN C 170 1.86 -8.98 6.55
C ASN C 170 2.50 -9.45 7.85
N GLY C 171 2.91 -10.71 7.86
CA GLY C 171 3.74 -11.22 8.94
C GLY C 171 3.01 -11.75 10.15
N THR C 172 1.67 -11.71 10.17
CA THR C 172 0.91 -12.35 11.23
C THR C 172 0.34 -13.71 10.85
N VAL C 173 0.08 -13.96 9.58
CA VAL C 173 -0.43 -15.25 9.16
C VAL C 173 0.54 -16.33 9.64
N GLY C 174 0.02 -17.28 10.40
CA GLY C 174 0.83 -18.35 10.97
C GLY C 174 1.30 -18.10 12.38
N GLU C 175 1.19 -16.88 12.89
CA GLU C 175 1.70 -16.50 14.20
C GLU C 175 0.62 -16.60 15.28
N ASP C 176 1.05 -16.82 16.52
CA ASP C 176 0.12 -16.89 17.62
C ASP C 176 -0.39 -15.49 17.97
N VAL C 177 -1.70 -15.29 17.88
CA VAL C 177 -2.23 -13.95 18.08
C VAL C 177 -2.22 -13.57 19.56
N VAL C 178 -2.30 -14.55 20.47
CA VAL C 178 -2.24 -14.23 21.89
C VAL C 178 -0.82 -13.85 22.29
N ALA C 179 0.18 -14.53 21.73
CA ALA C 179 1.57 -14.14 21.98
C ALA C 179 1.84 -12.73 21.46
N GLU C 180 1.24 -12.37 20.33
CA GLU C 180 1.51 -11.07 19.75
C GLU C 180 0.90 -9.96 20.61
N LEU C 181 -0.29 -10.20 21.17
CA LEU C 181 -0.89 -9.25 22.10
C LEU C 181 -0.16 -9.21 23.44
N SER C 182 0.26 -10.37 23.94
CA SER C 182 0.96 -10.39 25.22
C SER C 182 2.26 -9.62 25.15
N ARG C 183 3.01 -9.80 24.06
CA ARG C 183 4.23 -9.03 23.87
C ARG C 183 3.92 -7.54 23.92
N ALA C 184 2.82 -7.13 23.27
CA ALA C 184 2.49 -5.71 23.22
C ALA C 184 2.11 -5.18 24.59
N MET C 185 1.40 -5.97 25.39
CA MET C 185 1.05 -5.52 26.74
C MET C 185 2.29 -5.40 27.62
N GLU C 186 3.25 -6.32 27.44
CA GLU C 186 4.51 -6.23 28.18
C GLU C 186 5.28 -4.98 27.77
N ARG C 187 5.38 -4.71 26.46
CA ARG C 187 5.99 -3.46 26.01
C ARG C 187 5.31 -2.23 26.58
N GLN C 188 4.14 -2.41 27.18
CA GLN C 188 3.39 -1.31 27.78
C GLN C 188 3.48 -1.37 29.29
N GLY C 189 4.25 -2.29 29.86
CA GLY C 189 4.37 -2.46 31.28
C GLY C 189 3.07 -2.85 31.95
N LEU C 190 2.49 -3.94 31.50
CA LEU C 190 1.12 -4.28 31.85
C LEU C 190 1.10 -5.76 32.23
N ASP C 191 0.71 -6.05 33.47
CA ASP C 191 0.61 -7.43 33.97
C ASP C 191 -0.78 -7.96 33.72
N MET C 192 -0.92 -8.68 32.63
CA MET C 192 -2.18 -9.26 32.28
C MET C 192 -1.93 -10.55 31.50
N LYS C 193 -2.72 -11.55 31.83
CA LYS C 193 -2.66 -12.80 31.14
C LYS C 193 -3.89 -13.06 30.35
N VAL C 194 -3.73 -13.50 29.12
CA VAL C 194 -4.90 -13.91 28.34
C VAL C 194 -5.20 -15.36 28.70
N THR C 195 -6.40 -15.61 29.23
CA THR C 195 -6.78 -16.97 29.60
C THR C 195 -7.81 -17.58 28.65
N ALA C 196 -8.34 -16.79 27.70
CA ALA C 196 -9.27 -17.29 26.69
C ALA C 196 -9.11 -16.48 25.42
N LEU C 197 -9.05 -17.18 24.28
CA LEU C 197 -9.05 -16.60 22.96
C LEU C 197 -10.25 -17.16 22.20
N VAL C 198 -11.15 -16.29 21.76
CA VAL C 198 -12.37 -16.72 21.09
C VAL C 198 -12.63 -15.85 19.87
N ASN C 199 -13.23 -16.45 18.85
CA ASN C 199 -13.76 -15.67 17.75
C ASN C 199 -14.98 -14.89 18.21
N ASP C 200 -15.29 -13.81 17.50
CA ASP C 200 -16.39 -12.95 17.94
C ASP C 200 -17.73 -13.67 17.82
N THR C 201 -17.83 -14.62 16.90
CA THR C 201 -19.04 -15.44 16.87
C THR C 201 -19.13 -16.29 18.12
N VAL C 202 -18.01 -16.91 18.53
CA VAL C 202 -17.98 -17.75 19.72
C VAL C 202 -18.24 -16.91 20.97
N GLY C 203 -17.66 -15.72 21.04
CA GLY C 203 -17.89 -14.87 22.21
C GLY C 203 -19.34 -14.44 22.37
N THR C 204 -19.97 -14.02 21.26
CA THR C 204 -21.38 -13.67 21.30
C THR C 204 -22.23 -14.85 21.72
N LEU C 205 -21.89 -16.05 21.26
CA LEU C 205 -22.64 -17.22 21.69
C LEU C 205 -22.51 -17.43 23.19
N ALA C 206 -21.30 -17.25 23.73
CA ALA C 206 -21.10 -17.36 25.16
C ALA C 206 -21.88 -16.30 25.92
N GLY C 207 -21.71 -15.03 25.55
CA GLY C 207 -22.46 -13.97 26.17
C GLY C 207 -23.96 -14.12 26.00
N GLY C 208 -24.38 -14.75 24.90
CA GLY C 208 -25.79 -15.02 24.70
C GLY C 208 -26.35 -16.02 25.68
N ARG C 209 -25.65 -17.15 25.87
CA ARG C 209 -26.12 -18.17 26.79
C ARG C 209 -26.09 -17.71 28.24
N TYR C 210 -25.26 -16.72 28.56
CA TYR C 210 -25.18 -16.23 29.92
C TYR C 210 -26.50 -15.62 30.39
N VAL C 211 -27.31 -15.11 29.46
CA VAL C 211 -28.58 -14.49 29.81
C VAL C 211 -29.77 -15.25 29.26
N ASP C 212 -29.54 -16.36 28.59
CA ASP C 212 -30.56 -17.24 28.06
C ASP C 212 -29.81 -18.53 28.05
N ASN C 213 -30.50 -19.64 28.08
CA ASN C 213 -29.85 -20.92 28.12
C ASN C 213 -30.12 -21.71 26.89
N ASP C 214 -31.08 -21.24 26.13
CA ASP C 214 -31.47 -21.89 24.93
C ASP C 214 -30.72 -21.33 23.76
N VAL C 215 -29.76 -20.45 24.01
CA VAL C 215 -28.96 -19.94 22.90
C VAL C 215 -28.10 -21.06 22.34
N ALA C 216 -28.35 -21.47 21.10
CA ALA C 216 -27.62 -22.56 20.46
C ALA C 216 -26.67 -22.11 19.37
N ALA C 217 -26.81 -20.89 18.86
CA ALA C 217 -25.96 -20.41 17.79
C ALA C 217 -25.86 -18.90 17.90
N ALA C 218 -24.83 -18.35 17.25
CA ALA C 218 -24.63 -16.92 17.20
C ALA C 218 -24.27 -16.52 15.78
N VAL C 219 -24.95 -15.50 15.26
CA VAL C 219 -24.71 -15.00 13.91
C VAL C 219 -24.26 -13.55 14.02
N ILE C 220 -23.20 -13.21 13.33
CA ILE C 220 -22.67 -11.85 13.30
C ILE C 220 -22.99 -11.25 11.94
N LEU C 221 -23.55 -10.04 11.94
CA LEU C 221 -23.82 -9.31 10.70
C LEU C 221 -23.38 -7.87 10.94
N GLY C 222 -22.10 -7.63 10.73
CA GLY C 222 -21.53 -6.30 10.87
C GLY C 222 -20.70 -5.93 9.68
N THR C 223 -19.45 -5.49 9.91
CA THR C 223 -18.56 -5.26 8.78
C THR C 223 -18.35 -6.53 7.99
N GLY C 224 -18.30 -7.67 8.66
CA GLY C 224 -18.29 -8.97 8.03
C GLY C 224 -19.47 -9.79 8.50
N THR C 225 -19.51 -11.04 8.05
CA THR C 225 -20.54 -11.95 8.56
C THR C 225 -19.91 -13.29 8.85
N ASN C 226 -20.42 -13.96 9.89
CA ASN C 226 -19.90 -15.25 10.34
C ASN C 226 -20.86 -15.81 11.37
N ALA C 227 -20.65 -17.08 11.74
CA ALA C 227 -21.56 -17.77 12.63
C ALA C 227 -20.86 -18.87 13.39
N ALA C 228 -21.33 -19.09 14.63
CA ALA C 228 -20.88 -20.18 15.48
C ALA C 228 -22.09 -20.91 16.05
N TYR C 229 -21.91 -22.18 16.37
CA TYR C 229 -22.98 -22.98 16.97
C TYR C 229 -22.37 -24.07 17.82
N VAL C 230 -23.22 -24.72 18.62
CA VAL C 230 -22.80 -25.81 19.47
C VAL C 230 -23.02 -27.11 18.72
N GLU C 231 -21.95 -27.89 18.57
CA GLU C 231 -21.98 -29.11 17.80
C GLU C 231 -21.67 -30.29 18.70
N HIS C 232 -22.18 -31.47 18.33
CA HIS C 232 -21.87 -32.69 19.06
C HIS C 232 -20.48 -33.14 18.71
N ALA C 233 -19.62 -33.29 19.72
CA ALA C 233 -18.22 -33.63 19.48
C ALA C 233 -18.09 -34.98 18.77
N ASN C 234 -19.09 -35.84 18.88
CA ASN C 234 -19.07 -37.11 18.20
C ASN C 234 -19.48 -37.01 16.74
N ALA C 235 -19.92 -35.84 16.30
CA ALA C 235 -20.18 -35.56 14.89
C ALA C 235 -19.06 -34.78 14.23
N ILE C 236 -17.90 -34.70 14.88
CA ILE C 236 -16.74 -33.99 14.35
C ILE C 236 -15.65 -35.01 14.02
N PRO C 237 -15.61 -35.53 12.79
CA PRO C 237 -14.64 -36.59 12.47
C PRO C 237 -13.20 -36.19 12.63
N LYS C 238 -12.86 -34.90 12.50
CA LYS C 238 -11.47 -34.49 12.56
C LYS C 238 -10.95 -34.32 13.98
N TRP C 239 -11.81 -34.46 14.99
CA TRP C 239 -11.33 -34.38 16.35
C TRP C 239 -10.60 -35.66 16.69
N THR C 240 -9.45 -35.52 17.30
CA THR C 240 -8.61 -36.62 17.59
C THR C 240 -8.26 -36.80 19.05
N GLY C 241 -8.76 -35.93 19.90
CA GLY C 241 -8.49 -36.02 21.31
C GLY C 241 -9.51 -36.81 22.08
N LEU C 242 -9.55 -36.65 23.38
CA LEU C 242 -10.50 -37.34 24.21
C LEU C 242 -11.83 -36.66 24.05
N LEU C 243 -12.92 -37.35 24.29
CA LEU C 243 -14.25 -36.78 24.13
C LEU C 243 -14.66 -35.83 25.23
N PRO C 244 -15.24 -34.63 24.85
CA PRO C 244 -15.56 -33.70 25.96
C PRO C 244 -16.52 -34.24 26.96
N ARG C 245 -16.44 -33.71 28.15
CA ARG C 245 -17.26 -34.23 29.17
C ARG C 245 -18.60 -33.79 28.79
N SER C 246 -18.65 -32.55 28.38
CA SER C 246 -20.02 -32.19 28.03
C SER C 246 -20.49 -32.77 26.71
N GLY C 247 -19.68 -33.46 25.97
CA GLY C 247 -20.07 -33.98 24.69
C GLY C 247 -20.26 -32.96 23.62
N ASN C 248 -19.88 -31.73 23.89
CA ASN C 248 -20.04 -30.69 22.91
C ASN C 248 -18.84 -29.86 22.53
N MET C 249 -18.97 -29.16 21.45
CA MET C 249 -17.93 -28.31 20.97
C MET C 249 -18.51 -27.15 20.24
N VAL C 250 -18.14 -25.95 20.63
CA VAL C 250 -18.54 -24.78 19.85
C VAL C 250 -17.67 -24.70 18.61
N ILE C 251 -18.30 -24.55 17.45
CA ILE C 251 -17.60 -24.49 16.18
C ILE C 251 -17.71 -23.07 15.62
N ASN C 252 -16.57 -22.52 15.19
CA ASN C 252 -16.53 -21.27 14.44
C ASN C 252 -16.59 -21.64 12.96
N MET C 253 -17.76 -21.46 12.35
CA MET C 253 -17.97 -21.92 10.97
C MET C 253 -17.04 -21.21 9.99
N GLU C 254 -16.84 -19.90 10.18
CA GLU C 254 -16.20 -19.03 9.19
C GLU C 254 -16.95 -19.12 7.86
N TRP C 255 -18.24 -18.80 7.90
CA TRP C 255 -19.10 -19.07 6.76
C TRP C 255 -19.05 -17.98 5.71
N GLY C 256 -18.36 -16.87 5.98
CA GLY C 256 -18.16 -15.87 4.94
C GLY C 256 -17.46 -16.45 3.73
N ASN C 257 -16.62 -17.47 3.93
CA ASN C 257 -15.90 -18.16 2.87
C ASN C 257 -16.74 -19.20 2.17
N PHE C 258 -18.00 -19.36 2.55
CA PHE C 258 -18.91 -20.24 1.84
C PHE C 258 -18.95 -19.83 0.37
N LYS C 259 -19.04 -20.79 -0.50
CA LYS C 259 -19.23 -20.54 -1.90
C LYS C 259 -19.96 -21.74 -2.42
N SER C 260 -20.82 -21.48 -3.39
CA SER C 260 -21.63 -22.48 -4.05
C SER C 260 -22.03 -22.11 -5.45
N GLU C 261 -22.28 -23.09 -6.28
CA GLU C 261 -22.72 -22.84 -7.63
C GLU C 261 -24.12 -22.27 -7.61
N ARG C 262 -24.82 -22.43 -6.52
CA ARG C 262 -26.14 -21.94 -6.35
C ARG C 262 -26.24 -20.54 -5.87
N LEU C 263 -25.14 -19.93 -5.56
CA LEU C 263 -25.17 -18.55 -5.09
C LEU C 263 -25.47 -17.62 -6.25
N PRO C 264 -26.53 -16.82 -6.17
CA PRO C 264 -26.90 -15.93 -7.27
C PRO C 264 -25.95 -14.75 -7.40
N ARG C 265 -24.87 -14.93 -8.14
CA ARG C 265 -23.89 -13.92 -8.33
C ARG C 265 -23.95 -13.27 -9.67
N SER C 266 -23.35 -12.11 -9.78
CA SER C 266 -23.40 -11.31 -11.00
C SER C 266 -22.00 -10.78 -11.31
N ASP C 267 -21.90 -10.06 -12.43
CA ASP C 267 -20.66 -9.41 -12.80
C ASP C 267 -20.24 -8.38 -11.78
N TYR C 268 -21.19 -7.68 -11.16
CA TYR C 268 -20.83 -6.73 -10.12
C TYR C 268 -20.10 -7.42 -8.98
N ASP C 269 -20.50 -8.65 -8.65
CA ASP C 269 -19.85 -9.41 -7.61
C ASP C 269 -18.47 -9.90 -8.05
N ASN C 270 -18.33 -10.30 -9.31
CA ASN C 270 -17.03 -10.69 -9.84
C ASN C 270 -16.05 -9.53 -9.82
N ALA C 271 -16.50 -8.34 -10.24
CA ALA C 271 -15.63 -7.17 -10.26
C ALA C 271 -15.20 -6.77 -8.86
N LEU C 272 -16.15 -6.75 -7.92
CA LEU C 272 -15.83 -6.41 -6.53
C LEU C 272 -14.76 -7.36 -5.97
N ASP C 273 -14.95 -8.66 -6.19
CA ASP C 273 -13.97 -9.64 -5.72
C ASP C 273 -12.64 -9.47 -6.44
N PHE C 274 -12.67 -9.20 -7.74
CA PHE C 274 -11.44 -9.06 -8.53
C PHE C 274 -10.60 -7.90 -8.02
N GLU C 275 -11.22 -6.79 -7.65
CA GLU C 275 -10.51 -5.63 -7.13
C GLU C 275 -10.43 -5.62 -5.61
N SER C 276 -10.67 -6.74 -4.95
CA SER C 276 -10.75 -6.73 -3.50
C SER C 276 -9.41 -7.03 -2.85
N LEU C 277 -9.35 -6.80 -1.54
CA LEU C 277 -8.15 -6.98 -0.74
C LEU C 277 -7.82 -8.44 -0.52
N ASN C 278 -8.79 -9.33 -0.74
CA ASN C 278 -8.61 -10.77 -0.57
C ASN C 278 -9.32 -11.49 -1.71
N PRO C 279 -8.77 -11.39 -2.92
CA PRO C 279 -9.50 -11.91 -4.09
C PRO C 279 -9.70 -13.42 -4.02
N GLY C 280 -10.91 -13.85 -4.34
CA GLY C 280 -11.28 -15.24 -4.29
C GLY C 280 -11.79 -15.71 -2.95
N GLU C 281 -11.55 -14.94 -1.89
CA GLU C 281 -11.92 -15.32 -0.54
C GLU C 281 -13.23 -14.63 -0.14
N GLN C 282 -13.94 -15.25 0.79
CA GLN C 282 -15.12 -14.64 1.42
C GLN C 282 -16.21 -14.31 0.40
N ILE C 283 -16.46 -15.24 -0.51
CA ILE C 283 -17.45 -14.99 -1.57
C ILE C 283 -18.82 -14.71 -0.97
N TYR C 284 -19.27 -15.56 -0.06
CA TYR C 284 -20.57 -15.41 0.58
C TYR C 284 -20.67 -14.09 1.33
N GLU C 285 -19.61 -13.76 2.08
CA GLU C 285 -19.60 -12.52 2.85
C GLU C 285 -19.74 -11.30 1.95
N LYS C 286 -19.15 -11.36 0.77
CA LYS C 286 -19.16 -10.22 -0.16
C LYS C 286 -20.52 -9.98 -0.83
N MET C 287 -21.54 -10.76 -0.44
CA MET C 287 -22.92 -10.51 -0.82
C MET C 287 -23.79 -10.11 0.36
N ILE C 288 -23.30 -10.26 1.60
CA ILE C 288 -24.10 -10.09 2.81
C ILE C 288 -23.65 -8.89 3.62
N SER C 289 -22.35 -8.75 3.80
CA SER C 289 -21.75 -8.03 4.90
C SER C 289 -21.82 -6.52 4.69
N GLY C 290 -21.63 -5.79 5.80
CA GLY C 290 -21.72 -4.35 5.76
C GLY C 290 -20.62 -3.67 4.96
N MET C 291 -19.45 -4.27 4.90
CA MET C 291 -18.35 -3.66 4.14
C MET C 291 -18.65 -3.61 2.64
N TYR C 292 -19.51 -4.50 2.14
CA TYR C 292 -19.65 -4.69 0.71
C TYR C 292 -21.00 -4.26 0.12
N LEU C 293 -22.05 -4.12 0.92
CA LEU C 293 -23.38 -3.84 0.39
C LEU C 293 -23.42 -2.52 -0.37
N GLY C 294 -23.00 -1.44 0.28
CA GLY C 294 -22.95 -0.15 -0.39
C GLY C 294 -22.08 -0.19 -1.63
N GLU C 295 -21.01 -0.98 -1.60
CA GLU C 295 -20.13 -1.09 -2.76
C GLU C 295 -20.83 -1.77 -3.94
N ILE C 296 -21.68 -2.77 -3.68
CA ILE C 296 -22.45 -3.39 -4.76
C ILE C 296 -23.42 -2.38 -5.36
N VAL C 297 -24.08 -1.59 -4.51
CA VAL C 297 -24.99 -0.57 -5.00
C VAL C 297 -24.24 0.43 -5.88
N ARG C 298 -23.06 0.86 -5.45
CA ARG C 298 -22.29 1.81 -6.22
C ARG C 298 -21.98 1.28 -7.61
N ARG C 299 -21.61 0.01 -7.71
CA ARG C 299 -21.24 -0.54 -9.00
C ARG C 299 -22.43 -0.66 -9.93
N ILE C 300 -23.62 -0.88 -9.37
CA ILE C 300 -24.84 -0.91 -10.16
C ILE C 300 -25.25 0.48 -10.58
N LEU C 301 -25.20 1.44 -9.65
CA LEU C 301 -25.47 2.83 -10.02
C LEU C 301 -24.47 3.33 -11.05
N LEU C 302 -23.23 2.83 -11.00
CA LEU C 302 -22.23 3.25 -11.97
C LEU C 302 -22.56 2.73 -13.36
N LYS C 303 -23.00 1.47 -13.45
CA LYS C 303 -23.44 0.95 -14.73
C LYS C 303 -24.60 1.76 -15.29
N LEU C 304 -25.58 2.10 -14.44
CA LEU C 304 -26.68 2.95 -14.85
C LEU C 304 -26.19 4.34 -15.25
N ALA C 305 -25.31 4.93 -14.46
CA ALA C 305 -24.83 6.28 -14.73
C ALA C 305 -24.15 6.37 -16.08
N HIS C 306 -23.56 5.28 -16.55
CA HIS C 306 -22.78 5.26 -17.78
C HIS C 306 -23.63 4.86 -18.98
N ASP C 307 -24.44 3.81 -18.83
CA ASP C 307 -25.25 3.28 -19.93
C ASP C 307 -26.59 3.99 -20.10
N ALA C 308 -26.98 4.85 -19.15
CA ALA C 308 -28.29 5.47 -19.24
C ALA C 308 -28.29 6.92 -18.79
N SER C 309 -27.11 7.52 -18.57
CA SER C 309 -27.00 8.91 -18.17
C SER C 309 -27.89 9.22 -16.96
N LEU C 310 -27.94 8.27 -16.02
CA LEU C 310 -28.87 8.37 -14.90
C LEU C 310 -28.61 9.62 -14.06
N PHE C 311 -27.37 10.06 -13.96
CA PHE C 311 -27.00 11.21 -13.15
C PHE C 311 -26.44 12.33 -14.01
N GLY C 312 -26.90 12.45 -15.24
CA GLY C 312 -26.38 13.44 -16.16
C GLY C 312 -25.64 12.79 -17.32
N ASP C 313 -25.18 13.61 -18.22
CA ASP C 313 -24.49 13.12 -19.39
C ASP C 313 -23.06 12.76 -19.11
N VAL C 314 -22.49 13.27 -18.04
CA VAL C 314 -21.17 12.82 -17.73
C VAL C 314 -21.31 12.10 -16.45
N VAL C 315 -20.66 10.98 -16.33
CA VAL C 315 -20.70 10.17 -15.11
C VAL C 315 -20.01 10.94 -13.99
N PRO C 316 -20.65 11.13 -12.84
CA PRO C 316 -20.01 11.88 -11.75
C PRO C 316 -18.75 11.18 -11.30
N THR C 317 -17.66 11.96 -11.20
CA THR C 317 -16.36 11.43 -10.83
C THR C 317 -16.42 10.62 -9.54
N LYS C 318 -17.03 11.18 -8.51
CA LYS C 318 -17.05 10.55 -7.19
C LYS C 318 -17.65 9.14 -7.27
N LEU C 319 -18.59 8.92 -8.18
CA LEU C 319 -19.23 7.61 -8.28
C LEU C 319 -18.26 6.53 -8.76
N GLU C 320 -17.14 6.89 -9.35
CA GLU C 320 -16.18 5.92 -9.80
C GLU C 320 -15.16 5.53 -8.77
N GLN C 321 -15.15 6.20 -7.63
CA GLN C 321 -14.23 5.92 -6.52
C GLN C 321 -14.73 4.73 -5.72
N ARG C 322 -13.89 3.72 -5.55
CA ARG C 322 -14.32 2.52 -4.84
C ARG C 322 -14.63 2.82 -3.38
N PHE C 323 -15.70 2.20 -2.88
CA PHE C 323 -16.17 2.32 -1.50
C PHE C 323 -16.60 3.74 -1.13
N ILE C 324 -16.93 4.58 -2.11
CA ILE C 324 -17.42 5.91 -1.77
C ILE C 324 -18.84 5.85 -1.21
N LEU C 325 -19.59 4.81 -1.52
CA LEU C 325 -20.97 4.67 -1.06
C LEU C 325 -20.97 3.62 0.05
N ARG C 326 -20.99 4.08 1.28
CA ARG C 326 -20.98 3.18 2.37
C ARG C 326 -22.30 2.58 2.63
N THR C 327 -22.34 1.53 3.40
CA THR C 327 -23.61 0.87 3.66
C THR C 327 -24.52 1.69 4.58
N PRO C 328 -24.01 2.39 5.60
CA PRO C 328 -24.91 3.30 6.33
C PRO C 328 -25.54 4.37 5.46
N ASP C 329 -24.83 4.86 4.44
CA ASP C 329 -25.45 5.76 3.48
C ASP C 329 -26.53 5.05 2.67
N MET C 330 -26.24 3.82 2.22
CA MET C 330 -27.25 2.99 1.57
C MET C 330 -28.49 2.82 2.44
N SER C 331 -28.29 2.51 3.73
CA SER C 331 -29.41 2.35 4.65
C SER C 331 -30.20 3.65 4.80
N ALA C 332 -29.52 4.80 4.87
CA ALA C 332 -30.22 6.07 5.00
C ALA C 332 -31.13 6.31 3.81
N MET C 333 -30.61 6.11 2.60
CA MET C 333 -31.42 6.26 1.40
C MET C 333 -32.57 5.25 1.39
N HIS C 334 -32.31 4.02 1.80
CA HIS C 334 -33.31 2.97 1.67
C HIS C 334 -34.53 3.25 2.52
N HIS C 335 -34.35 3.92 3.65
CA HIS C 335 -35.45 4.17 4.58
C HIS C 335 -36.12 5.50 4.33
N ASP C 336 -35.81 6.18 3.23
CA ASP C 336 -36.52 7.40 2.88
C ASP C 336 -37.93 7.04 2.43
N THR C 337 -38.88 7.80 2.93
CA THR C 337 -40.28 7.61 2.72
C THR C 337 -40.98 8.78 2.10
N SER C 338 -40.30 9.91 2.07
CA SER C 338 -40.91 11.14 1.58
C SER C 338 -41.29 10.99 0.12
N HIS C 339 -42.37 11.67 -0.27
CA HIS C 339 -42.97 11.48 -1.60
C HIS C 339 -41.98 11.78 -2.72
N ASP C 340 -41.08 12.73 -2.51
CA ASP C 340 -40.10 13.13 -3.50
C ASP C 340 -38.71 12.58 -3.20
N LEU C 341 -38.60 11.72 -2.19
CA LEU C 341 -37.33 11.11 -1.80
C LEU C 341 -36.25 12.18 -1.61
N LYS C 342 -36.58 13.22 -0.88
CA LYS C 342 -35.68 14.34 -0.65
C LYS C 342 -34.52 14.06 0.24
N HIS C 343 -34.61 13.02 1.02
CA HIS C 343 -33.48 12.64 1.85
C HIS C 343 -32.55 11.65 1.17
N LEU C 344 -33.11 10.73 0.38
CA LEU C 344 -32.27 9.95 -0.52
C LEU C 344 -31.53 10.88 -1.48
N GLY C 345 -32.23 11.88 -2.01
CA GLY C 345 -31.60 12.77 -2.97
C GLY C 345 -30.54 13.64 -2.32
N ALA C 346 -30.78 14.07 -1.09
CA ALA C 346 -29.77 14.87 -0.38
C ALA C 346 -28.52 14.05 -0.11
N LYS C 347 -28.70 12.76 0.16
CA LYS C 347 -27.56 11.88 0.38
C LYS C 347 -26.81 11.64 -0.92
N LEU C 348 -27.54 11.47 -2.03
CA LEU C 348 -26.90 11.32 -3.33
C LEU C 348 -26.09 12.56 -3.71
N LYS C 349 -26.50 13.70 -3.26
CA LYS C 349 -25.78 14.88 -3.57
C LYS C 349 -24.42 14.87 -2.95
N ASP C 350 -24.32 14.52 -1.69
CA ASP C 350 -23.03 14.40 -1.02
C ASP C 350 -22.17 13.35 -1.70
N ILE C 351 -22.71 12.15 -1.89
CA ILE C 351 -21.90 11.02 -2.29
C ILE C 351 -21.48 11.13 -3.75
N LEU C 352 -22.34 11.65 -4.61
CA LEU C 352 -22.02 11.74 -6.03
C LEU C 352 -21.34 13.03 -6.41
N GLY C 353 -21.46 14.07 -5.59
CA GLY C 353 -20.96 15.37 -5.99
C GLY C 353 -21.75 16.03 -7.10
N VAL C 354 -23.01 15.72 -7.24
CA VAL C 354 -23.85 16.33 -8.24
C VAL C 354 -24.65 17.44 -7.60
N ALA C 355 -25.28 18.27 -8.39
CA ALA C 355 -26.11 19.35 -7.86
C ALA C 355 -27.55 18.90 -7.61
N ASP C 356 -28.06 17.96 -8.40
CA ASP C 356 -29.47 17.57 -8.31
C ASP C 356 -29.64 16.21 -8.96
N THR C 357 -30.82 15.63 -8.78
CA THR C 357 -31.14 14.30 -9.26
C THR C 357 -32.60 14.21 -9.63
N SER C 358 -32.89 13.49 -10.71
CA SER C 358 -34.26 13.25 -11.14
C SER C 358 -35.04 12.49 -10.08
N LEU C 359 -36.35 12.75 -10.04
CA LEU C 359 -37.22 11.89 -9.24
C LEU C 359 -37.18 10.46 -9.75
N GLU C 360 -37.00 10.26 -11.04
CA GLU C 360 -36.90 8.92 -11.58
C GLU C 360 -35.59 8.30 -11.20
N ALA C 361 -34.52 9.11 -11.19
CA ALA C 361 -33.23 8.61 -10.75
C ALA C 361 -33.25 8.18 -9.28
N ARG C 362 -33.95 8.88 -8.42
CA ARG C 362 -34.03 8.53 -7.03
C ARG C 362 -34.84 7.31 -6.76
N TYR C 363 -35.83 7.01 -7.59
CA TYR C 363 -36.57 5.76 -7.44
C TYR C 363 -35.79 4.58 -7.96
N ILE C 364 -35.03 4.78 -9.04
CA ILE C 364 -34.12 3.72 -9.50
C ILE C 364 -33.07 3.44 -8.44
N THR C 365 -32.49 4.49 -7.86
CA THR C 365 -31.53 4.30 -6.78
C THR C 365 -32.14 3.53 -5.63
N LEU C 366 -33.35 3.93 -5.20
CA LEU C 366 -34.03 3.23 -4.13
C LEU C 366 -34.29 1.78 -4.49
N HIS C 367 -34.59 1.53 -5.77
CA HIS C 367 -34.85 0.16 -6.18
C HIS C 367 -33.59 -0.68 -6.12
N VAL C 368 -32.45 -0.09 -6.49
CA VAL C 368 -31.19 -0.84 -6.45
C VAL C 368 -30.83 -1.19 -5.01
N CYS C 369 -30.96 -0.22 -4.10
CA CYS C 369 -30.79 -0.49 -2.68
C CYS C 369 -31.66 -1.66 -2.24
N ASP C 370 -32.91 -1.69 -2.71
CA ASP C 370 -33.82 -2.76 -2.35
C ASP C 370 -33.31 -4.10 -2.85
N LEU C 371 -32.91 -4.15 -4.11
CA LEU C 371 -32.46 -5.41 -4.70
C LEU C 371 -31.20 -5.94 -4.01
N VAL C 372 -30.28 -5.04 -3.68
CA VAL C 372 -29.03 -5.47 -3.06
C VAL C 372 -29.27 -5.93 -1.62
N ALA C 373 -29.99 -5.12 -0.84
CA ALA C 373 -30.25 -5.50 0.55
C ALA C 373 -31.07 -6.77 0.64
N GLU C 374 -32.02 -6.98 -0.28
CA GLU C 374 -32.88 -8.16 -0.22
C GLU C 374 -32.06 -9.43 -0.44
N ARG C 375 -31.22 -9.47 -1.47
CA ARG C 375 -30.44 -10.68 -1.73
C ARG C 375 -29.51 -11.00 -0.56
N GLY C 376 -28.89 -9.98 0.03
CA GLY C 376 -28.04 -10.22 1.19
C GLY C 376 -28.82 -10.76 2.37
N ALA C 377 -29.98 -10.18 2.66
CA ALA C 377 -30.77 -10.64 3.80
C ALA C 377 -31.38 -12.00 3.55
N ARG C 378 -31.80 -12.28 2.32
CA ARG C 378 -32.37 -13.60 2.05
C ARG C 378 -31.30 -14.68 2.10
N LEU C 379 -30.11 -14.39 1.54
CA LEU C 379 -29.02 -15.37 1.59
C LEU C 379 -28.54 -15.60 3.02
N ALA C 380 -28.51 -14.55 3.83
CA ALA C 380 -28.16 -14.74 5.23
C ALA C 380 -29.19 -15.59 5.94
N ALA C 381 -30.48 -15.41 5.61
CA ALA C 381 -31.53 -16.22 6.21
C ALA C 381 -31.37 -17.69 5.82
N ALA C 382 -31.00 -17.94 4.57
CA ALA C 382 -30.77 -19.32 4.15
C ALA C 382 -29.62 -19.94 4.92
N GLY C 383 -28.64 -19.15 5.33
CA GLY C 383 -27.54 -19.69 6.12
C GLY C 383 -27.96 -20.08 7.52
N ILE C 384 -28.70 -19.19 8.20
CA ILE C 384 -29.23 -19.51 9.52
C ILE C 384 -30.09 -20.76 9.44
N TYR C 385 -30.93 -20.85 8.41
CA TYR C 385 -31.74 -22.05 8.21
C TYR C 385 -30.86 -23.27 8.09
N GLY C 386 -29.74 -23.14 7.37
CA GLY C 386 -28.80 -24.26 7.28
C GLY C 386 -28.25 -24.69 8.63
N ILE C 387 -27.96 -23.71 9.50
CA ILE C 387 -27.52 -24.04 10.85
C ILE C 387 -28.60 -24.83 11.58
N LEU C 388 -29.83 -24.34 11.51
CA LEU C 388 -30.95 -25.01 12.17
C LEU C 388 -31.11 -26.44 11.67
N LYS C 389 -30.92 -26.66 10.37
CA LYS C 389 -30.99 -28.00 9.83
C LYS C 389 -29.89 -28.89 10.39
N LYS C 390 -28.72 -28.30 10.65
CA LYS C 390 -27.62 -29.08 11.22
C LYS C 390 -27.92 -29.53 12.63
N LEU C 391 -28.50 -28.65 13.45
CA LEU C 391 -28.96 -28.97 14.80
C LEU C 391 -30.32 -29.67 14.82
N GLY C 392 -30.87 -30.03 13.67
CA GLY C 392 -32.17 -30.69 13.62
C GLY C 392 -33.30 -29.91 14.23
N ARG C 393 -33.24 -28.62 14.08
CA ARG C 393 -34.27 -27.80 14.60
C ARG C 393 -35.06 -27.11 13.56
N ASP C 394 -34.95 -27.59 12.35
CA ASP C 394 -35.66 -27.05 11.25
C ASP C 394 -37.00 -27.72 11.10
N ARG C 395 -37.15 -28.81 11.81
CA ARG C 395 -38.35 -29.55 11.72
C ARG C 395 -38.90 -29.78 13.08
N VAL C 396 -40.17 -29.46 13.25
CA VAL C 396 -40.82 -29.65 14.51
C VAL C 396 -40.79 -31.13 14.70
N PRO C 397 -40.65 -31.59 16.00
CA PRO C 397 -40.65 -33.05 16.09
C PRO C 397 -42.05 -33.53 15.84
N SER C 398 -42.20 -34.45 14.91
CA SER C 398 -43.50 -35.00 14.58
C SER C 398 -43.34 -36.47 14.84
N ASP C 399 -42.59 -36.82 15.87
CA ASP C 399 -42.32 -38.22 16.17
C ASP C 399 -43.02 -38.80 17.38
N GLY C 400 -43.18 -38.05 18.47
CA GLY C 400 -42.75 -36.66 18.63
C GLY C 400 -43.74 -35.81 19.43
N SER C 401 -43.36 -35.21 20.58
CA SER C 401 -42.06 -35.24 21.27
C SER C 401 -41.91 -33.89 21.96
N GLN C 402 -40.68 -33.47 22.27
CA GLN C 402 -40.47 -32.18 22.93
C GLN C 402 -39.98 -31.16 21.92
N LYS C 403 -40.69 -30.04 21.77
CA LYS C 403 -40.28 -29.01 20.80
C LYS C 403 -39.36 -27.98 21.42
N GLN C 404 -38.06 -28.23 21.40
CA GLN C 404 -37.13 -27.28 22.00
C GLN C 404 -37.22 -25.83 21.60
N ARG C 405 -36.93 -24.94 22.53
CA ARG C 405 -36.94 -23.54 22.22
C ARG C 405 -35.58 -23.37 21.71
N THR C 406 -35.43 -22.73 20.57
CA THR C 406 -34.09 -22.51 20.07
C THR C 406 -33.86 -21.01 19.89
N VAL C 407 -32.82 -20.48 20.55
CA VAL C 407 -32.51 -19.06 20.47
C VAL C 407 -31.25 -18.87 19.65
N ILE C 408 -31.25 -17.88 18.76
CA ILE C 408 -30.08 -17.53 17.96
C ILE C 408 -29.70 -16.08 18.26
N ALA C 409 -28.50 -15.90 18.80
CA ALA C 409 -28.02 -14.57 19.17
C ALA C 409 -27.46 -13.86 17.94
N LEU C 410 -27.88 -12.60 17.75
CA LEU C 410 -27.42 -11.84 16.60
C LEU C 410 -26.71 -10.57 17.07
N ASP C 411 -25.66 -10.22 16.33
CA ASP C 411 -24.76 -9.13 16.71
C ASP C 411 -24.20 -8.52 15.43
N GLY C 412 -23.91 -7.23 15.48
CA GLY C 412 -23.35 -6.53 14.35
C GLY C 412 -24.15 -5.29 13.97
N GLY C 413 -23.45 -4.29 13.44
CA GLY C 413 -24.11 -3.05 13.07
C GLY C 413 -25.07 -3.18 11.91
N LEU C 414 -24.77 -4.07 10.95
CA LEU C 414 -25.72 -4.35 9.88
C LEU C 414 -27.08 -4.72 10.45
N TYR C 415 -27.13 -5.81 11.23
CA TYR C 415 -28.40 -6.30 11.76
C TYR C 415 -29.04 -5.28 12.69
N GLU C 416 -28.26 -4.62 13.47
CA GLU C 416 -28.76 -3.72 14.42
C GLU C 416 -29.28 -2.39 13.96
N HIS C 417 -28.76 -1.89 12.86
CA HIS C 417 -29.10 -0.56 12.40
C HIS C 417 -29.70 -0.52 11.01
N TYR C 418 -29.76 -1.65 10.31
CA TYR C 418 -30.35 -1.66 8.98
C TYR C 418 -31.72 -2.30 9.13
N LYS C 419 -32.73 -1.53 9.46
CA LYS C 419 -34.05 -2.09 9.71
C LYS C 419 -34.61 -2.94 8.63
N LYS C 420 -34.67 -2.40 7.45
CA LYS C 420 -35.23 -3.20 6.36
C LYS C 420 -34.49 -4.52 6.19
N PHE C 421 -33.17 -4.49 6.38
CA PHE C 421 -32.38 -5.72 6.29
C PHE C 421 -32.80 -6.70 7.38
N ARG C 422 -32.97 -6.20 8.61
CA ARG C 422 -33.34 -7.05 9.72
C ARG C 422 -34.70 -7.73 9.47
N THR C 423 -35.72 -6.93 9.13
CA THR C 423 -37.06 -7.52 8.97
C THR C 423 -37.13 -8.44 7.75
N CYS C 424 -36.35 -8.19 6.69
CA CYS C 424 -36.33 -9.13 5.58
C CYS C 424 -35.61 -10.41 5.97
N LEU C 425 -34.57 -10.29 6.78
CA LEU C 425 -33.89 -11.46 7.33
C LEU C 425 -34.86 -12.33 8.12
N GLU C 426 -35.55 -11.75 9.05
CA GLU C 426 -36.47 -12.43 9.91
C GLU C 426 -37.68 -13.03 9.20
N ALA C 427 -38.24 -12.31 8.25
CA ALA C 427 -39.38 -12.78 7.46
C ALA C 427 -39.01 -14.00 6.63
N THR C 428 -37.86 -13.96 5.96
CA THR C 428 -37.45 -15.08 5.13
C THR C 428 -37.13 -16.32 5.98
N LEU C 429 -36.46 -16.12 7.13
CA LEU C 429 -36.22 -17.23 8.03
C LEU C 429 -37.54 -17.86 8.49
N ALA C 430 -38.50 -17.02 8.90
CA ALA C 430 -39.83 -17.52 9.22
C ALA C 430 -40.48 -18.22 8.02
N ASP C 431 -40.28 -17.76 6.84
CA ASP C 431 -40.89 -18.46 5.77
C ASP C 431 -40.14 -19.73 5.49
N LEU C 432 -38.83 -19.73 5.55
CA LEU C 432 -38.11 -20.98 5.28
C LEU C 432 -38.55 -22.08 6.22
N LEU C 433 -38.54 -21.81 7.51
CA LEU C 433 -39.21 -22.68 8.46
C LEU C 433 -40.70 -22.71 8.13
N GLY C 434 -41.39 -23.70 8.66
CA GLY C 434 -42.83 -23.66 8.58
C GLY C 434 -43.39 -22.59 9.50
N GLU C 435 -44.69 -22.44 9.47
CA GLU C 435 -45.32 -21.56 10.39
C GLU C 435 -45.28 -22.33 11.71
N GLU C 436 -45.25 -23.63 11.61
CA GLU C 436 -45.18 -24.44 12.80
C GLU C 436 -43.83 -24.41 13.47
N ALA C 437 -42.77 -24.55 12.68
CA ALA C 437 -41.42 -24.58 13.24
C ALA C 437 -40.93 -23.19 13.65
N ALA C 438 -41.30 -22.13 12.92
CA ALA C 438 -40.77 -20.78 13.17
C ALA C 438 -41.11 -20.29 14.57
N SER C 439 -42.23 -20.67 15.13
CA SER C 439 -42.60 -20.21 16.48
C SER C 439 -41.80 -20.85 17.56
N SER C 440 -40.87 -21.66 17.16
CA SER C 440 -39.98 -22.29 18.11
C SER C 440 -38.57 -21.72 18.04
N VAL C 441 -38.31 -20.81 17.10
CA VAL C 441 -37.01 -20.18 16.90
C VAL C 441 -37.10 -18.72 17.30
N VAL C 442 -36.17 -18.26 18.12
CA VAL C 442 -36.15 -16.88 18.59
C VAL C 442 -34.84 -16.24 18.16
N VAL C 443 -34.92 -15.04 17.59
CA VAL C 443 -33.75 -14.28 17.16
C VAL C 443 -33.53 -13.17 18.18
N LYS C 444 -32.61 -13.39 19.10
CA LYS C 444 -32.33 -12.45 20.16
C LYS C 444 -31.16 -11.53 19.86
N LEU C 445 -31.33 -10.24 19.98
CA LEU C 445 -30.27 -9.31 19.76
C LEU C 445 -29.30 -9.35 20.89
N ALA C 446 -28.03 -9.53 20.58
CA ALA C 446 -26.96 -9.55 21.58
C ALA C 446 -25.78 -8.69 21.12
N ASN C 447 -26.05 -7.40 20.92
CA ASN C 447 -25.03 -6.50 20.38
C ASN C 447 -23.80 -6.46 21.28
N ASP C 448 -22.63 -6.58 20.66
CA ASP C 448 -21.34 -6.57 21.37
C ASP C 448 -21.33 -7.59 22.51
N GLY C 449 -21.96 -8.73 22.26
CA GLY C 449 -22.01 -9.77 23.27
C GLY C 449 -20.76 -10.61 23.36
N SER C 450 -19.81 -10.41 22.46
CA SER C 450 -18.54 -11.10 22.58
C SER C 450 -17.62 -10.45 23.60
N GLY C 451 -17.90 -9.21 23.98
CA GLY C 451 -17.14 -8.57 25.06
C GLY C 451 -17.33 -9.28 26.39
N ILE C 452 -18.56 -9.28 26.90
CA ILE C 452 -18.83 -9.99 28.13
C ILE C 452 -18.57 -11.48 27.96
N GLY C 453 -18.91 -12.03 26.79
CA GLY C 453 -18.75 -13.46 26.58
C GLY C 453 -17.31 -13.91 26.70
N ALA C 454 -16.37 -13.09 26.20
CA ALA C 454 -14.97 -13.44 26.34
C ALA C 454 -14.52 -13.32 27.78
N ALA C 455 -15.07 -12.36 28.52
CA ALA C 455 -14.76 -12.25 29.93
C ALA C 455 -15.29 -13.45 30.71
N LEU C 456 -16.48 -13.92 30.36
CA LEU C 456 -17.07 -15.07 31.03
C LEU C 456 -16.25 -16.33 30.80
N LEU C 457 -15.76 -16.50 29.57
CA LEU C 457 -14.94 -17.67 29.27
C LEU C 457 -13.56 -17.54 29.89
N ALA C 458 -13.07 -16.31 30.06
CA ALA C 458 -11.83 -16.12 30.81
C ALA C 458 -12.04 -16.46 32.27
N ALA C 459 -13.24 -16.18 32.79
CA ALA C 459 -13.57 -16.56 34.16
C ALA C 459 -13.51 -18.06 34.36
N SER C 460 -14.25 -18.81 33.56
CA SER C 460 -14.26 -20.26 33.68
C SER C 460 -12.94 -20.92 33.30
N HIS C 461 -11.89 -20.15 32.98
CA HIS C 461 -10.59 -20.71 32.65
C HIS C 461 -9.50 -19.95 33.38
N SER C 462 -9.71 -19.53 34.61
CA SER C 462 -8.65 -18.82 35.36
C SER C 462 -7.54 -19.63 35.97
N GLN C 463 -6.60 -18.91 36.56
CA GLN C 463 -5.44 -19.46 37.20
C GLN C 463 -5.56 -20.09 38.57
N TYR C 464 -6.11 -19.41 39.57
CA TYR C 464 -6.63 -18.08 39.52
C TYR C 464 -5.61 -17.03 39.98
N ALA C 465 -5.59 -15.91 39.26
CA ALA C 465 -4.64 -14.86 39.54
C ALA C 465 -3.27 -15.26 39.04
PB ADP D . 1.43 -9.72 -19.97
O1B ADP D . 2.35 -9.04 -20.94
O2B ADP D . 1.89 -11.07 -19.48
O3B ADP D . 0.87 -8.83 -18.92
PA ADP D . -0.05 -10.27 -22.42
O1A ADP D . 1.29 -10.61 -23.01
O2A ADP D . -1.28 -11.13 -22.63
O3A ADP D . 0.12 -10.16 -20.82
O5' ADP D . -0.45 -8.81 -22.90
C5' ADP D . -1.39 -7.99 -22.25
C4' ADP D . -0.80 -6.60 -22.28
O4' ADP D . -0.71 -6.12 -23.63
C3' ADP D . -1.66 -5.63 -21.48
O3' ADP D . -1.15 -5.41 -20.15
C2' ADP D . -1.62 -4.39 -22.31
O2' ADP D . -0.57 -3.59 -21.75
C1' ADP D . -1.13 -4.78 -23.71
N9 ADP D . -2.31 -4.68 -24.59
C8 ADP D . -3.34 -5.56 -24.64
N7 ADP D . -4.27 -5.19 -25.55
C5 ADP D . -3.84 -4.07 -26.10
C6 ADP D . -4.35 -3.15 -27.12
N6 ADP D . -5.52 -3.41 -27.72
N1 ADP D . -3.62 -2.07 -27.42
C2 ADP D . -2.44 -1.83 -26.82
N3 ADP D . -1.93 -2.61 -25.87
C4 ADP D . -2.55 -3.73 -25.47
P PO4 E . 3.22 -13.97 -21.52
O1 PO4 E . 3.27 -15.08 -22.55
O2 PO4 E . 2.33 -14.39 -20.38
O3 PO4 E . 2.67 -12.71 -22.15
O4 PO4 E . 4.62 -13.69 -21.01
MG MG F . -2.50 -12.55 -23.39
PB ADP G . 13.01 17.44 4.51
O1B ADP G . 14.30 16.73 4.81
O2B ADP G . 12.46 18.23 5.64
O3B ADP G . 11.96 16.61 3.84
PA ADP G . 13.85 20.05 3.72
O1A ADP G . 14.76 20.56 2.64
O2A ADP G . 14.30 20.23 5.13
O3A ADP G . 13.53 18.51 3.43
O5' ADP G . 12.46 20.80 3.58
C5' ADP G . 11.47 20.51 2.59
C4' ADP G . 10.15 20.72 3.29
O4' ADP G . 10.03 22.10 3.62
C3' ADP G . 8.98 20.37 2.40
O3' ADP G . 8.46 19.10 2.75
C2' ADP G . 7.97 21.44 2.71
O2' ADP G . 7.07 20.88 3.68
C1' ADP G . 8.71 22.57 3.37
N9 ADP G . 8.72 23.66 2.39
C8 ADP G . 9.55 23.70 1.34
N7 ADP G . 9.36 24.81 0.60
C5 ADP G . 8.38 25.50 1.18
C6 ADP G . 7.69 26.77 0.88
N6 ADP G . 8.04 27.50 -0.19
N1 ADP G . 6.74 27.16 1.72
C2 ADP G . 6.40 26.44 2.78
N3 ADP G . 6.97 25.27 3.11
C4 ADP G . 7.97 24.76 2.37
P PO4 H . 17.62 17.87 6.76
O1 PO4 H . 17.91 16.50 6.19
O2 PO4 H . 18.90 18.66 6.83
O3 PO4 H . 16.63 18.59 5.86
O4 PO4 H . 17.04 17.72 8.14
MG MG I . 16.26 21.31 1.35
PB ADP J . -17.52 -4.59 13.29
O1B ADP J . -16.66 -3.81 12.36
O2B ADP J . -16.77 -5.23 14.42
O3B ADP J . -18.51 -5.50 12.65
PA ADP J . -19.95 -3.62 14.44
O1A ADP J . -20.32 -5.04 14.71
O2A ADP J . -20.19 -2.59 15.52
O3A ADP J . -18.40 -3.49 14.04
O5' ADP J . -20.75 -3.13 13.17
C5' ADP J . -20.30 -2.04 12.38
C4' ADP J . -20.68 -2.35 10.95
O4' ADP J . -22.09 -2.31 10.86
C3' ADP J . -20.15 -1.32 9.99
O3' ADP J . -19.03 -1.87 9.34
C2' ADP J . -21.29 -1.12 9.01
O2' ADP J . -20.99 -1.91 7.87
C1' ADP J . -22.53 -1.67 9.67
N9 ADP J . -23.43 -0.55 10.04
C8 ADP J . -23.24 0.27 11.09
N7 ADP J . -24.22 1.19 11.17
C5 ADP J . -25.07 0.97 10.15
C6 ADP J . -26.31 1.60 9.68
N6 ADP J . -26.83 2.66 10.32
N1 ADP J . -26.88 1.08 8.60
C2 ADP J . -26.35 0.02 7.96
N3 ADP J . -25.23 -0.60 8.34
C4 ADP J . -24.55 -0.18 9.41
P PO4 K . -18.14 -7.38 17.58
O1 PO4 K . -17.58 -8.65 16.96
O2 PO4 K . -19.08 -7.75 18.71
O3 PO4 K . -18.89 -6.60 16.53
O4 PO4 K . -17.01 -6.55 18.11
MG MG L . -20.80 -1.58 17.21
#